data_6WP9
#
_entry.id   6WP9
#
_cell.length_a   44.435
_cell.length_b   232.525
_cell.length_c   87.652
_cell.angle_alpha   90.000
_cell.angle_beta   92.670
_cell.angle_gamma   90.000
#
_symmetry.space_group_name_H-M   'P 1 21 1'
#
loop_
_entity.id
_entity.type
_entity.pdbx_description
1 polymer AvaR1
2 non-polymer (5S)-5-[(6R)-6-hydroxy-6-methyl-5-oxooctyl]furan-2(5H)-one
3 water water
#
_entity_poly.entity_id   1
_entity_poly.type   'polypeptide(L)'
_entity_poly.pdbx_seq_one_letter_code
;GSENLYFQSGAVARQERAIRTRQTILVAAAEVFDEVGYEAATISDVLKRSGVTKGALYFHFTSKQELAQAVLAEQVASLP
RVPEQELKLQQSLDEALLLAHLLREGTGDPIVQGSVRLTVDQGSPRDHLNRRVPMQAWTEHTQSLFEEARAKGEILPHAD
VEALAKLFVGAFTGVQVLSRIMTGRADLAERVADLYRHLMPSFAMPGILVRLDFSPERGSRVYEAAMKQRESAAASTTDA
ARTLE
;
_entity_poly.pdbx_strand_id   A,B,C,D,E,F,G,H
#
# COMPACT_ATOMS: atom_id res chain seq x y z
N ALA A 18 -47.89 15.60 36.94
CA ALA A 18 -46.96 14.44 37.11
C ALA A 18 -45.64 14.66 36.37
N ILE A 19 -45.71 15.32 35.21
CA ILE A 19 -44.52 15.62 34.39
C ILE A 19 -43.49 16.42 35.16
N ARG A 20 -43.96 17.35 35.99
CA ARG A 20 -43.09 18.16 36.85
C ARG A 20 -42.48 17.35 37.99
N THR A 21 -43.22 16.37 38.50
CA THR A 21 -42.72 15.42 39.50
C THR A 21 -41.60 14.54 38.91
N ARG A 22 -41.78 14.09 37.67
CA ARG A 22 -40.74 13.38 36.90
C ARG A 22 -39.45 14.20 36.78
N GLN A 23 -39.60 15.51 36.57
CA GLN A 23 -38.46 16.43 36.46
C GLN A 23 -37.79 16.70 37.80
N THR A 24 -38.59 16.87 38.85
CA THR A 24 -38.09 17.04 40.22
C THR A 24 -37.22 15.84 40.60
N ILE A 25 -37.72 14.64 40.30
CA ILE A 25 -36.96 13.40 40.52
C ILE A 25 -35.67 13.40 39.67
N LEU A 26 -35.79 13.79 38.40
CA LEU A 26 -34.65 13.79 37.45
C LEU A 26 -33.53 14.71 37.88
N VAL A 27 -33.90 15.89 38.37
CA VAL A 27 -32.98 16.90 38.84
C VAL A 27 -32.24 16.38 40.07
N ALA A 28 -33.00 15.79 41.01
CA ALA A 28 -32.46 15.23 42.23
C ALA A 28 -31.50 14.06 41.96
N ALA A 29 -31.88 13.18 41.04
CA ALA A 29 -31.04 12.02 40.67
C ALA A 29 -29.69 12.46 40.07
N ALA A 30 -29.76 13.40 39.11
CA ALA A 30 -28.57 14.01 38.51
C ALA A 30 -27.61 14.62 39.56
N GLU A 31 -28.14 15.42 40.48
CA GLU A 31 -27.32 16.00 41.56
C GLU A 31 -26.69 14.94 42.48
N VAL A 32 -27.43 13.87 42.75
CA VAL A 32 -26.92 12.76 43.55
C VAL A 32 -25.82 12.02 42.77
N PHE A 33 -26.07 11.74 41.48
CA PHE A 33 -25.05 11.16 40.62
C PHE A 33 -23.80 12.05 40.53
N ASP A 34 -23.98 13.36 40.55
CA ASP A 34 -22.85 14.29 40.51
C ASP A 34 -21.98 14.16 41.77
N GLU A 35 -22.63 14.24 42.93
CA GLU A 35 -21.98 14.21 44.26
C GLU A 35 -21.19 12.93 44.54
N VAL A 36 -21.81 11.78 44.28
CA VAL A 36 -21.27 10.49 44.74
C VAL A 36 -21.02 9.44 43.63
N GLY A 37 -21.39 9.76 42.40
CA GLY A 37 -21.28 8.84 41.28
C GLY A 37 -22.45 7.88 41.21
N TYR A 38 -22.50 7.07 40.16
CA TYR A 38 -23.60 6.12 39.92
C TYR A 38 -23.63 4.94 40.90
N GLU A 39 -22.48 4.30 41.10
CA GLU A 39 -22.39 3.08 41.94
C GLU A 39 -22.79 3.31 43.39
N ALA A 40 -22.23 4.35 44.00
CA ALA A 40 -22.51 4.68 45.40
C ALA A 40 -23.91 5.22 45.65
N ALA A 41 -24.48 5.92 44.67
CA ALA A 41 -25.81 6.56 44.78
C ALA A 41 -26.88 5.54 45.08
N THR A 42 -27.96 5.96 45.76
CA THR A 42 -29.13 5.10 46.02
C THR A 42 -30.47 5.80 45.77
N ILE A 43 -31.51 5.01 45.54
CA ILE A 43 -32.89 5.53 45.49
C ILE A 43 -33.21 6.38 46.72
N SER A 44 -32.75 5.91 47.87
CA SER A 44 -32.93 6.60 49.14
C SER A 44 -32.32 8.01 49.16
N ASP A 45 -31.10 8.14 48.61
CA ASP A 45 -30.50 9.47 48.38
C ASP A 45 -31.42 10.34 47.53
N VAL A 46 -31.91 9.79 46.42
CA VAL A 46 -32.76 10.51 45.47
C VAL A 46 -34.09 10.97 46.10
N LEU A 47 -34.76 10.07 46.81
CA LEU A 47 -36.00 10.40 47.54
C LEU A 47 -35.80 11.50 48.58
N LYS A 48 -34.71 11.38 49.36
CA LYS A 48 -34.31 12.41 50.32
C LYS A 48 -34.11 13.77 49.66
N ARG A 49 -33.43 13.77 48.51
CA ARG A 49 -33.11 15.01 47.79
C ARG A 49 -34.31 15.62 47.05
N SER A 50 -35.11 14.78 46.40
CA SER A 50 -36.28 15.24 45.63
C SER A 50 -37.45 15.64 46.53
N GLY A 51 -37.52 15.02 47.70
CA GLY A 51 -38.64 15.19 48.65
C GLY A 51 -39.98 14.71 48.11
N VAL A 52 -39.95 13.67 47.26
CA VAL A 52 -41.17 13.02 46.75
C VAL A 52 -41.39 11.71 47.52
N THR A 53 -42.62 11.20 47.52
CA THR A 53 -42.94 9.94 48.18
C THR A 53 -42.40 8.75 47.36
N LYS A 54 -42.28 7.60 48.02
CA LYS A 54 -41.91 6.35 47.35
C LYS A 54 -42.82 6.04 46.16
N GLY A 55 -44.12 6.25 46.33
CA GLY A 55 -45.11 6.00 45.28
C GLY A 55 -44.91 6.87 44.04
N ALA A 56 -44.54 8.13 44.26
CA ALA A 56 -44.29 9.08 43.17
C ALA A 56 -43.09 8.66 42.33
N LEU A 57 -42.00 8.26 43.00
CA LEU A 57 -40.77 7.81 42.33
C LEU A 57 -41.02 6.55 41.51
N TYR A 58 -41.68 5.57 42.13
CA TYR A 58 -41.86 4.25 41.52
C TYR A 58 -42.88 4.20 40.40
N PHE A 59 -43.80 5.17 40.38
CA PHE A 59 -44.68 5.38 39.23
C PHE A 59 -43.88 5.73 37.97
N HIS A 60 -42.81 6.53 38.15
CA HIS A 60 -42.01 7.04 37.04
C HIS A 60 -40.76 6.21 36.71
N PHE A 61 -40.13 5.61 37.72
CA PHE A 61 -38.91 4.80 37.53
C PHE A 61 -38.93 3.54 38.37
N THR A 62 -38.45 2.44 37.79
CA THR A 62 -38.38 1.17 38.51
C THR A 62 -37.06 0.96 39.27
N SER A 63 -35.97 1.58 38.80
CA SER A 63 -34.64 1.32 39.31
C SER A 63 -33.70 2.52 39.16
N LYS A 64 -32.60 2.50 39.92
CA LYS A 64 -31.50 3.46 39.79
C LYS A 64 -30.97 3.50 38.34
N GLN A 65 -30.95 2.33 37.71
CA GLN A 65 -30.51 2.15 36.34
C GLN A 65 -31.37 2.94 35.35
N GLU A 66 -32.69 2.79 35.46
CA GLU A 66 -33.64 3.57 34.66
C GLU A 66 -33.53 5.07 34.93
N LEU A 67 -33.28 5.45 36.20
CA LEU A 67 -33.03 6.86 36.55
C LEU A 67 -31.82 7.41 35.79
N ALA A 68 -30.71 6.67 35.86
CA ALA A 68 -29.46 7.05 35.20
C ALA A 68 -29.62 7.21 33.67
N GLN A 69 -30.34 6.27 33.06
CA GLN A 69 -30.60 6.29 31.62
C GLN A 69 -31.40 7.51 31.17
N ALA A 70 -32.33 7.93 32.04
CA ALA A 70 -33.16 9.08 31.76
C ALA A 70 -32.38 10.40 31.91
N VAL A 71 -31.50 10.53 32.91
CA VAL A 71 -30.72 11.78 33.01
C VAL A 71 -29.66 11.87 31.90
N LEU A 72 -29.13 10.72 31.48
CA LEU A 72 -28.30 10.63 30.27
C LEU A 72 -29.06 11.03 29.01
N ALA A 73 -30.28 10.51 28.88
CA ALA A 73 -31.15 10.81 27.74
C ALA A 73 -31.55 12.29 27.64
N GLU A 74 -31.68 12.96 28.78
CA GLU A 74 -32.19 14.34 28.81
C GLU A 74 -31.14 15.43 28.65
N GLN A 75 -29.88 15.01 28.46
CA GLN A 75 -28.73 15.93 28.44
C GLN A 75 -28.83 17.10 27.44
N VAL A 76 -29.04 16.77 26.17
CA VAL A 76 -29.09 17.75 25.08
C VAL A 76 -30.35 18.64 25.23
N ALA A 77 -31.47 18.00 25.55
CA ALA A 77 -32.76 18.67 25.68
C ALA A 77 -32.78 19.62 26.87
N SER A 78 -31.93 19.36 27.87
CA SER A 78 -31.85 20.18 29.08
C SER A 78 -31.22 21.56 28.82
N LEU A 79 -30.43 21.64 27.75
CA LEU A 79 -29.71 22.85 27.37
C LEU A 79 -30.71 23.89 26.86
N PRO A 80 -30.84 25.05 27.56
CA PRO A 80 -31.76 26.11 27.14
C PRO A 80 -31.43 26.60 25.74
N ARG A 81 -32.45 26.85 24.95
CA ARG A 81 -32.30 27.22 23.55
C ARG A 81 -31.78 28.64 23.44
N VAL A 82 -30.64 28.82 22.77
CA VAL A 82 -30.10 30.17 22.54
C VAL A 82 -30.95 30.85 21.45
N PRO A 83 -31.08 32.20 21.49
CA PRO A 83 -31.81 32.85 20.39
C PRO A 83 -31.22 32.52 19.02
N GLU A 84 -32.10 32.26 18.05
CA GLU A 84 -31.70 31.99 16.68
C GLU A 84 -30.86 33.14 16.12
N GLN A 85 -29.79 32.78 15.43
CA GLN A 85 -28.82 33.71 14.90
C GLN A 85 -28.65 33.44 13.42
N GLU A 86 -28.46 34.50 12.63
CA GLU A 86 -28.19 34.35 11.20
C GLU A 86 -26.76 33.86 10.94
N LEU A 87 -25.81 34.30 11.79
CA LEU A 87 -24.46 33.76 11.82
C LEU A 87 -24.50 32.47 12.66
N LYS A 88 -24.49 31.33 11.96
CA LYS A 88 -24.66 30.03 12.60
C LYS A 88 -23.47 29.61 13.46
N LEU A 89 -22.27 30.01 13.05
CA LEU A 89 -21.08 29.85 13.89
C LEU A 89 -21.17 30.58 15.23
N GLN A 90 -21.79 31.76 15.21
CA GLN A 90 -22.06 32.51 16.44
C GLN A 90 -23.03 31.73 17.32
N GLN A 91 -24.09 31.19 16.70
CA GLN A 91 -25.09 30.42 17.44
C GLN A 91 -24.43 29.26 18.22
N SER A 92 -23.49 28.57 17.56
CA SER A 92 -22.72 27.48 18.15
C SER A 92 -21.85 27.98 19.31
N LEU A 93 -21.09 29.05 19.06
CA LEU A 93 -20.29 29.72 20.09
C LEU A 93 -21.15 30.12 21.29
N ASP A 94 -22.32 30.70 21.03
CA ASP A 94 -23.30 31.04 22.08
C ASP A 94 -23.71 29.84 22.92
N GLU A 95 -23.97 28.71 22.26
CA GLU A 95 -24.32 27.44 22.93
C GLU A 95 -23.19 26.86 23.76
N ALA A 96 -21.98 26.89 23.18
CA ALA A 96 -20.75 26.42 23.82
C ALA A 96 -20.46 27.17 25.12
N LEU A 97 -20.55 28.50 25.06
CA LEU A 97 -20.28 29.37 26.18
C LEU A 97 -21.39 29.31 27.22
N LEU A 98 -22.64 29.13 26.76
CA LEU A 98 -23.77 28.89 27.66
C LEU A 98 -23.59 27.59 28.45
N LEU A 99 -23.32 26.47 27.76
CA LEU A 99 -23.03 25.19 28.39
C LEU A 99 -21.86 25.22 29.36
N ALA A 100 -20.79 25.94 29.00
CA ALA A 100 -19.65 26.19 29.89
C ALA A 100 -20.12 26.83 31.21
N HIS A 101 -20.95 27.87 31.08
CA HIS A 101 -21.51 28.62 32.20
C HIS A 101 -22.36 27.70 33.10
N LEU A 102 -23.20 26.88 32.47
CA LEU A 102 -24.12 25.99 33.18
C LEU A 102 -23.40 24.85 33.88
N LEU A 103 -22.30 24.39 33.29
CA LEU A 103 -21.51 23.31 33.89
C LEU A 103 -20.74 23.81 35.11
N ARG A 104 -20.29 25.07 35.06
CA ARG A 104 -19.57 25.71 36.17
C ARG A 104 -20.47 26.01 37.37
N GLU A 105 -21.63 26.63 37.13
CA GLU A 105 -22.49 27.04 38.24
C GLU A 105 -23.60 26.04 38.60
N GLY A 106 -24.32 25.53 37.60
CA GLY A 106 -25.34 24.51 37.84
C GLY A 106 -26.79 24.96 37.83
N THR A 107 -27.07 26.12 38.42
CA THR A 107 -28.45 26.55 38.73
C THR A 107 -29.42 26.64 37.53
N GLY A 108 -28.94 27.14 36.39
CA GLY A 108 -29.77 27.31 35.19
C GLY A 108 -30.11 26.04 34.42
N ASP A 109 -29.35 24.98 34.66
CA ASP A 109 -29.63 23.63 34.11
C ASP A 109 -29.17 22.60 35.14
N PRO A 110 -29.94 22.42 36.25
CA PRO A 110 -29.50 21.56 37.36
C PRO A 110 -29.27 20.08 37.01
N ILE A 111 -29.72 19.66 35.83
CA ILE A 111 -29.55 18.30 35.31
C ILE A 111 -28.13 18.00 34.78
N VAL A 112 -27.52 19.01 34.15
CA VAL A 112 -26.40 18.79 33.21
C VAL A 112 -25.11 18.30 33.87
N GLN A 113 -24.80 18.84 35.04
CA GLN A 113 -23.61 18.42 35.78
C GLN A 113 -23.56 16.91 35.99
N GLY A 114 -24.65 16.38 36.57
CA GLY A 114 -24.77 14.95 36.84
C GLY A 114 -24.83 14.11 35.58
N SER A 115 -25.53 14.61 34.56
CA SER A 115 -25.61 13.93 33.27
C SER A 115 -24.22 13.77 32.63
N VAL A 116 -23.42 14.83 32.69
CA VAL A 116 -22.03 14.81 32.16
C VAL A 116 -21.14 13.81 32.90
N ARG A 117 -21.21 13.80 34.24
CA ARG A 117 -20.45 12.82 35.04
C ARG A 117 -20.80 11.38 34.62
N LEU A 118 -22.08 11.10 34.42
CA LEU A 118 -22.54 9.78 33.97
C LEU A 118 -22.03 9.39 32.56
N THR A 119 -21.90 10.40 31.70
CA THR A 119 -21.36 10.23 30.36
C THR A 119 -19.83 9.99 30.38
N VAL A 120 -19.13 10.73 31.24
CA VAL A 120 -17.68 10.77 31.23
C VAL A 120 -17.03 9.65 32.06
N ASP A 121 -17.54 9.41 33.27
CA ASP A 121 -17.16 8.24 34.08
C ASP A 121 -17.24 6.97 33.24
N GLN A 122 -16.20 6.14 33.32
CA GLN A 122 -16.13 4.91 32.52
C GLN A 122 -17.13 3.83 32.98
N GLY A 123 -17.34 3.72 34.30
CA GLY A 123 -18.18 2.66 34.89
C GLY A 123 -17.70 1.27 34.49
N SER A 124 -18.65 0.38 34.17
CA SER A 124 -18.35 -0.91 33.54
C SER A 124 -19.53 -1.37 32.66
N PRO A 125 -19.29 -2.21 31.62
CA PRO A 125 -20.39 -2.82 30.85
C PRO A 125 -21.46 -3.55 31.70
N ARG A 126 -21.12 -3.88 32.95
CA ARG A 126 -22.06 -4.47 33.93
C ARG A 126 -23.13 -3.47 34.44
N ASP A 127 -22.89 -2.16 34.30
CA ASP A 127 -23.85 -1.16 34.81
C ASP A 127 -25.08 -0.89 33.92
N HIS A 128 -25.05 -1.39 32.67
CA HIS A 128 -26.14 -1.23 31.67
C HIS A 128 -26.51 0.23 31.31
N LEU A 129 -25.53 1.12 31.50
CA LEU A 129 -25.66 2.52 31.13
C LEU A 129 -25.05 2.73 29.75
N ASN A 130 -25.77 3.46 28.91
CA ASN A 130 -25.40 3.67 27.53
C ASN A 130 -24.95 5.13 27.35
N ARG A 131 -23.64 5.34 27.44
CA ARG A 131 -23.03 6.68 27.38
C ARG A 131 -23.04 7.27 25.97
N ARG A 132 -23.27 6.40 24.97
CA ARG A 132 -23.39 6.79 23.55
C ARG A 132 -24.56 7.75 23.27
N VAL A 133 -25.63 7.67 24.07
CA VAL A 133 -26.87 8.43 23.84
C VAL A 133 -26.71 9.97 23.86
N PRO A 134 -26.11 10.54 24.93
CA PRO A 134 -25.93 12.00 24.82
C PRO A 134 -24.88 12.42 23.79
N MET A 135 -23.85 11.59 23.59
CA MET A 135 -22.74 11.91 22.70
C MET A 135 -23.18 11.93 21.23
N GLN A 136 -24.05 10.98 20.88
CA GLN A 136 -24.68 10.90 19.56
C GLN A 136 -25.57 12.11 19.34
N ALA A 137 -26.37 12.45 20.35
CA ALA A 137 -27.28 13.59 20.28
C ALA A 137 -26.54 14.92 20.12
N TRP A 138 -25.43 15.12 20.84
CA TRP A 138 -24.60 16.32 20.67
C TRP A 138 -23.96 16.38 19.29
N THR A 139 -23.51 15.24 18.78
CA THR A 139 -22.90 15.18 17.45
C THR A 139 -23.90 15.56 16.35
N GLU A 140 -25.13 15.04 16.43
CA GLU A 140 -26.17 15.33 15.44
C GLU A 140 -26.62 16.80 15.54
N HIS A 141 -26.72 17.29 16.76
CA HIS A 141 -27.01 18.70 17.01
C HIS A 141 -25.97 19.64 16.37
N THR A 142 -24.69 19.37 16.65
CA THR A 142 -23.58 20.19 16.16
C THR A 142 -23.41 20.07 14.64
N GLN A 143 -23.59 18.86 14.12
CA GLN A 143 -23.59 18.61 12.67
C GLN A 143 -24.65 19.44 11.93
N SER A 144 -25.88 19.46 12.45
CA SER A 144 -26.97 20.24 11.83
C SER A 144 -26.67 21.72 11.70
N LEU A 145 -26.14 22.29 12.78
CA LEU A 145 -25.69 23.69 12.80
C LEU A 145 -24.58 23.96 11.77
N PHE A 146 -23.61 23.05 11.68
CA PHE A 146 -22.49 23.17 10.73
C PHE A 146 -22.92 23.02 9.27
N GLU A 147 -23.95 22.20 9.02
CA GLU A 147 -24.63 22.11 7.72
C GLU A 147 -25.23 23.47 7.33
N GLU A 148 -25.91 24.11 8.26
CA GLU A 148 -26.48 25.46 8.02
C GLU A 148 -25.39 26.50 7.79
N ALA A 149 -24.37 26.47 8.65
CA ALA A 149 -23.18 27.31 8.53
C ALA A 149 -22.53 27.18 7.15
N ARG A 150 -22.33 25.93 6.70
CA ARG A 150 -21.73 25.62 5.40
C ARG A 150 -22.54 26.18 4.24
N ALA A 151 -23.85 25.89 4.27
CA ALA A 151 -24.77 26.33 3.22
C ALA A 151 -24.83 27.86 3.11
N LYS A 152 -24.68 28.57 4.23
CA LYS A 152 -24.72 30.04 4.24
C LYS A 152 -23.37 30.68 3.90
N GLY A 153 -22.35 29.85 3.68
CA GLY A 153 -21.02 30.32 3.29
C GLY A 153 -20.19 30.83 4.46
N GLU A 154 -20.43 30.27 5.65
CA GLU A 154 -19.63 30.60 6.84
C GLU A 154 -18.41 29.69 6.97
N ILE A 155 -18.53 28.46 6.45
CA ILE A 155 -17.43 27.50 6.45
C ILE A 155 -17.18 26.95 5.04
N LEU A 156 -15.98 26.39 4.80
CA LEU A 156 -15.59 25.86 3.47
C LEU A 156 -16.68 24.98 2.82
N PRO A 157 -16.96 25.19 1.51
CA PRO A 157 -18.15 24.58 0.87
C PRO A 157 -18.17 23.04 0.89
N HIS A 158 -17.00 22.41 0.97
CA HIS A 158 -16.89 20.96 1.07
C HIS A 158 -16.32 20.48 2.42
N ALA A 159 -16.43 21.30 3.46
CA ALA A 159 -15.98 20.90 4.79
C ALA A 159 -16.72 19.63 5.24
N ASP A 160 -15.99 18.68 5.83
CA ASP A 160 -16.58 17.44 6.34
C ASP A 160 -17.26 17.78 7.67
N VAL A 161 -18.53 18.11 7.54
CA VAL A 161 -19.36 18.63 8.63
C VAL A 161 -19.57 17.59 9.76
N GLU A 162 -19.59 16.30 9.41
CA GLU A 162 -19.69 15.22 10.39
C GLU A 162 -18.43 15.13 11.25
N ALA A 163 -17.26 15.11 10.59
CA ALA A 163 -15.94 15.08 11.26
C ALA A 163 -15.73 16.29 12.15
N LEU A 164 -16.19 17.45 11.69
CA LEU A 164 -16.11 18.69 12.47
C LEU A 164 -16.97 18.62 13.74
N ALA A 165 -18.20 18.14 13.58
CA ALA A 165 -19.10 17.92 14.71
C ALA A 165 -18.43 17.03 15.76
N LYS A 166 -17.93 15.87 15.32
CA LYS A 166 -17.18 14.96 16.18
C LYS A 166 -16.00 15.64 16.86
N LEU A 167 -15.25 16.40 16.08
CA LEU A 167 -14.13 17.17 16.63
C LEU A 167 -14.58 18.13 17.74
N PHE A 168 -15.64 18.91 17.48
CA PHE A 168 -16.11 19.90 18.45
C PHE A 168 -16.71 19.27 19.72
N VAL A 169 -17.49 18.20 19.56
CA VAL A 169 -18.10 17.51 20.70
C VAL A 169 -16.99 16.89 21.57
N GLY A 170 -16.05 16.21 20.92
CA GLY A 170 -14.86 15.64 21.55
C GLY A 170 -14.02 16.65 22.27
N ALA A 171 -13.52 17.65 21.54
CA ALA A 171 -12.69 18.71 22.13
C ALA A 171 -13.35 19.45 23.30
N PHE A 172 -14.65 19.78 23.16
CA PHE A 172 -15.41 20.45 24.25
C PHE A 172 -15.40 19.63 25.54
N THR A 173 -15.69 18.34 25.39
CA THR A 173 -15.72 17.37 26.49
C THR A 173 -14.40 17.37 27.25
N GLY A 174 -13.29 17.38 26.51
CA GLY A 174 -11.97 17.36 27.11
C GLY A 174 -11.57 18.64 27.81
N VAL A 175 -11.88 19.75 27.15
CA VAL A 175 -11.69 21.11 27.71
C VAL A 175 -12.48 21.21 29.02
N GLN A 176 -13.72 20.72 29.02
CA GLN A 176 -14.53 20.57 30.21
C GLN A 176 -13.81 19.74 31.31
N VAL A 177 -13.35 18.54 30.94
CA VAL A 177 -12.67 17.62 31.88
C VAL A 177 -11.40 18.24 32.47
N LEU A 178 -10.58 18.88 31.62
CA LEU A 178 -9.36 19.50 32.09
C LEU A 178 -9.68 20.65 33.05
N SER A 179 -10.63 21.49 32.67
CA SER A 179 -11.06 22.63 33.48
C SER A 179 -11.58 22.21 34.87
N ARG A 180 -12.38 21.13 34.91
CA ARG A 180 -12.94 20.58 36.16
C ARG A 180 -11.80 20.17 37.12
N ILE A 181 -10.86 19.39 36.59
CA ILE A 181 -9.70 18.92 37.34
C ILE A 181 -8.83 20.08 37.83
N MET A 182 -8.51 21.02 36.94
CA MET A 182 -7.50 22.04 37.23
C MET A 182 -8.02 23.26 37.98
N THR A 183 -9.27 23.66 37.71
CA THR A 183 -9.82 24.90 38.26
C THR A 183 -11.21 24.74 38.89
N GLY A 184 -11.75 23.52 38.93
CA GLY A 184 -13.18 23.33 39.28
C GLY A 184 -14.11 24.02 38.28
N ARG A 185 -13.64 24.17 37.04
CA ARG A 185 -14.34 24.86 35.94
C ARG A 185 -14.37 26.39 36.03
N ALA A 186 -13.61 26.98 36.95
CA ALA A 186 -13.44 28.44 37.05
C ALA A 186 -12.97 29.09 35.75
N ASP A 187 -12.07 28.41 35.04
CA ASP A 187 -11.55 28.93 33.77
C ASP A 187 -12.27 28.38 32.51
N LEU A 188 -13.37 27.64 32.70
CA LEU A 188 -14.01 26.92 31.57
C LEU A 188 -14.38 27.81 30.38
N ALA A 189 -15.00 28.97 30.64
CA ALA A 189 -15.43 29.88 29.58
C ALA A 189 -14.26 30.40 28.74
N GLU A 190 -13.14 30.75 29.39
CA GLU A 190 -11.89 31.10 28.70
C GLU A 190 -11.37 29.93 27.83
N ARG A 191 -11.40 28.73 28.40
CA ARG A 191 -10.88 27.54 27.72
C ARG A 191 -11.71 27.15 26.48
N VAL A 192 -13.04 27.29 26.60
CA VAL A 192 -13.98 27.06 25.48
C VAL A 192 -13.80 28.12 24.39
N ALA A 193 -13.67 29.38 24.80
CA ALA A 193 -13.36 30.49 23.88
C ALA A 193 -12.07 30.21 23.11
N ASP A 194 -11.01 29.81 23.82
CA ASP A 194 -9.75 29.41 23.19
C ASP A 194 -9.93 28.31 22.17
N LEU A 195 -10.77 27.34 22.51
CA LEU A 195 -11.07 26.21 21.65
C LEU A 195 -11.65 26.66 20.32
N TYR A 196 -12.70 27.49 20.39
CA TYR A 196 -13.37 27.98 19.19
C TYR A 196 -12.46 28.89 18.39
N ARG A 197 -11.75 29.79 19.07
CA ARG A 197 -10.81 30.73 18.42
C ARG A 197 -9.73 29.99 17.63
N HIS A 198 -9.24 28.90 18.19
CA HIS A 198 -8.18 28.14 17.53
C HIS A 198 -8.60 27.10 16.49
N LEU A 199 -9.79 26.53 16.62
CA LEU A 199 -10.29 25.59 15.61
C LEU A 199 -10.78 26.29 14.34
N MET A 200 -11.44 27.43 14.51
CA MET A 200 -12.10 28.17 13.42
C MET A 200 -11.25 28.53 12.17
N PRO A 201 -9.98 28.98 12.34
CA PRO A 201 -9.21 29.38 11.15
C PRO A 201 -8.93 28.26 10.16
N SER A 202 -9.01 27.02 10.62
CA SER A 202 -8.86 25.83 9.76
C SER A 202 -10.00 25.61 8.76
N PHE A 203 -11.19 26.19 9.00
CA PHE A 203 -12.38 25.90 8.18
C PHE A 203 -13.35 27.07 7.94
N ALA A 204 -13.13 28.20 8.59
CA ALA A 204 -13.99 29.37 8.38
C ALA A 204 -13.73 30.02 7.03
N MET A 205 -14.79 30.55 6.44
CA MET A 205 -14.69 31.37 5.24
C MET A 205 -14.07 32.74 5.53
N PRO A 206 -13.56 33.44 4.49
CA PRO A 206 -12.96 34.76 4.74
C PRO A 206 -13.94 35.76 5.39
N GLY A 207 -13.43 36.49 6.38
CA GLY A 207 -14.18 37.52 7.09
C GLY A 207 -15.14 37.03 8.14
N ILE A 208 -15.14 35.74 8.45
CA ILE A 208 -16.12 35.17 9.39
C ILE A 208 -15.61 35.20 10.83
N LEU A 209 -14.37 34.75 11.06
CA LEU A 209 -13.77 34.70 12.39
C LEU A 209 -13.83 36.07 13.10
N VAL A 210 -13.55 37.15 12.37
CA VAL A 210 -13.60 38.51 12.93
C VAL A 210 -15.00 38.96 13.33
N ARG A 211 -16.03 38.40 12.68
CA ARG A 211 -17.43 38.77 12.97
C ARG A 211 -17.95 38.14 14.27
N LEU A 212 -17.25 37.12 14.77
CA LEU A 212 -17.67 36.39 15.96
C LEU A 212 -17.43 37.20 17.23
N ASP A 213 -18.33 37.03 18.19
CA ASP A 213 -18.29 37.77 19.45
C ASP A 213 -18.10 36.80 20.60
N PHE A 214 -16.90 36.85 21.17
CA PHE A 214 -16.44 36.00 22.28
C PHE A 214 -16.62 36.63 23.66
N SER A 215 -17.16 37.86 23.70
CA SER A 215 -17.17 38.67 24.93
C SER A 215 -18.08 38.08 26.01
N PRO A 216 -17.72 38.26 27.30
CA PRO A 216 -18.61 37.78 28.38
C PRO A 216 -19.89 38.60 28.53
N GLU A 217 -19.88 39.85 28.03
CA GLU A 217 -21.10 40.67 27.99
C GLU A 217 -22.14 40.10 27.05
N ARG A 218 -21.72 39.62 25.88
CA ARG A 218 -22.61 38.89 24.99
C ARG A 218 -23.12 37.61 25.68
N GLY A 219 -22.18 36.85 26.25
CA GLY A 219 -22.48 35.61 26.98
C GLY A 219 -23.60 35.79 28.01
N SER A 220 -23.52 36.92 28.72
CA SER A 220 -24.49 37.31 29.72
C SER A 220 -25.87 37.56 29.12
N ARG A 221 -25.91 38.29 28.01
CA ARG A 221 -27.16 38.56 27.28
C ARG A 221 -27.80 37.27 26.78
N VAL A 222 -26.95 36.37 26.26
CA VAL A 222 -27.37 35.05 25.78
C VAL A 222 -27.98 34.24 26.93
N TYR A 223 -27.26 34.17 28.06
CA TYR A 223 -27.71 33.46 29.26
C TYR A 223 -29.11 33.92 29.66
N GLU A 224 -29.25 35.24 29.85
CA GLU A 224 -30.53 35.87 30.22
C GLU A 224 -31.68 35.52 29.27
N ALA A 225 -31.45 35.70 27.96
CA ALA A 225 -32.48 35.43 26.95
C ALA A 225 -32.91 33.96 26.94
N ALA A 226 -31.92 33.07 27.10
CA ALA A 226 -32.12 31.62 27.20
C ALA A 226 -32.98 31.19 28.40
N MET A 227 -32.80 31.85 29.54
CA MET A 227 -33.67 31.63 30.70
C MET A 227 -35.09 32.22 30.53
N LYS A 228 -35.20 33.36 29.84
CA LYS A 228 -36.52 33.93 29.47
C LYS A 228 -37.16 33.12 28.35
N GLU B 16 -0.38 -10.34 11.63
CA GLU B 16 -1.38 -10.33 12.75
C GLU B 16 -2.73 -9.75 12.32
N ARG B 17 -2.71 -8.67 11.52
CA ARG B 17 -3.92 -8.03 10.98
C ARG B 17 -4.56 -8.84 9.85
N ALA B 18 -3.84 -9.85 9.37
CA ALA B 18 -4.33 -10.84 8.40
C ALA B 18 -5.52 -11.63 8.93
N ILE B 19 -5.49 -11.99 10.22
CA ILE B 19 -6.61 -12.66 10.90
C ILE B 19 -7.89 -11.81 10.85
N ARG B 20 -7.75 -10.50 11.10
CA ARG B 20 -8.86 -9.55 11.11
C ARG B 20 -9.55 -9.39 9.75
N THR B 21 -8.75 -9.31 8.69
CA THR B 21 -9.30 -9.25 7.32
C THR B 21 -9.91 -10.60 6.88
N ARG B 22 -9.31 -11.71 7.29
CA ARG B 22 -9.83 -13.05 7.02
C ARG B 22 -11.24 -13.26 7.61
N GLN B 23 -11.45 -12.73 8.82
CA GLN B 23 -12.75 -12.74 9.48
C GLN B 23 -13.78 -11.87 8.79
N THR B 24 -13.32 -10.71 8.27
CA THR B 24 -14.15 -9.75 7.55
C THR B 24 -14.73 -10.39 6.28
N ILE B 25 -13.88 -11.14 5.58
CA ILE B 25 -14.25 -11.86 4.37
C ILE B 25 -15.25 -12.97 4.72
N LEU B 26 -14.97 -13.70 5.80
CA LEU B 26 -15.82 -14.83 6.20
C LEU B 26 -17.23 -14.40 6.57
N VAL B 27 -17.32 -13.31 7.33
CA VAL B 27 -18.61 -12.72 7.72
C VAL B 27 -19.40 -12.30 6.47
N ALA B 28 -18.71 -11.65 5.53
CA ALA B 28 -19.32 -11.23 4.26
C ALA B 28 -19.80 -12.42 3.42
N ALA B 29 -18.94 -13.43 3.25
CA ALA B 29 -19.29 -14.67 2.56
C ALA B 29 -20.51 -15.35 3.19
N ALA B 30 -20.55 -15.40 4.52
CA ALA B 30 -21.68 -16.02 5.24
C ALA B 30 -22.99 -15.29 4.92
N GLU B 31 -22.96 -13.96 5.00
CA GLU B 31 -24.11 -13.11 4.64
C GLU B 31 -24.59 -13.30 3.20
N VAL B 32 -23.64 -13.37 2.25
CA VAL B 32 -23.94 -13.65 0.85
C VAL B 32 -24.55 -15.05 0.66
N PHE B 33 -23.93 -16.07 1.27
CA PHE B 33 -24.45 -17.44 1.21
C PHE B 33 -25.87 -17.55 1.77
N ASP B 34 -26.17 -16.82 2.85
CA ASP B 34 -27.51 -16.78 3.46
C ASP B 34 -28.55 -16.18 2.51
N GLU B 35 -28.19 -15.05 1.91
CA GLU B 35 -29.09 -14.30 1.03
C GLU B 35 -29.43 -15.02 -0.26
N VAL B 36 -28.44 -15.67 -0.87
CA VAL B 36 -28.56 -16.19 -2.24
C VAL B 36 -28.21 -17.69 -2.40
N GLY B 37 -27.61 -18.28 -1.37
CA GLY B 37 -27.19 -19.69 -1.42
C GLY B 37 -25.83 -19.88 -2.06
N TYR B 38 -25.30 -21.10 -1.98
CA TYR B 38 -23.94 -21.42 -2.41
C TYR B 38 -23.73 -21.34 -3.93
N GLU B 39 -24.71 -21.85 -4.68
CA GLU B 39 -24.58 -21.93 -6.12
C GLU B 39 -24.64 -20.58 -6.83
N ALA B 40 -25.55 -19.70 -6.40
CA ALA B 40 -25.69 -18.37 -6.99
C ALA B 40 -24.65 -17.33 -6.51
N ALA B 41 -23.99 -17.62 -5.38
CA ALA B 41 -22.96 -16.74 -4.81
C ALA B 41 -21.71 -16.70 -5.69
N THR B 42 -21.06 -15.53 -5.69
CA THR B 42 -19.80 -15.32 -6.41
C THR B 42 -18.80 -14.59 -5.54
N ILE B 43 -17.51 -14.78 -5.83
CA ILE B 43 -16.41 -14.03 -5.19
C ILE B 43 -16.71 -12.54 -5.29
N SER B 44 -17.24 -12.13 -6.44
CA SER B 44 -17.68 -10.77 -6.71
C SER B 44 -18.67 -10.24 -5.66
N ASP B 45 -19.66 -11.07 -5.31
CA ASP B 45 -20.62 -10.75 -4.24
C ASP B 45 -19.90 -10.51 -2.91
N VAL B 46 -18.94 -11.38 -2.61
CA VAL B 46 -18.15 -11.34 -1.38
C VAL B 46 -17.27 -10.10 -1.33
N LEU B 47 -16.60 -9.77 -2.45
CA LEU B 47 -15.76 -8.57 -2.53
C LEU B 47 -16.54 -7.29 -2.25
N LYS B 48 -17.69 -7.13 -2.92
CA LYS B 48 -18.58 -5.99 -2.72
C LYS B 48 -19.03 -5.86 -1.26
N ARG B 49 -19.45 -6.99 -0.68
CA ARG B 49 -19.85 -7.06 0.73
C ARG B 49 -18.76 -6.80 1.77
N SER B 50 -17.59 -7.40 1.59
CA SER B 50 -16.48 -7.25 2.54
C SER B 50 -15.75 -5.91 2.42
N GLY B 51 -15.67 -5.39 1.20
CA GLY B 51 -14.92 -4.18 0.88
C GLY B 51 -13.41 -4.38 0.82
N VAL B 52 -12.98 -5.64 0.71
CA VAL B 52 -11.56 -5.97 0.63
C VAL B 52 -11.15 -6.10 -0.85
N THR B 53 -9.84 -6.12 -1.12
CA THR B 53 -9.35 -6.22 -2.50
C THR B 53 -9.30 -7.67 -2.98
N LYS B 54 -9.23 -7.86 -4.30
CA LYS B 54 -9.07 -9.20 -4.91
C LYS B 54 -7.86 -9.91 -4.29
N GLY B 55 -6.71 -9.24 -4.27
CA GLY B 55 -5.49 -9.71 -3.64
C GLY B 55 -5.63 -10.12 -2.19
N ALA B 56 -6.34 -9.31 -1.41
CA ALA B 56 -6.62 -9.59 0.00
C ALA B 56 -7.43 -10.88 0.20
N LEU B 57 -8.51 -11.05 -0.58
CA LEU B 57 -9.36 -12.24 -0.51
C LEU B 57 -8.60 -13.46 -0.97
N TYR B 58 -7.95 -13.35 -2.13
CA TYR B 58 -7.24 -14.48 -2.73
C TYR B 58 -5.99 -14.93 -1.97
N PHE B 59 -5.44 -14.04 -1.13
CA PHE B 59 -4.38 -14.42 -0.17
C PHE B 59 -4.91 -15.48 0.80
N HIS B 60 -6.16 -15.30 1.24
CA HIS B 60 -6.79 -16.19 2.23
C HIS B 60 -7.57 -17.35 1.61
N PHE B 61 -8.24 -17.11 0.48
CA PHE B 61 -9.10 -18.14 -0.14
C PHE B 61 -8.93 -18.23 -1.65
N THR B 62 -8.76 -19.47 -2.15
CA THR B 62 -8.56 -19.71 -3.57
C THR B 62 -9.88 -19.79 -4.34
N SER B 63 -10.98 -19.99 -3.62
CA SER B 63 -12.28 -20.19 -4.25
C SER B 63 -13.47 -19.99 -3.31
N LYS B 64 -14.65 -19.96 -3.93
CA LYS B 64 -15.92 -19.99 -3.25
C LYS B 64 -16.04 -21.26 -2.39
N GLN B 65 -15.59 -22.39 -2.95
CA GLN B 65 -15.59 -23.69 -2.26
C GLN B 65 -14.84 -23.67 -0.93
N GLU B 66 -13.64 -23.08 -0.96
CA GLU B 66 -12.81 -22.92 0.22
C GLU B 66 -13.46 -21.98 1.22
N LEU B 67 -14.05 -20.90 0.73
CA LEU B 67 -14.79 -19.98 1.60
C LEU B 67 -15.95 -20.66 2.32
N ALA B 68 -16.70 -21.50 1.60
CA ALA B 68 -17.88 -22.18 2.14
C ALA B 68 -17.51 -23.19 3.20
N GLN B 69 -16.47 -23.98 2.91
CA GLN B 69 -15.89 -24.92 3.86
C GLN B 69 -15.50 -24.22 5.17
N ALA B 70 -14.90 -23.03 5.04
CA ALA B 70 -14.53 -22.23 6.20
C ALA B 70 -15.72 -21.76 7.05
N VAL B 71 -16.80 -21.26 6.43
CA VAL B 71 -17.95 -20.81 7.26
C VAL B 71 -18.68 -22.00 7.92
N LEU B 72 -18.70 -23.15 7.22
CA LEU B 72 -19.19 -24.40 7.79
C LEU B 72 -18.38 -24.85 9.02
N ALA B 73 -17.06 -24.75 8.93
CA ALA B 73 -16.15 -25.16 10.00
C ALA B 73 -16.26 -24.26 11.21
N GLU B 74 -16.68 -23.01 11.01
CA GLU B 74 -16.79 -22.04 12.09
C GLU B 74 -18.10 -22.03 12.85
N GLN B 75 -19.06 -22.83 12.40
CA GLN B 75 -20.41 -22.78 12.94
C GLN B 75 -20.51 -22.92 14.46
N VAL B 76 -19.90 -23.96 15.01
CA VAL B 76 -20.02 -24.23 16.45
C VAL B 76 -19.19 -23.24 17.28
N ALA B 77 -17.94 -23.00 16.87
CA ALA B 77 -17.05 -22.04 17.54
C ALA B 77 -17.57 -20.60 17.55
N SER B 78 -18.42 -20.26 16.58
CA SER B 78 -18.99 -18.93 16.42
C SER B 78 -20.00 -18.56 17.49
N LEU B 79 -20.65 -19.57 18.06
CA LEU B 79 -21.65 -19.36 19.11
C LEU B 79 -20.97 -18.82 20.36
N PRO B 80 -21.39 -17.61 20.83
CA PRO B 80 -20.87 -17.07 22.08
C PRO B 80 -21.18 -18.04 23.20
N ARG B 81 -20.25 -18.18 24.13
CA ARG B 81 -20.38 -19.13 25.21
C ARG B 81 -21.32 -18.62 26.28
N VAL B 82 -22.34 -19.42 26.60
CA VAL B 82 -23.22 -19.11 27.73
C VAL B 82 -22.46 -19.28 29.07
N PRO B 83 -22.81 -18.50 30.12
CA PRO B 83 -22.18 -18.77 31.43
C PRO B 83 -22.33 -20.23 31.84
N GLU B 84 -21.27 -20.77 32.44
CA GLU B 84 -21.31 -22.11 33.04
C GLU B 84 -22.43 -22.13 34.09
N GLN B 85 -23.14 -23.24 34.12
CA GLN B 85 -24.30 -23.40 35.00
C GLN B 85 -24.16 -24.74 35.73
N GLU B 86 -24.58 -24.77 36.99
CA GLU B 86 -24.52 -26.00 37.80
C GLU B 86 -25.55 -27.02 37.28
N LEU B 87 -26.73 -26.53 36.89
CA LEU B 87 -27.75 -27.35 36.23
C LEU B 87 -27.43 -27.38 34.74
N LYS B 88 -26.86 -28.49 34.27
CA LYS B 88 -26.38 -28.59 32.89
C LYS B 88 -27.47 -28.56 31.82
N LEU B 89 -28.66 -29.05 32.16
CA LEU B 89 -29.80 -28.95 31.25
C LEU B 89 -30.27 -27.51 31.07
N GLN B 90 -30.08 -26.68 32.10
CA GLN B 90 -30.37 -25.24 31.96
C GLN B 90 -29.39 -24.62 30.96
N GLN B 91 -28.13 -25.05 31.08
CA GLN B 91 -27.06 -24.61 30.20
C GLN B 91 -27.36 -24.98 28.75
N SER B 92 -27.83 -26.22 28.53
CA SER B 92 -28.23 -26.68 27.21
C SER B 92 -29.38 -25.84 26.67
N LEU B 93 -30.38 -25.60 27.53
CA LEU B 93 -31.54 -24.78 27.19
C LEU B 93 -31.16 -23.34 26.86
N ASP B 94 -30.28 -22.75 27.69
CA ASP B 94 -29.71 -21.42 27.47
C ASP B 94 -29.07 -21.31 26.07
N GLU B 95 -28.27 -22.32 25.71
CA GLU B 95 -27.60 -22.39 24.40
C GLU B 95 -28.58 -22.47 23.23
N ALA B 96 -29.66 -23.20 23.44
CA ALA B 96 -30.62 -23.45 22.38
C ALA B 96 -31.42 -22.19 22.12
N LEU B 97 -31.84 -21.54 23.21
CA LEU B 97 -32.55 -20.26 23.12
C LEU B 97 -31.68 -19.13 22.58
N LEU B 98 -30.40 -19.13 22.97
CA LEU B 98 -29.40 -18.22 22.37
C LEU B 98 -29.25 -18.41 20.86
N LEU B 99 -29.07 -19.66 20.43
CA LEU B 99 -28.93 -20.00 19.01
C LEU B 99 -30.17 -19.63 18.19
N ALA B 100 -31.34 -19.94 18.74
CA ALA B 100 -32.62 -19.53 18.16
C ALA B 100 -32.70 -18.01 18.01
N HIS B 101 -32.24 -17.29 19.04
CA HIS B 101 -32.15 -15.82 18.98
C HIS B 101 -31.24 -15.37 17.85
N LEU B 102 -30.05 -15.95 17.77
CA LEU B 102 -29.05 -15.54 16.78
C LEU B 102 -29.44 -15.89 15.34
N LEU B 103 -30.25 -16.94 15.20
CA LEU B 103 -30.74 -17.38 13.89
C LEU B 103 -31.80 -16.44 13.31
N ARG B 104 -32.51 -15.74 14.21
CA ARG B 104 -33.48 -14.74 13.81
C ARG B 104 -32.84 -13.36 13.62
N GLU B 105 -32.08 -12.92 14.62
CA GLU B 105 -31.43 -11.61 14.61
C GLU B 105 -29.94 -11.81 14.85
N GLY B 106 -29.17 -11.77 13.77
CA GLY B 106 -27.78 -12.22 13.78
C GLY B 106 -26.68 -11.28 14.25
N THR B 107 -27.03 -10.20 14.96
CA THR B 107 -26.03 -9.21 15.41
C THR B 107 -24.94 -9.80 16.34
N GLY B 108 -25.35 -10.66 17.27
CA GLY B 108 -24.38 -11.32 18.16
C GLY B 108 -23.47 -12.38 17.53
N ASP B 109 -23.78 -12.79 16.30
CA ASP B 109 -23.06 -13.84 15.57
C ASP B 109 -23.47 -13.78 14.09
N PRO B 110 -22.83 -12.90 13.28
CA PRO B 110 -23.24 -12.70 11.88
C PRO B 110 -22.93 -13.85 10.92
N ILE B 111 -22.13 -14.83 11.39
CA ILE B 111 -21.71 -16.02 10.63
C ILE B 111 -22.73 -17.15 10.63
N VAL B 112 -23.46 -17.32 11.73
CA VAL B 112 -24.26 -18.54 11.98
C VAL B 112 -25.38 -18.79 10.96
N GLN B 113 -26.09 -17.74 10.56
CA GLN B 113 -27.22 -17.83 9.61
C GLN B 113 -26.82 -18.45 8.27
N GLY B 114 -25.78 -17.89 7.66
CA GLY B 114 -25.27 -18.41 6.41
C GLY B 114 -24.66 -19.80 6.54
N SER B 115 -23.91 -20.02 7.63
CA SER B 115 -23.36 -21.34 7.94
C SER B 115 -24.46 -22.41 8.04
N VAL B 116 -25.54 -22.09 8.75
CA VAL B 116 -26.69 -23.00 8.85
C VAL B 116 -27.38 -23.25 7.49
N ARG B 117 -27.60 -22.18 6.72
CA ARG B 117 -28.08 -22.35 5.34
C ARG B 117 -27.21 -23.36 4.55
N LEU B 118 -25.89 -23.17 4.58
CA LEU B 118 -24.92 -24.10 3.93
C LEU B 118 -25.00 -25.57 4.40
N THR B 119 -25.36 -25.76 5.66
CA THR B 119 -25.55 -27.09 6.24
C THR B 119 -26.85 -27.77 5.75
N VAL B 120 -27.94 -26.99 5.76
CA VAL B 120 -29.28 -27.51 5.49
C VAL B 120 -29.58 -27.68 3.98
N ASP B 121 -29.25 -26.66 3.16
CA ASP B 121 -29.40 -26.76 1.69
C ASP B 121 -28.72 -28.03 1.21
N GLN B 122 -29.40 -28.82 0.38
CA GLN B 122 -28.92 -30.17 0.10
C GLN B 122 -27.60 -30.20 -0.70
N GLY B 123 -27.48 -29.30 -1.68
CA GLY B 123 -26.38 -29.34 -2.65
C GLY B 123 -26.29 -30.70 -3.34
N SER B 124 -25.07 -31.12 -3.62
CA SER B 124 -24.76 -32.46 -4.17
C SER B 124 -23.27 -32.77 -3.95
N PRO B 125 -22.85 -34.04 -4.11
CA PRO B 125 -21.40 -34.33 -4.03
C PRO B 125 -20.50 -33.55 -5.00
N ARG B 126 -21.07 -33.03 -6.10
CA ARG B 126 -20.33 -32.19 -7.08
C ARG B 126 -19.76 -30.91 -6.47
N ASP B 127 -20.54 -30.25 -5.59
CA ASP B 127 -19.99 -29.21 -4.75
C ASP B 127 -19.13 -29.95 -3.73
N HIS B 128 -18.00 -29.38 -3.36
CA HIS B 128 -17.11 -30.17 -2.50
C HIS B 128 -17.22 -29.71 -1.05
N LEU B 129 -18.47 -29.61 -0.60
CA LEU B 129 -18.79 -29.11 0.72
C LEU B 129 -19.20 -30.24 1.65
N ASN B 130 -18.66 -30.20 2.87
CA ASN B 130 -18.87 -31.25 3.86
C ASN B 130 -19.82 -30.75 4.95
N ARG B 131 -21.09 -31.08 4.78
CA ARG B 131 -22.15 -30.67 5.71
C ARG B 131 -22.12 -31.43 7.03
N ARG B 132 -21.35 -32.52 7.07
CA ARG B 132 -21.16 -33.31 8.29
C ARG B 132 -20.35 -32.57 9.36
N VAL B 133 -19.44 -31.71 8.91
CA VAL B 133 -18.52 -31.01 9.82
C VAL B 133 -19.24 -30.26 10.98
N PRO B 134 -20.20 -29.35 10.68
CA PRO B 134 -20.85 -28.67 11.82
C PRO B 134 -21.81 -29.58 12.60
N MET B 135 -22.38 -30.59 11.93
CA MET B 135 -23.34 -31.52 12.54
C MET B 135 -22.68 -32.47 13.53
N GLN B 136 -21.52 -33.02 13.14
CA GLN B 136 -20.65 -33.75 14.05
C GLN B 136 -20.23 -32.90 15.26
N ALA B 137 -19.81 -31.66 14.99
CA ALA B 137 -19.38 -30.73 16.04
C ALA B 137 -20.48 -30.42 17.08
N TRP B 138 -21.69 -30.11 16.61
CA TRP B 138 -22.86 -29.94 17.50
C TRP B 138 -23.24 -31.20 18.30
N THR B 139 -23.11 -32.36 17.68
CA THR B 139 -23.40 -33.66 18.31
C THR B 139 -22.47 -33.94 19.49
N GLU B 140 -21.16 -33.77 19.27
CA GLU B 140 -20.13 -33.96 20.30
C GLU B 140 -20.29 -32.93 21.42
N HIS B 141 -20.55 -31.69 21.04
CA HIS B 141 -20.83 -30.63 22.01
C HIS B 141 -22.02 -31.00 22.93
N THR B 142 -23.11 -31.46 22.33
CA THR B 142 -24.34 -31.79 23.06
C THR B 142 -24.16 -33.05 23.90
N GLN B 143 -23.47 -34.05 23.35
CA GLN B 143 -23.20 -35.28 24.08
C GLN B 143 -22.40 -35.00 25.36
N SER B 144 -21.36 -34.16 25.25
CA SER B 144 -20.53 -33.77 26.40
C SER B 144 -21.31 -33.12 27.52
N LEU B 145 -22.24 -32.23 27.16
CA LEU B 145 -23.08 -31.56 28.15
C LEU B 145 -24.07 -32.54 28.80
N PHE B 146 -24.59 -33.49 28.02
CA PHE B 146 -25.51 -34.50 28.53
C PHE B 146 -24.78 -35.52 29.40
N GLU B 147 -23.51 -35.79 29.08
CA GLU B 147 -22.64 -36.59 29.97
C GLU B 147 -22.51 -35.93 31.34
N GLU B 148 -22.31 -34.62 31.37
CA GLU B 148 -22.21 -33.89 32.66
C GLU B 148 -23.53 -33.92 33.44
N ALA B 149 -24.62 -33.61 32.72
CA ALA B 149 -25.98 -33.68 33.25
C ALA B 149 -26.30 -35.02 33.88
N ARG B 150 -25.96 -36.11 33.18
CA ARG B 150 -26.16 -37.48 33.67
C ARG B 150 -25.42 -37.76 34.98
N ALA B 151 -24.15 -37.38 35.02
CA ALA B 151 -23.32 -37.60 36.19
C ALA B 151 -23.75 -36.78 37.41
N LYS B 152 -24.34 -35.61 37.17
CA LYS B 152 -24.91 -34.75 38.22
C LYS B 152 -26.35 -35.15 38.64
N GLY B 153 -26.85 -36.26 38.10
CA GLY B 153 -28.18 -36.77 38.43
C GLY B 153 -29.34 -35.95 37.87
N GLU B 154 -29.14 -35.33 36.71
CA GLU B 154 -30.18 -34.54 36.04
C GLU B 154 -30.97 -35.37 35.04
N ILE B 155 -30.33 -36.41 34.51
CA ILE B 155 -30.96 -37.32 33.57
C ILE B 155 -30.75 -38.78 33.99
N LEU B 156 -31.60 -39.68 33.52
CA LEU B 156 -31.55 -41.09 33.92
C LEU B 156 -30.11 -41.63 33.82
N PRO B 157 -29.63 -42.33 34.87
CA PRO B 157 -28.21 -42.71 35.02
C PRO B 157 -27.63 -43.62 33.92
N HIS B 158 -28.49 -44.26 33.14
CA HIS B 158 -28.04 -45.12 32.04
C HIS B 158 -28.55 -44.68 30.67
N ALA B 159 -29.02 -43.43 30.58
CA ALA B 159 -29.56 -42.87 29.33
C ALA B 159 -28.46 -42.83 28.28
N ASP B 160 -28.84 -43.13 27.05
CA ASP B 160 -27.91 -43.14 25.93
C ASP B 160 -27.71 -41.70 25.46
N VAL B 161 -26.66 -41.05 25.98
CA VAL B 161 -26.42 -39.60 25.74
C VAL B 161 -26.02 -39.26 24.29
N GLU B 162 -25.40 -40.19 23.58
CA GLU B 162 -25.11 -40.04 22.15
C GLU B 162 -26.40 -40.04 21.34
N ALA B 163 -27.27 -41.04 21.59
CA ALA B 163 -28.60 -41.08 20.98
C ALA B 163 -29.38 -39.80 21.29
N LEU B 164 -29.30 -39.34 22.53
CA LEU B 164 -29.98 -38.09 22.95
C LEU B 164 -29.41 -36.85 22.30
N ALA B 165 -28.08 -36.77 22.20
CA ALA B 165 -27.40 -35.67 21.51
C ALA B 165 -27.87 -35.60 20.06
N LYS B 166 -27.85 -36.76 19.38
CA LYS B 166 -28.32 -36.84 18.00
C LYS B 166 -29.77 -36.40 17.81
N LEU B 167 -30.63 -36.80 18.76
CA LEU B 167 -32.03 -36.46 18.74
C LEU B 167 -32.22 -34.94 18.86
N PHE B 168 -31.53 -34.32 19.82
CA PHE B 168 -31.60 -32.89 20.05
C PHE B 168 -31.08 -32.06 18.88
N VAL B 169 -29.99 -32.50 18.25
CA VAL B 169 -29.37 -31.76 17.14
C VAL B 169 -30.31 -31.83 15.93
N GLY B 170 -30.77 -33.04 15.59
CA GLY B 170 -31.79 -33.24 14.55
C GLY B 170 -33.04 -32.40 14.81
N ALA B 171 -33.65 -32.61 15.97
CA ALA B 171 -34.91 -31.95 16.29
C ALA B 171 -34.77 -30.42 16.26
N PHE B 172 -33.70 -29.85 16.86
CA PHE B 172 -33.42 -28.40 16.76
C PHE B 172 -33.40 -27.92 15.29
N THR B 173 -32.64 -28.62 14.45
CA THR B 173 -32.46 -28.30 13.03
C THR B 173 -33.83 -28.18 12.35
N GLY B 174 -34.70 -29.16 12.60
CA GLY B 174 -36.01 -29.24 11.95
C GLY B 174 -36.98 -28.21 12.45
N VAL B 175 -36.93 -27.96 13.76
CA VAL B 175 -37.71 -26.90 14.39
C VAL B 175 -37.35 -25.55 13.78
N GLN B 176 -36.04 -25.35 13.57
CA GLN B 176 -35.52 -24.12 12.93
C GLN B 176 -36.04 -23.98 11.50
N VAL B 177 -35.98 -25.06 10.74
CA VAL B 177 -36.38 -25.09 9.33
C VAL B 177 -37.88 -24.77 9.16
N LEU B 178 -38.72 -25.39 9.98
CA LEU B 178 -40.17 -25.18 9.93
C LEU B 178 -40.49 -23.75 10.34
N SER B 179 -39.80 -23.26 11.37
CA SER B 179 -39.98 -21.89 11.86
C SER B 179 -39.58 -20.83 10.82
N ARG B 180 -38.43 -21.06 10.18
CA ARG B 180 -37.98 -20.23 9.05
C ARG B 180 -39.05 -20.19 7.95
N ILE B 181 -39.50 -21.38 7.52
CA ILE B 181 -40.52 -21.50 6.47
C ILE B 181 -41.83 -20.80 6.84
N MET B 182 -42.33 -21.08 8.05
CA MET B 182 -43.68 -20.67 8.47
C MET B 182 -43.80 -19.22 8.98
N THR B 183 -42.76 -18.72 9.66
CA THR B 183 -42.84 -17.39 10.32
C THR B 183 -41.59 -16.51 10.09
N GLY B 184 -40.64 -16.98 9.28
CA GLY B 184 -39.30 -16.35 9.17
C GLY B 184 -38.52 -16.37 10.48
N ARG B 185 -38.74 -17.43 11.26
CA ARG B 185 -38.16 -17.64 12.59
C ARG B 185 -38.73 -16.74 13.70
N ALA B 186 -39.81 -16.00 13.43
CA ALA B 186 -40.42 -15.17 14.48
C ALA B 186 -40.94 -16.00 15.68
N ASP B 187 -41.35 -17.24 15.44
CA ASP B 187 -41.84 -18.09 16.52
C ASP B 187 -40.79 -19.08 17.04
N LEU B 188 -39.56 -18.99 16.54
CA LEU B 188 -38.53 -20.01 16.81
C LEU B 188 -38.24 -20.29 18.30
N ALA B 189 -38.18 -19.23 19.12
CA ALA B 189 -37.90 -19.36 20.57
C ALA B 189 -38.97 -20.19 21.28
N GLU B 190 -40.24 -19.88 21.01
CA GLU B 190 -41.37 -20.67 21.50
C GLU B 190 -41.29 -22.13 21.04
N ARG B 191 -40.93 -22.33 19.77
CA ARG B 191 -40.87 -23.68 19.21
C ARG B 191 -39.75 -24.50 19.83
N VAL B 192 -38.60 -23.88 20.08
CA VAL B 192 -37.45 -24.54 20.73
C VAL B 192 -37.77 -24.83 22.21
N ALA B 193 -38.44 -23.88 22.85
CA ALA B 193 -38.99 -24.05 24.20
C ALA B 193 -39.91 -25.28 24.27
N ASP B 194 -40.83 -25.43 23.30
CA ASP B 194 -41.72 -26.60 23.23
C ASP B 194 -40.94 -27.89 23.04
N LEU B 195 -39.88 -27.82 22.24
CA LEU B 195 -39.01 -28.95 22.01
C LEU B 195 -38.38 -29.48 23.30
N TYR B 196 -37.75 -28.60 24.08
CA TYR B 196 -37.16 -28.98 25.35
C TYR B 196 -38.22 -29.43 26.36
N ARG B 197 -39.32 -28.68 26.44
CA ARG B 197 -40.43 -29.06 27.34
C ARG B 197 -41.00 -30.46 27.07
N HIS B 198 -41.05 -30.85 25.80
CA HIS B 198 -41.65 -32.14 25.42
C HIS B 198 -40.69 -33.32 25.31
N LEU B 199 -39.39 -33.06 25.28
CA LEU B 199 -38.37 -34.15 25.24
C LEU B 199 -37.96 -34.58 26.64
N MET B 200 -37.90 -33.60 27.54
CA MET B 200 -37.47 -33.79 28.93
C MET B 200 -38.20 -34.86 29.77
N PRO B 201 -39.55 -35.00 29.66
CA PRO B 201 -40.22 -36.08 30.40
C PRO B 201 -39.77 -37.51 30.06
N SER B 202 -39.09 -37.68 28.93
CA SER B 202 -38.62 -39.02 28.55
C SER B 202 -37.30 -39.42 29.22
N PHE B 203 -36.55 -38.46 29.77
CA PHE B 203 -35.20 -38.76 30.28
C PHE B 203 -34.70 -37.99 31.52
N ALA B 204 -35.38 -36.94 31.92
CA ALA B 204 -34.95 -36.18 33.09
C ALA B 204 -35.30 -36.88 34.40
N MET B 205 -34.42 -36.72 35.37
CA MET B 205 -34.67 -37.14 36.74
C MET B 205 -35.81 -36.33 37.42
N PRO B 206 -36.37 -36.83 38.54
CA PRO B 206 -37.46 -36.11 39.21
C PRO B 206 -37.11 -34.67 39.63
N GLY B 207 -38.05 -33.75 39.44
CA GLY B 207 -37.90 -32.36 39.85
C GLY B 207 -37.01 -31.48 38.99
N ILE B 208 -36.45 -32.04 37.92
CA ILE B 208 -35.51 -31.28 37.08
C ILE B 208 -36.24 -30.29 36.16
N LEU B 209 -37.27 -30.75 35.46
CA LEU B 209 -38.04 -29.91 34.53
C LEU B 209 -38.61 -28.63 35.15
N VAL B 210 -39.17 -28.75 36.35
CA VAL B 210 -39.76 -27.59 37.05
C VAL B 210 -38.72 -26.54 37.45
N ARG B 211 -37.46 -26.96 37.56
CA ARG B 211 -36.34 -26.06 37.85
C ARG B 211 -35.77 -25.37 36.61
N LEU B 212 -36.20 -25.78 35.42
CA LEU B 212 -35.74 -25.12 34.19
C LEU B 212 -36.51 -23.83 33.95
N ASP B 213 -35.80 -22.83 33.45
CA ASP B 213 -36.31 -21.46 33.27
C ASP B 213 -36.29 -21.14 31.77
N PHE B 214 -37.48 -21.14 31.19
CA PHE B 214 -37.69 -20.91 29.75
C PHE B 214 -37.93 -19.43 29.44
N SER B 215 -37.98 -18.60 30.47
CA SER B 215 -38.43 -17.22 30.36
C SER B 215 -37.59 -16.35 29.41
N PRO B 216 -38.24 -15.35 28.76
CA PRO B 216 -37.50 -14.40 27.94
C PRO B 216 -36.56 -13.51 28.76
N GLU B 217 -36.92 -13.21 30.01
CA GLU B 217 -36.05 -12.39 30.86
C GLU B 217 -34.74 -13.07 31.27
N ARG B 218 -34.76 -14.39 31.45
CA ARG B 218 -33.50 -15.14 31.58
C ARG B 218 -32.73 -15.11 30.25
N GLY B 219 -33.43 -15.41 29.15
CA GLY B 219 -32.87 -15.30 27.80
C GLY B 219 -32.07 -14.04 27.55
N SER B 220 -32.64 -12.90 27.95
CA SER B 220 -32.03 -11.57 27.84
C SER B 220 -30.72 -11.44 28.64
N ARG B 221 -30.73 -11.94 29.88
CA ARG B 221 -29.54 -11.91 30.73
C ARG B 221 -28.42 -12.79 30.16
N VAL B 222 -28.81 -13.96 29.64
CA VAL B 222 -27.89 -14.91 29.03
C VAL B 222 -27.20 -14.29 27.79
N TYR B 223 -28.01 -13.74 26.90
CA TYR B 223 -27.51 -13.09 25.68
C TYR B 223 -26.43 -12.06 26.02
N GLU B 224 -26.79 -11.11 26.89
CA GLU B 224 -25.88 -10.04 27.35
C GLU B 224 -24.62 -10.59 28.03
N ALA B 225 -24.76 -11.65 28.84
CA ALA B 225 -23.59 -12.28 29.47
C ALA B 225 -22.67 -12.98 28.46
N ALA B 226 -23.28 -13.60 27.44
CA ALA B 226 -22.53 -14.30 26.38
C ALA B 226 -21.85 -13.34 25.40
N MET B 227 -22.48 -12.19 25.13
CA MET B 227 -21.87 -11.18 24.27
C MET B 227 -20.69 -10.53 24.96
N LYS B 228 -20.84 -10.30 26.26
CA LYS B 228 -19.82 -9.67 27.10
C LYS B 228 -18.61 -10.58 27.34
N GLN B 229 -18.81 -11.89 27.18
CA GLN B 229 -17.74 -12.87 27.27
C GLN B 229 -17.03 -13.10 25.93
N ARG B 230 -17.77 -13.02 24.82
CA ARG B 230 -17.22 -13.15 23.47
C ARG B 230 -16.48 -11.90 22.96
N GLU B 231 -16.87 -10.72 23.44
CA GLU B 231 -16.24 -9.45 23.07
C GLU B 231 -15.14 -9.05 24.04
N ALA C 18 3.32 -24.81 -10.93
CA ALA C 18 2.81 -23.39 -10.99
C ALA C 18 3.08 -22.76 -12.35
N ILE C 19 4.27 -23.04 -12.89
CA ILE C 19 4.59 -22.74 -14.28
C ILE C 19 3.77 -23.67 -15.20
N ARG C 20 3.60 -24.92 -14.76
CA ARG C 20 2.69 -25.87 -15.40
C ARG C 20 1.22 -25.42 -15.32
N THR C 21 0.87 -24.79 -14.20
CA THR C 21 -0.46 -24.19 -14.01
C THR C 21 -0.65 -22.99 -14.94
N ARG C 22 0.38 -22.14 -15.05
CA ARG C 22 0.32 -20.97 -15.94
C ARG C 22 0.07 -21.40 -17.38
N GLN C 23 0.76 -22.45 -17.82
CA GLN C 23 0.61 -22.98 -19.19
C GLN C 23 -0.75 -23.58 -19.47
N THR C 24 -1.29 -24.33 -18.50
CA THR C 24 -2.64 -24.88 -18.61
C THR C 24 -3.66 -23.75 -18.80
N ILE C 25 -3.53 -22.68 -18.01
CA ILE C 25 -4.41 -21.51 -18.12
C ILE C 25 -4.23 -20.83 -19.49
N LEU C 26 -2.98 -20.67 -19.90
CA LEU C 26 -2.63 -20.00 -21.14
C LEU C 26 -3.19 -20.76 -22.35
N VAL C 27 -2.99 -22.08 -22.38
CA VAL C 27 -3.57 -22.95 -23.41
C VAL C 27 -5.11 -22.78 -23.45
N ALA C 28 -5.74 -22.91 -22.29
CA ALA C 28 -7.19 -22.80 -22.19
C ALA C 28 -7.68 -21.46 -22.76
N ALA C 29 -7.02 -20.38 -22.32
CA ALA C 29 -7.30 -19.03 -22.78
C ALA C 29 -7.18 -18.91 -24.29
N ALA C 30 -6.05 -19.40 -24.82
CA ALA C 30 -5.80 -19.43 -26.28
C ALA C 30 -6.95 -20.10 -27.04
N GLU C 31 -7.37 -21.27 -26.57
CA GLU C 31 -8.48 -22.02 -27.22
C GLU C 31 -9.80 -21.27 -27.17
N VAL C 32 -10.10 -20.64 -26.04
CA VAL C 32 -11.34 -19.86 -25.88
C VAL C 32 -11.32 -18.65 -26.83
N PHE C 33 -10.17 -17.96 -26.88
CA PHE C 33 -10.00 -16.80 -27.75
C PHE C 33 -10.15 -17.22 -29.21
N ASP C 34 -9.55 -18.36 -29.58
CA ASP C 34 -9.70 -18.93 -30.92
C ASP C 34 -11.17 -19.17 -31.27
N GLU C 35 -11.91 -19.77 -30.34
CA GLU C 35 -13.27 -20.24 -30.60
C GLU C 35 -14.31 -19.14 -30.64
N VAL C 36 -14.08 -18.04 -29.93
CA VAL C 36 -15.13 -17.05 -29.74
C VAL C 36 -14.65 -15.59 -29.87
N GLY C 37 -13.33 -15.39 -29.90
CA GLY C 37 -12.75 -14.05 -30.01
C GLY C 37 -12.59 -13.36 -28.68
N TYR C 38 -11.81 -12.28 -28.69
CA TYR C 38 -11.45 -11.58 -27.45
C TYR C 38 -12.64 -10.98 -26.68
N GLU C 39 -13.47 -10.19 -27.36
CA GLU C 39 -14.57 -9.47 -26.69
C GLU C 39 -15.65 -10.39 -26.10
N ALA C 40 -15.90 -11.53 -26.75
CA ALA C 40 -16.91 -12.49 -26.31
C ALA C 40 -16.44 -13.47 -25.22
N ALA C 41 -15.14 -13.81 -25.25
CA ALA C 41 -14.52 -14.64 -24.21
C ALA C 41 -14.69 -14.04 -22.82
N THR C 42 -14.95 -14.89 -21.85
CA THR C 42 -15.07 -14.49 -20.44
C THR C 42 -14.05 -15.25 -19.58
N ILE C 43 -13.73 -14.67 -18.43
CA ILE C 43 -12.95 -15.32 -17.37
C ILE C 43 -13.56 -16.67 -16.99
N SER C 44 -14.89 -16.74 -16.97
CA SER C 44 -15.63 -17.98 -16.72
C SER C 44 -15.30 -19.12 -17.72
N ASP C 45 -15.33 -18.80 -19.02
CA ASP C 45 -14.91 -19.72 -20.09
C ASP C 45 -13.50 -20.30 -19.85
N VAL C 46 -12.56 -19.41 -19.52
CA VAL C 46 -11.18 -19.79 -19.24
C VAL C 46 -11.10 -20.72 -18.02
N LEU C 47 -11.83 -20.37 -16.96
CA LEU C 47 -11.88 -21.19 -15.73
C LEU C 47 -12.41 -22.62 -15.99
N LYS C 48 -13.54 -22.71 -16.69
CA LYS C 48 -14.11 -24.00 -17.09
C LYS C 48 -13.12 -24.84 -17.89
N ARG C 49 -12.49 -24.24 -18.90
CA ARG C 49 -11.55 -24.96 -19.77
C ARG C 49 -10.28 -25.41 -19.05
N SER C 50 -9.68 -24.50 -18.28
CA SER C 50 -8.44 -24.77 -17.54
C SER C 50 -8.67 -25.71 -16.36
N GLY C 51 -9.85 -25.61 -15.74
CA GLY C 51 -10.17 -26.37 -14.52
C GLY C 51 -9.55 -25.81 -13.26
N VAL C 52 -8.94 -24.63 -13.35
CA VAL C 52 -8.29 -24.03 -12.17
C VAL C 52 -9.30 -23.19 -11.38
N THR C 53 -8.93 -22.84 -10.15
CA THR C 53 -9.77 -22.00 -9.28
C THR C 53 -9.54 -20.53 -9.63
N LYS C 54 -10.47 -19.68 -9.21
CA LYS C 54 -10.33 -18.22 -9.36
C LYS C 54 -9.05 -17.65 -8.76
N GLY C 55 -8.66 -18.16 -7.58
CA GLY C 55 -7.42 -17.79 -6.93
C GLY C 55 -6.19 -18.17 -7.72
N ALA C 56 -6.19 -19.40 -8.25
CA ALA C 56 -5.10 -19.94 -9.05
C ALA C 56 -4.86 -19.14 -10.33
N LEU C 57 -5.96 -18.67 -10.93
CA LEU C 57 -5.90 -17.83 -12.14
C LEU C 57 -5.43 -16.42 -11.79
N TYR C 58 -6.05 -15.80 -10.78
CA TYR C 58 -5.68 -14.45 -10.33
C TYR C 58 -4.20 -14.30 -9.96
N PHE C 59 -3.62 -15.39 -9.44
CA PHE C 59 -2.20 -15.48 -9.10
C PHE C 59 -1.31 -15.24 -10.33
N HIS C 60 -1.73 -15.78 -11.48
CA HIS C 60 -0.98 -15.66 -12.72
C HIS C 60 -1.45 -14.51 -13.62
N PHE C 61 -2.76 -14.26 -13.65
CA PHE C 61 -3.35 -13.23 -14.52
C PHE C 61 -4.44 -12.43 -13.82
N THR C 62 -4.26 -11.12 -13.79
CA THR C 62 -5.13 -10.17 -13.10
C THR C 62 -6.42 -9.83 -13.85
N SER C 63 -6.38 -9.99 -15.18
CA SER C 63 -7.49 -9.63 -16.08
C SER C 63 -7.47 -10.42 -17.38
N LYS C 64 -8.58 -10.37 -18.12
CA LYS C 64 -8.70 -10.95 -19.46
C LYS C 64 -7.65 -10.36 -20.42
N GLN C 65 -7.47 -9.04 -20.28
CA GLN C 65 -6.47 -8.27 -20.99
C GLN C 65 -5.05 -8.84 -20.84
N GLU C 66 -4.71 -9.23 -19.60
CA GLU C 66 -3.39 -9.79 -19.31
C GLU C 66 -3.22 -11.16 -19.93
N LEU C 67 -4.28 -11.96 -19.88
CA LEU C 67 -4.29 -13.26 -20.54
C LEU C 67 -4.03 -13.11 -22.04
N ALA C 68 -4.75 -12.20 -22.70
CA ALA C 68 -4.60 -11.99 -24.13
C ALA C 68 -3.21 -11.50 -24.51
N GLN C 69 -2.68 -10.53 -23.74
CA GLN C 69 -1.31 -10.03 -23.95
C GLN C 69 -0.27 -11.14 -23.81
N ALA C 70 -0.51 -12.05 -22.87
CA ALA C 70 0.39 -13.19 -22.67
C ALA C 70 0.34 -14.19 -23.82
N VAL C 71 -0.86 -14.55 -24.31
CA VAL C 71 -0.91 -15.44 -25.48
C VAL C 71 -0.35 -14.78 -26.76
N LEU C 72 -0.50 -13.47 -26.90
CA LEU C 72 0.16 -12.72 -27.98
C LEU C 72 1.69 -12.79 -27.88
N ALA C 73 2.19 -12.59 -26.66
CA ALA C 73 3.63 -12.61 -26.37
C ALA C 73 4.29 -13.94 -26.70
N GLU C 74 3.55 -15.03 -26.56
CA GLU C 74 4.11 -16.37 -26.74
C GLU C 74 3.99 -17.00 -28.13
N GLN C 75 3.46 -16.25 -29.09
CA GLN C 75 3.22 -16.75 -30.44
C GLN C 75 4.45 -17.37 -31.08
N VAL C 76 5.52 -16.58 -31.21
CA VAL C 76 6.75 -17.01 -31.88
C VAL C 76 7.45 -18.13 -31.08
N ALA C 77 7.62 -17.90 -29.78
CA ALA C 77 8.29 -18.86 -28.88
C ALA C 77 7.66 -20.26 -28.91
N SER C 78 6.34 -20.30 -29.09
CA SER C 78 5.56 -21.53 -29.00
C SER C 78 5.76 -22.52 -30.17
N LEU C 79 6.26 -22.02 -31.29
CA LEU C 79 6.54 -22.84 -32.47
C LEU C 79 7.70 -23.79 -32.17
N PRO C 80 7.47 -25.11 -32.37
CA PRO C 80 8.56 -26.09 -32.30
C PRO C 80 9.67 -25.72 -33.26
N ARG C 81 10.92 -25.82 -32.82
CA ARG C 81 12.09 -25.55 -33.68
C ARG C 81 12.16 -26.58 -34.80
N VAL C 82 12.23 -26.10 -36.04
CA VAL C 82 12.38 -27.01 -37.19
C VAL C 82 13.80 -27.61 -37.19
N PRO C 83 13.94 -28.90 -37.59
CA PRO C 83 15.28 -29.46 -37.77
C PRO C 83 16.11 -28.65 -38.77
N GLU C 84 17.38 -28.45 -38.41
CA GLU C 84 18.33 -27.67 -39.20
C GLU C 84 18.47 -28.20 -40.63
N GLN C 85 18.48 -27.27 -41.60
CA GLN C 85 18.62 -27.62 -43.01
C GLN C 85 19.88 -27.00 -43.62
N GLU C 86 20.46 -27.67 -44.62
CA GLU C 86 21.59 -27.12 -45.39
C GLU C 86 21.25 -25.71 -45.91
N LEU C 87 20.08 -25.60 -46.54
CA LEU C 87 19.61 -24.34 -47.07
C LEU C 87 18.76 -23.63 -46.02
N LYS C 88 19.17 -22.42 -45.66
CA LYS C 88 18.41 -21.59 -44.73
C LYS C 88 17.02 -21.24 -45.25
N LEU C 89 16.90 -21.06 -46.56
CA LEU C 89 15.59 -20.89 -47.18
C LEU C 89 14.70 -22.13 -47.06
N GLN C 90 15.30 -23.33 -47.01
CA GLN C 90 14.54 -24.55 -46.69
C GLN C 90 14.03 -24.49 -45.26
N GLN C 91 14.86 -23.97 -44.35
CA GLN C 91 14.43 -23.78 -42.96
C GLN C 91 13.20 -22.87 -42.86
N SER C 92 13.25 -21.75 -43.57
CA SER C 92 12.16 -20.76 -43.60
C SER C 92 10.85 -21.35 -44.12
N LEU C 93 10.94 -22.00 -45.29
CA LEU C 93 9.83 -22.74 -45.88
C LEU C 93 9.26 -23.78 -44.90
N ASP C 94 10.15 -24.57 -44.31
CA ASP C 94 9.77 -25.58 -43.29
C ASP C 94 9.00 -24.95 -42.14
N GLU C 95 9.49 -23.82 -41.64
CA GLU C 95 8.77 -23.05 -40.60
C GLU C 95 7.37 -22.60 -41.06
N ALA C 96 7.30 -22.03 -42.27
CA ALA C 96 6.06 -21.58 -42.85
C ALA C 96 5.07 -22.73 -42.97
N LEU C 97 5.55 -23.87 -43.45
CA LEU C 97 4.72 -25.04 -43.65
C LEU C 97 4.31 -25.64 -42.31
N LEU C 98 5.23 -25.59 -41.33
CA LEU C 98 4.94 -26.08 -39.97
C LEU C 98 3.81 -25.27 -39.35
N LEU C 99 3.90 -23.94 -39.45
CA LEU C 99 2.87 -23.06 -38.93
C LEU C 99 1.51 -23.30 -39.60
N ALA C 100 1.52 -23.50 -40.92
CA ALA C 100 0.31 -23.81 -41.68
C ALA C 100 -0.38 -25.09 -41.19
N HIS C 101 0.45 -26.11 -40.91
CA HIS C 101 0.00 -27.37 -40.33
C HIS C 101 -0.62 -27.17 -38.94
N LEU C 102 0.05 -26.37 -38.11
CA LEU C 102 -0.42 -26.09 -36.75
C LEU C 102 -1.72 -25.31 -36.72
N LEU C 103 -1.90 -24.41 -37.69
CA LEU C 103 -3.13 -23.63 -37.83
C LEU C 103 -4.35 -24.44 -38.31
N ARG C 104 -4.11 -25.60 -38.91
CA ARG C 104 -5.17 -26.57 -39.17
C ARG C 104 -5.44 -27.41 -37.93
N GLU C 105 -4.42 -28.12 -37.46
CA GLU C 105 -4.51 -29.03 -36.32
C GLU C 105 -3.51 -28.54 -35.25
N GLY C 106 -4.04 -28.09 -34.11
CA GLY C 106 -3.23 -27.44 -33.09
C GLY C 106 -2.50 -28.27 -32.04
N THR C 107 -2.57 -29.61 -32.17
CA THR C 107 -1.98 -30.56 -31.20
C THR C 107 -0.56 -30.25 -30.72
N GLY C 108 0.32 -29.88 -31.66
CA GLY C 108 1.71 -29.60 -31.33
C GLY C 108 1.95 -28.26 -30.67
N ASP C 109 1.02 -27.32 -30.90
CA ASP C 109 1.15 -25.96 -30.41
C ASP C 109 -0.24 -25.40 -30.12
N PRO C 110 -0.86 -25.79 -28.98
CA PRO C 110 -2.27 -25.40 -28.71
C PRO C 110 -2.51 -23.90 -28.53
N ILE C 111 -1.41 -23.14 -28.43
CA ILE C 111 -1.39 -21.68 -28.27
C ILE C 111 -1.57 -20.90 -29.60
N VAL C 112 -0.97 -21.37 -30.70
CA VAL C 112 -0.87 -20.56 -31.96
C VAL C 112 -2.19 -20.08 -32.53
N GLN C 113 -3.17 -20.98 -32.61
CA GLN C 113 -4.42 -20.67 -33.30
C GLN C 113 -5.11 -19.45 -32.66
N GLY C 114 -5.24 -19.47 -31.34
CA GLY C 114 -5.79 -18.32 -30.60
C GLY C 114 -4.94 -17.08 -30.68
N SER C 115 -3.63 -17.26 -30.54
CA SER C 115 -2.68 -16.14 -30.62
C SER C 115 -2.81 -15.42 -31.97
N VAL C 116 -2.82 -16.21 -33.05
CA VAL C 116 -2.97 -15.72 -34.42
C VAL C 116 -4.31 -14.98 -34.62
N ARG C 117 -5.42 -15.57 -34.15
CA ARG C 117 -6.73 -14.90 -34.25
C ARG C 117 -6.73 -13.55 -33.55
N LEU C 118 -6.15 -13.52 -32.34
CA LEU C 118 -5.93 -12.27 -31.59
C LEU C 118 -5.09 -11.22 -32.33
N THR C 119 -4.11 -11.70 -33.12
CA THR C 119 -3.25 -10.82 -33.94
C THR C 119 -4.04 -10.22 -35.12
N VAL C 120 -4.79 -11.07 -35.82
CA VAL C 120 -5.51 -10.67 -37.03
C VAL C 120 -6.79 -9.87 -36.75
N ASP C 121 -7.62 -10.34 -35.80
CA ASP C 121 -8.85 -9.61 -35.41
C ASP C 121 -8.48 -8.19 -35.02
N GLN C 122 -9.25 -7.24 -35.55
CA GLN C 122 -8.90 -5.84 -35.43
C GLN C 122 -9.08 -5.25 -34.02
N GLY C 123 -10.13 -5.68 -33.32
CA GLY C 123 -10.52 -5.09 -32.04
C GLY C 123 -10.77 -3.58 -32.10
N SER C 124 -10.50 -2.90 -30.99
CA SER C 124 -10.49 -1.43 -30.94
C SER C 124 -9.18 -0.93 -30.29
N PRO C 125 -8.87 0.38 -30.41
CA PRO C 125 -7.77 0.90 -29.56
C PRO C 125 -8.07 0.86 -28.05
N ARG C 126 -9.34 0.78 -27.67
CA ARG C 126 -9.73 0.70 -26.26
C ARG C 126 -9.51 -0.67 -25.60
N ASP C 127 -9.19 -1.71 -26.39
CA ASP C 127 -9.01 -3.07 -25.85
C ASP C 127 -7.66 -3.35 -25.14
N HIS C 128 -6.69 -2.45 -25.35
CA HIS C 128 -5.36 -2.50 -24.73
C HIS C 128 -4.51 -3.72 -25.14
N LEU C 129 -4.78 -4.24 -26.33
CA LEU C 129 -4.03 -5.37 -26.87
C LEU C 129 -3.02 -4.92 -27.91
N ASN C 130 -1.77 -5.35 -27.72
CA ASN C 130 -0.67 -4.95 -28.60
C ASN C 130 -0.43 -6.06 -29.60
N ARG C 131 -0.95 -5.85 -30.81
CA ARG C 131 -0.85 -6.83 -31.89
C ARG C 131 0.50 -6.76 -32.59
N ARG C 132 1.25 -5.70 -32.28
CA ARG C 132 2.59 -5.47 -32.84
C ARG C 132 3.62 -6.42 -32.28
N VAL C 133 3.37 -6.96 -31.09
CA VAL C 133 4.33 -7.83 -30.39
C VAL C 133 4.66 -9.11 -31.19
N PRO C 134 3.65 -9.96 -31.52
CA PRO C 134 4.06 -11.12 -32.30
C PRO C 134 4.57 -10.80 -33.71
N MET C 135 4.02 -9.74 -34.33
CA MET C 135 4.40 -9.33 -35.68
C MET C 135 5.84 -8.82 -35.77
N GLN C 136 6.28 -8.03 -34.80
CA GLN C 136 7.67 -7.57 -34.70
C GLN C 136 8.60 -8.77 -34.55
N ALA C 137 8.24 -9.71 -33.67
CA ALA C 137 9.05 -10.89 -33.38
C ALA C 137 9.21 -11.83 -34.59
N TRP C 138 8.13 -12.05 -35.34
CA TRP C 138 8.19 -12.83 -36.58
C TRP C 138 9.10 -12.17 -37.60
N THR C 139 9.01 -10.84 -37.72
CA THR C 139 9.80 -10.06 -38.69
C THR C 139 11.29 -10.18 -38.35
N GLU C 140 11.61 -10.07 -37.05
CA GLU C 140 12.98 -10.15 -36.56
C GLU C 140 13.54 -11.56 -36.79
N HIS C 141 12.72 -12.57 -36.50
CA HIS C 141 13.09 -13.97 -36.74
C HIS C 141 13.38 -14.24 -38.22
N THR C 142 12.53 -13.75 -39.10
CA THR C 142 12.61 -14.03 -40.53
C THR C 142 13.80 -13.28 -41.14
N GLN C 143 13.98 -12.04 -40.67
CA GLN C 143 15.12 -11.24 -41.09
C GLN C 143 16.46 -11.88 -40.73
N SER C 144 16.57 -12.39 -39.51
CA SER C 144 17.79 -13.04 -39.05
C SER C 144 18.08 -14.31 -39.86
N LEU C 145 17.05 -15.08 -40.15
CA LEU C 145 17.17 -16.23 -41.04
C LEU C 145 17.59 -15.80 -42.46
N PHE C 146 17.01 -14.71 -42.96
CA PHE C 146 17.37 -14.22 -44.31
C PHE C 146 18.81 -13.66 -44.36
N GLU C 147 19.30 -13.10 -43.24
CA GLU C 147 20.67 -12.60 -43.13
C GLU C 147 21.68 -13.75 -43.28
N GLU C 148 21.38 -14.89 -42.64
CA GLU C 148 22.17 -16.11 -42.75
C GLU C 148 22.15 -16.66 -44.18
N ALA C 149 20.95 -16.79 -44.74
CA ALA C 149 20.76 -17.25 -46.12
C ALA C 149 21.60 -16.43 -47.10
N ARG C 150 21.58 -15.11 -46.94
CA ARG C 150 22.31 -14.19 -47.78
C ARG C 150 23.82 -14.37 -47.68
N ALA C 151 24.31 -14.48 -46.44
CA ALA C 151 25.74 -14.68 -46.21
C ALA C 151 26.23 -16.02 -46.78
N LYS C 152 25.33 -17.02 -46.80
CA LYS C 152 25.65 -18.35 -47.32
C LYS C 152 25.49 -18.48 -48.85
N GLY C 153 25.10 -17.40 -49.49
CA GLY C 153 24.91 -17.36 -50.95
C GLY C 153 23.65 -17.99 -51.52
N GLU C 154 22.57 -17.97 -50.75
CA GLU C 154 21.25 -18.47 -51.20
C GLU C 154 20.40 -17.33 -51.78
N ILE C 155 20.65 -16.11 -51.31
CA ILE C 155 19.94 -14.95 -51.81
C ILE C 155 20.94 -13.89 -52.26
N LEU C 156 20.50 -12.99 -53.15
CA LEU C 156 21.36 -11.98 -53.75
C LEU C 156 22.13 -11.20 -52.69
N PRO C 157 23.45 -10.96 -52.93
CA PRO C 157 24.34 -10.39 -51.91
C PRO C 157 23.91 -9.05 -51.32
N HIS C 158 23.12 -8.28 -52.06
CA HIS C 158 22.61 -6.98 -51.59
C HIS C 158 21.09 -6.88 -51.47
N ALA C 159 20.40 -8.01 -51.39
CA ALA C 159 18.94 -7.97 -51.19
C ALA C 159 18.61 -7.29 -49.86
N ASP C 160 17.52 -6.52 -49.87
CA ASP C 160 17.07 -5.83 -48.68
C ASP C 160 16.36 -6.88 -47.81
N VAL C 161 17.13 -7.44 -46.90
CA VAL C 161 16.70 -8.53 -46.02
C VAL C 161 15.56 -8.09 -45.05
N GLU C 162 15.60 -6.83 -44.62
CA GLU C 162 14.50 -6.26 -43.82
C GLU C 162 13.18 -6.17 -44.59
N ALA C 163 13.21 -5.60 -45.79
CA ALA C 163 12.02 -5.49 -46.62
C ALA C 163 11.46 -6.86 -47.03
N LEU C 164 12.34 -7.81 -47.32
CA LEU C 164 11.94 -9.19 -47.61
C LEU C 164 11.17 -9.83 -46.45
N ALA C 165 11.69 -9.65 -45.24
CA ALA C 165 11.10 -10.26 -44.04
C ALA C 165 9.69 -9.71 -43.77
N LYS C 166 9.52 -8.38 -43.90
CA LYS C 166 8.20 -7.71 -43.80
C LYS C 166 7.23 -8.27 -44.85
N LEU C 167 7.72 -8.39 -46.08
CA LEU C 167 6.97 -8.99 -47.19
C LEU C 167 6.49 -10.42 -46.88
N PHE C 168 7.40 -11.28 -46.43
CA PHE C 168 7.08 -12.67 -46.08
C PHE C 168 6.11 -12.83 -44.91
N VAL C 169 6.34 -12.08 -43.83
CA VAL C 169 5.44 -12.12 -42.65
C VAL C 169 4.03 -11.63 -43.05
N GLY C 170 3.96 -10.46 -43.69
CA GLY C 170 2.74 -9.91 -44.31
C GLY C 170 2.01 -10.88 -45.23
N ALA C 171 2.69 -11.34 -46.29
CA ALA C 171 2.07 -12.24 -47.26
C ALA C 171 1.61 -13.56 -46.66
N PHE C 172 2.41 -14.14 -45.77
CA PHE C 172 2.01 -15.36 -45.08
C PHE C 172 0.69 -15.13 -44.36
N THR C 173 0.61 -14.05 -43.58
CA THR C 173 -0.58 -13.72 -42.79
C THR C 173 -1.84 -13.68 -43.68
N GLY C 174 -1.71 -13.08 -44.85
CA GLY C 174 -2.84 -12.97 -45.79
C GLY C 174 -3.24 -14.26 -46.48
N VAL C 175 -2.25 -15.03 -46.93
CA VAL C 175 -2.47 -16.37 -47.50
C VAL C 175 -3.25 -17.23 -46.48
N GLN C 176 -2.83 -17.12 -45.22
CA GLN C 176 -3.45 -17.76 -44.06
C GLN C 176 -4.94 -17.38 -43.94
N VAL C 177 -5.22 -16.07 -43.85
CA VAL C 177 -6.57 -15.51 -43.75
C VAL C 177 -7.47 -15.95 -44.90
N LEU C 178 -6.96 -15.83 -46.14
CA LEU C 178 -7.70 -16.24 -47.34
C LEU C 178 -8.08 -17.70 -47.30
N SER C 179 -7.10 -18.53 -46.93
CA SER C 179 -7.27 -19.98 -46.87
C SER C 179 -8.34 -20.38 -45.86
N ARG C 180 -8.29 -19.77 -44.68
CA ARG C 180 -9.30 -19.90 -43.63
C ARG C 180 -10.69 -19.56 -44.16
N ILE C 181 -10.79 -18.40 -44.81
CA ILE C 181 -12.07 -17.93 -45.35
C ILE C 181 -12.57 -18.91 -46.42
N MET C 182 -11.72 -19.23 -47.40
CA MET C 182 -12.20 -19.99 -48.57
C MET C 182 -12.33 -21.50 -48.39
N THR C 183 -11.46 -22.09 -47.59
CA THR C 183 -11.35 -23.57 -47.50
C THR C 183 -11.27 -24.10 -46.06
N GLY C 184 -11.42 -23.24 -45.06
CA GLY C 184 -11.20 -23.62 -43.65
C GLY C 184 -9.76 -24.11 -43.44
N ARG C 185 -8.85 -23.55 -44.24
CA ARG C 185 -7.43 -23.91 -44.28
C ARG C 185 -7.08 -25.25 -44.96
N ALA C 186 -8.04 -25.85 -45.65
CA ALA C 186 -7.77 -27.11 -46.40
C ALA C 186 -6.67 -26.97 -47.45
N ASP C 187 -6.60 -25.79 -48.10
CA ASP C 187 -5.62 -25.56 -49.16
C ASP C 187 -4.37 -24.79 -48.70
N LEU C 188 -4.23 -24.62 -47.38
CA LEU C 188 -3.17 -23.76 -46.82
C LEU C 188 -1.75 -24.18 -47.22
N ALA C 189 -1.45 -25.48 -47.13
CA ALA C 189 -0.11 -25.99 -47.52
C ALA C 189 0.27 -25.62 -48.96
N GLU C 190 -0.65 -25.87 -49.88
CA GLU C 190 -0.47 -25.52 -51.30
C GLU C 190 -0.32 -24.01 -51.50
N ARG C 191 -1.14 -23.22 -50.80
CA ARG C 191 -1.11 -21.76 -50.90
C ARG C 191 0.20 -21.16 -50.38
N VAL C 192 0.73 -21.72 -49.30
CA VAL C 192 2.03 -21.32 -48.73
C VAL C 192 3.21 -21.71 -49.64
N ALA C 193 3.12 -22.91 -50.24
CA ALA C 193 4.09 -23.36 -51.23
C ALA C 193 4.14 -22.45 -52.46
N ASP C 194 2.96 -22.14 -53.04
CA ASP C 194 2.81 -21.13 -54.10
C ASP C 194 3.48 -19.80 -53.74
N LEU C 195 3.23 -19.36 -52.50
CA LEU C 195 3.83 -18.11 -52.00
C LEU C 195 5.36 -18.11 -52.14
N TYR C 196 6.00 -19.15 -51.60
CA TYR C 196 7.46 -19.28 -51.62
C TYR C 196 8.00 -19.44 -53.03
N ARG C 197 7.33 -20.31 -53.81
CA ARG C 197 7.70 -20.57 -55.21
C ARG C 197 7.67 -19.30 -56.06
N HIS C 198 6.71 -18.42 -55.81
CA HIS C 198 6.59 -17.21 -56.61
C HIS C 198 7.42 -16.03 -56.11
N LEU C 199 7.74 -16.02 -54.82
CA LEU C 199 8.60 -14.95 -54.28
C LEU C 199 10.08 -15.17 -54.52
N MET C 200 10.53 -16.42 -54.52
CA MET C 200 11.96 -16.73 -54.70
C MET C 200 12.66 -16.23 -55.98
N PRO C 201 12.00 -16.30 -57.17
CA PRO C 201 12.62 -15.77 -58.39
C PRO C 201 13.08 -14.31 -58.30
N SER C 202 12.51 -13.53 -57.40
CA SER C 202 12.91 -12.12 -57.26
C SER C 202 14.23 -11.93 -56.50
N PHE C 203 14.61 -12.89 -55.64
CA PHE C 203 15.77 -12.75 -54.75
C PHE C 203 16.72 -13.96 -54.59
N ALA C 204 16.32 -15.14 -55.07
CA ALA C 204 17.17 -16.34 -54.88
C ALA C 204 18.36 -16.41 -55.85
N MET C 205 19.47 -16.93 -55.33
CA MET C 205 20.69 -17.17 -56.12
C MET C 205 20.48 -18.36 -57.08
N PRO C 206 21.35 -18.51 -58.12
CA PRO C 206 21.13 -19.57 -59.11
C PRO C 206 21.12 -20.97 -58.52
N GLY C 207 20.15 -21.77 -58.98
CA GLY C 207 20.07 -23.19 -58.59
C GLY C 207 19.51 -23.43 -57.20
N ILE C 208 19.12 -22.37 -56.48
CA ILE C 208 18.60 -22.52 -55.13
C ILE C 208 17.16 -23.06 -55.14
N LEU C 209 16.28 -22.39 -55.90
CA LEU C 209 14.85 -22.73 -55.90
C LEU C 209 14.55 -24.18 -56.26
N VAL C 210 15.29 -24.73 -57.23
CA VAL C 210 15.16 -26.14 -57.66
C VAL C 210 15.57 -27.15 -56.58
N ARG C 211 16.48 -26.75 -55.69
CA ARG C 211 16.95 -27.60 -54.58
C ARG C 211 15.97 -27.68 -53.39
N LEU C 212 14.98 -26.78 -53.34
CA LEU C 212 13.99 -26.74 -52.25
C LEU C 212 12.95 -27.84 -52.38
N ASP C 213 12.50 -28.34 -51.24
CA ASP C 213 11.50 -29.39 -51.17
C ASP C 213 10.10 -28.82 -50.89
N PHE C 214 9.31 -28.71 -51.95
CA PHE C 214 7.94 -28.20 -51.90
C PHE C 214 6.85 -29.29 -51.87
N SER C 215 7.27 -30.56 -51.71
CA SER C 215 6.35 -31.70 -51.79
C SER C 215 5.18 -31.61 -50.80
N PRO C 216 3.99 -32.13 -51.16
CA PRO C 216 2.78 -31.97 -50.32
C PRO C 216 2.94 -32.48 -48.89
N GLU C 217 3.75 -33.50 -48.69
CA GLU C 217 3.95 -34.10 -47.37
C GLU C 217 4.93 -33.32 -46.45
N ARG C 218 5.60 -32.29 -46.99
CA ARG C 218 6.70 -31.61 -46.30
C ARG C 218 6.32 -31.05 -44.93
N GLY C 219 5.24 -30.27 -44.87
CA GLY C 219 4.78 -29.64 -43.62
C GLY C 219 4.50 -30.62 -42.51
N SER C 220 3.91 -31.76 -42.88
CA SER C 220 3.68 -32.86 -41.96
C SER C 220 5.00 -33.48 -41.47
N ARG C 221 5.92 -33.74 -42.40
CA ARG C 221 7.25 -34.29 -42.08
C ARG C 221 8.04 -33.37 -41.16
N VAL C 222 7.99 -32.07 -41.45
CA VAL C 222 8.56 -31.04 -40.58
C VAL C 222 7.90 -31.10 -39.18
N TYR C 223 6.57 -31.16 -39.15
CA TYR C 223 5.85 -31.26 -37.87
C TYR C 223 6.34 -32.45 -37.04
N GLU C 224 6.28 -33.65 -37.62
CA GLU C 224 6.68 -34.86 -36.93
C GLU C 224 8.14 -34.84 -36.50
N ALA C 225 9.03 -34.31 -37.35
CA ALA C 225 10.46 -34.22 -37.00
C ALA C 225 10.73 -33.22 -35.85
N ALA C 226 10.05 -32.07 -35.88
CA ALA C 226 10.12 -31.08 -34.79
C ALA C 226 9.63 -31.65 -33.45
N MET C 227 8.55 -32.43 -33.50
CA MET C 227 7.95 -33.05 -32.32
C MET C 227 8.86 -34.11 -31.73
N LYS C 228 9.46 -34.91 -32.61
CA LYS C 228 10.45 -35.92 -32.24
C LYS C 228 11.68 -35.28 -31.57
N GLN C 229 12.09 -34.11 -32.07
CA GLN C 229 13.22 -33.36 -31.51
C GLN C 229 12.93 -32.79 -30.11
N ARG C 230 11.68 -32.38 -29.89
CA ARG C 230 11.21 -31.84 -28.60
C ARG C 230 10.69 -32.94 -27.68
N GLN D 15 51.54 38.80 -22.49
CA GLN D 15 50.42 38.02 -21.91
C GLN D 15 49.22 38.91 -21.59
N GLU D 16 49.51 40.11 -21.08
CA GLU D 16 48.47 41.11 -20.76
C GLU D 16 47.63 41.52 -21.97
N ARG D 17 48.30 41.78 -23.11
CA ARG D 17 47.63 42.10 -24.37
C ARG D 17 46.81 40.90 -24.90
N ALA D 18 47.40 39.70 -24.81
CA ALA D 18 46.72 38.45 -25.18
C ALA D 18 45.43 38.19 -24.37
N ILE D 19 45.44 38.63 -23.11
CA ILE D 19 44.27 38.54 -22.22
C ILE D 19 43.18 39.55 -22.59
N ARG D 20 43.57 40.79 -22.87
CA ARG D 20 42.64 41.83 -23.35
C ARG D 20 41.89 41.43 -24.63
N THR D 21 42.62 40.88 -25.60
CA THR D 21 42.06 40.50 -26.90
C THR D 21 41.11 39.30 -26.76
N ARG D 22 41.47 38.36 -25.88
CA ARG D 22 40.59 37.23 -25.53
C ARG D 22 39.26 37.72 -24.96
N GLN D 23 39.32 38.67 -24.03
CA GLN D 23 38.13 39.32 -23.47
C GLN D 23 37.30 40.04 -24.52
N THR D 24 37.98 40.83 -25.36
CA THR D 24 37.36 41.50 -26.51
C THR D 24 36.56 40.50 -27.36
N ILE D 25 37.17 39.36 -27.70
CA ILE D 25 36.57 38.31 -28.51
C ILE D 25 35.35 37.70 -27.81
N LEU D 26 35.55 37.35 -26.54
CA LEU D 26 34.52 36.71 -25.71
C LEU D 26 33.30 37.60 -25.52
N VAL D 27 33.53 38.90 -25.25
CA VAL D 27 32.46 39.90 -25.17
C VAL D 27 31.69 39.98 -26.50
N ALA D 28 32.43 39.99 -27.61
CA ALA D 28 31.83 40.03 -28.95
C ALA D 28 30.99 38.79 -29.26
N ALA D 29 31.53 37.62 -28.93
CA ALA D 29 30.83 36.35 -29.10
C ALA D 29 29.54 36.26 -28.27
N ALA D 30 29.62 36.60 -26.99
CA ALA D 30 28.45 36.59 -26.10
C ALA D 30 27.34 37.46 -26.71
N GLU D 31 27.72 38.64 -27.19
CA GLU D 31 26.78 39.58 -27.81
C GLU D 31 26.09 39.03 -29.06
N VAL D 32 26.83 38.35 -29.94
CA VAL D 32 26.20 37.72 -31.11
C VAL D 32 25.41 36.45 -30.75
N PHE D 33 25.86 35.72 -29.72
CA PHE D 33 25.06 34.60 -29.20
C PHE D 33 23.74 35.08 -28.61
N ASP D 34 23.78 36.25 -27.96
CA ASP D 34 22.59 36.87 -27.40
C ASP D 34 21.65 37.37 -28.50
N GLU D 35 22.22 38.08 -29.50
CA GLU D 35 21.45 38.69 -30.58
C GLU D 35 20.82 37.67 -31.52
N VAL D 36 21.45 36.51 -31.70
CA VAL D 36 21.04 35.59 -32.77
C VAL D 36 21.04 34.08 -32.40
N GLY D 37 21.55 33.73 -31.22
CA GLY D 37 21.62 32.31 -30.78
C GLY D 37 22.85 31.57 -31.30
N TYR D 38 23.11 30.40 -30.71
CA TYR D 38 24.29 29.62 -31.06
C TYR D 38 24.36 29.21 -32.54
N GLU D 39 23.31 28.52 -33.00
CA GLU D 39 23.22 27.95 -34.35
C GLU D 39 23.40 28.98 -35.46
N ALA D 40 22.68 30.09 -35.35
CA ALA D 40 22.67 31.15 -36.36
C ALA D 40 23.94 32.02 -36.34
N ALA D 41 24.60 32.10 -35.19
CA ALA D 41 25.88 32.80 -35.06
C ALA D 41 26.97 32.19 -35.95
N THR D 42 27.81 33.06 -36.52
CA THR D 42 28.93 32.67 -37.37
C THR D 42 30.24 33.28 -36.84
N ILE D 43 31.38 32.71 -37.23
CA ILE D 43 32.69 33.27 -36.92
C ILE D 43 32.79 34.69 -37.49
N SER D 44 32.35 34.83 -38.75
CA SER D 44 32.19 36.12 -39.43
C SER D 44 31.54 37.20 -38.55
N ASP D 45 30.43 36.84 -37.87
CA ASP D 45 29.76 37.75 -36.94
C ASP D 45 30.66 38.18 -35.79
N VAL D 46 31.36 37.21 -35.19
CA VAL D 46 32.27 37.44 -34.06
C VAL D 46 33.45 38.31 -34.51
N LEU D 47 34.02 38.01 -35.68
CA LEU D 47 35.14 38.77 -36.25
C LEU D 47 34.77 40.23 -36.55
N LYS D 48 33.60 40.43 -37.17
CA LYS D 48 33.07 41.77 -37.46
C LYS D 48 32.89 42.60 -36.19
N ARG D 49 32.29 41.98 -35.17
CA ARG D 49 32.07 42.66 -33.89
C ARG D 49 33.35 42.87 -33.06
N SER D 50 34.23 41.87 -33.01
CA SER D 50 35.47 41.95 -32.22
C SER D 50 36.57 42.77 -32.89
N GLY D 51 36.55 42.83 -34.22
CA GLY D 51 37.57 43.53 -35.00
C GLY D 51 38.88 42.77 -35.19
N VAL D 52 38.89 41.48 -34.86
CA VAL D 52 40.09 40.64 -35.00
C VAL D 52 40.03 39.81 -36.29
N THR D 53 41.17 39.25 -36.69
CA THR D 53 41.25 38.36 -37.85
C THR D 53 41.05 36.91 -37.45
N LYS D 54 40.74 36.06 -38.46
CA LYS D 54 40.55 34.62 -38.25
C LYS D 54 41.68 33.90 -37.51
N GLY D 55 42.93 34.24 -37.86
CA GLY D 55 44.11 33.75 -37.15
C GLY D 55 44.18 34.14 -35.68
N ALA D 56 43.91 35.42 -35.39
CA ALA D 56 43.93 35.95 -34.03
C ALA D 56 42.82 35.37 -33.16
N LEU D 57 41.63 35.18 -33.73
CA LEU D 57 40.55 34.47 -33.05
C LEU D 57 40.89 32.99 -32.81
N TYR D 58 41.46 32.33 -33.83
CA TYR D 58 41.90 30.93 -33.71
C TYR D 58 42.90 30.68 -32.59
N PHE D 59 43.81 31.63 -32.37
CA PHE D 59 44.76 31.60 -31.25
C PHE D 59 44.04 31.30 -29.93
N HIS D 60 42.96 32.02 -29.67
CA HIS D 60 42.22 31.93 -28.41
C HIS D 60 41.11 30.87 -28.38
N PHE D 61 40.45 30.64 -29.52
CA PHE D 61 39.33 29.69 -29.62
C PHE D 61 39.39 28.96 -30.95
N THR D 62 39.54 27.64 -30.85
CA THR D 62 39.65 26.73 -32.00
C THR D 62 38.36 26.70 -32.84
N SER D 63 37.21 26.73 -32.18
CA SER D 63 35.90 26.68 -32.87
C SER D 63 34.88 27.61 -32.20
N LYS D 64 33.74 27.78 -32.87
CA LYS D 64 32.54 28.44 -32.33
C LYS D 64 32.07 27.75 -31.04
N GLN D 65 32.17 26.42 -31.06
CA GLN D 65 31.85 25.54 -29.94
C GLN D 65 32.70 25.82 -28.69
N GLU D 66 34.01 25.98 -28.88
CA GLU D 66 34.91 26.39 -27.80
C GLU D 66 34.56 27.77 -27.29
N LEU D 67 34.25 28.68 -28.22
CA LEU D 67 33.79 30.05 -27.89
C LEU D 67 32.56 30.06 -27.00
N ALA D 68 31.53 29.32 -27.42
CA ALA D 68 30.28 29.20 -26.69
C ALA D 68 30.47 28.55 -25.32
N GLN D 69 31.30 27.52 -25.25
CA GLN D 69 31.60 26.88 -23.95
C GLN D 69 32.29 27.84 -22.98
N ALA D 70 33.13 28.73 -23.52
CA ALA D 70 33.82 29.72 -22.72
C ALA D 70 32.88 30.79 -22.17
N VAL D 71 31.87 31.21 -22.94
CA VAL D 71 30.89 32.18 -22.39
C VAL D 71 29.92 31.53 -21.39
N LEU D 72 29.65 30.23 -21.58
CA LEU D 72 28.94 29.42 -20.56
C LEU D 72 29.75 29.38 -19.26
N ALA D 73 31.02 29.01 -19.39
CA ALA D 73 31.96 28.87 -18.28
C ALA D 73 32.15 30.13 -17.43
N GLU D 74 31.98 31.30 -18.03
CA GLU D 74 32.21 32.56 -17.32
C GLU D 74 30.94 33.19 -16.71
N GLN D 75 29.80 32.51 -16.84
CA GLN D 75 28.53 33.10 -16.40
C GLN D 75 28.51 33.57 -14.95
N VAL D 76 28.90 32.71 -14.00
CA VAL D 76 28.79 33.07 -12.58
C VAL D 76 29.86 34.09 -12.18
N ALA D 77 31.11 33.83 -12.57
CA ALA D 77 32.25 34.73 -12.23
C ALA D 77 32.18 36.11 -12.88
N SER D 78 31.42 36.21 -13.97
CA SER D 78 31.27 37.46 -14.71
C SER D 78 30.53 38.58 -13.96
N LEU D 79 29.55 38.22 -13.13
CA LEU D 79 28.83 39.26 -12.38
C LEU D 79 29.62 39.80 -11.17
N PRO D 80 29.49 41.12 -10.91
CA PRO D 80 30.26 41.69 -9.81
C PRO D 80 29.70 41.25 -8.46
N ARG D 81 30.61 41.11 -7.49
CA ARG D 81 30.30 40.70 -6.12
C ARG D 81 29.39 41.75 -5.49
N VAL D 82 28.30 41.31 -4.86
CA VAL D 82 27.45 42.25 -4.14
C VAL D 82 28.14 42.65 -2.84
N PRO D 83 27.97 43.93 -2.39
CA PRO D 83 28.44 44.31 -1.06
C PRO D 83 27.83 43.43 0.02
N GLU D 84 28.64 43.07 1.00
CA GLU D 84 28.17 42.27 2.13
C GLU D 84 27.04 42.95 2.88
N GLN D 85 26.08 42.13 3.33
CA GLN D 85 24.93 42.60 4.12
C GLN D 85 24.86 41.91 5.48
N GLU D 86 24.23 42.56 6.46
CA GLU D 86 24.02 41.94 7.76
C GLU D 86 23.21 40.63 7.62
N LEU D 87 22.15 40.68 6.82
CA LEU D 87 21.40 39.47 6.45
C LEU D 87 21.94 38.83 5.18
N LYS D 88 22.27 37.54 5.26
CA LYS D 88 22.70 36.76 4.09
C LYS D 88 21.60 36.58 3.05
N LEU D 89 20.34 36.55 3.49
CA LEU D 89 19.19 36.52 2.56
C LEU D 89 19.07 37.83 1.79
N GLN D 90 19.49 38.94 2.41
CA GLN D 90 19.57 40.21 1.70
C GLN D 90 20.60 40.16 0.57
N GLN D 91 21.75 39.55 0.85
CA GLN D 91 22.79 39.31 -0.16
C GLN D 91 22.27 38.48 -1.35
N SER D 92 21.50 37.42 -1.05
CA SER D 92 20.86 36.58 -2.07
C SER D 92 19.89 37.37 -2.99
N LEU D 93 18.93 38.06 -2.35
CA LEU D 93 18.01 38.97 -3.03
C LEU D 93 18.75 40.03 -3.89
N ASP D 94 19.80 40.62 -3.33
CA ASP D 94 20.65 41.61 -4.01
C ASP D 94 21.28 41.04 -5.30
N GLU D 95 21.84 39.82 -5.21
CA GLU D 95 22.37 39.11 -6.39
C GLU D 95 21.31 38.88 -7.47
N ALA D 96 20.13 38.39 -7.04
CA ALA D 96 19.00 38.17 -7.95
C ALA D 96 18.56 39.45 -8.66
N LEU D 97 18.47 40.55 -7.90
CA LEU D 97 18.04 41.83 -8.46
C LEU D 97 19.13 42.49 -9.29
N LEU D 98 20.40 42.20 -8.97
CA LEU D 98 21.53 42.61 -9.80
C LEU D 98 21.51 41.87 -11.15
N LEU D 99 21.36 40.55 -11.11
CA LEU D 99 21.24 39.75 -12.32
C LEU D 99 20.05 40.20 -13.19
N ALA D 100 18.91 40.45 -12.56
CA ALA D 100 17.74 41.04 -13.24
C ALA D 100 18.08 42.37 -13.98
N HIS D 101 18.80 43.26 -13.27
CA HIS D 101 19.31 44.51 -13.83
C HIS D 101 20.25 44.29 -15.03
N LEU D 102 21.22 43.37 -14.89
CA LEU D 102 22.21 43.09 -15.94
C LEU D 102 21.62 42.44 -17.20
N LEU D 103 20.56 41.68 -17.00
CA LEU D 103 19.83 41.03 -18.09
C LEU D 103 19.01 42.04 -18.91
N ARG D 104 18.76 43.22 -18.34
CA ARG D 104 18.23 44.38 -19.06
C ARG D 104 19.35 45.26 -19.65
N GLU D 105 20.30 45.67 -18.82
CA GLU D 105 21.42 46.54 -19.24
C GLU D 105 22.76 45.89 -18.90
N GLY D 106 23.40 45.30 -19.91
CA GLY D 106 24.66 44.56 -19.73
C GLY D 106 25.93 45.38 -19.82
N THR D 107 25.90 46.59 -19.25
CA THR D 107 27.05 47.51 -19.28
C THR D 107 28.19 47.02 -18.38
N GLY D 108 27.86 46.67 -17.14
CA GLY D 108 28.85 46.20 -16.18
C GLY D 108 29.18 44.72 -16.29
N ASP D 109 28.42 44.02 -17.14
CA ASP D 109 28.64 42.60 -17.44
C ASP D 109 28.07 42.26 -18.83
N PRO D 110 28.91 42.40 -19.88
CA PRO D 110 28.44 42.12 -21.25
C PRO D 110 28.34 40.62 -21.58
N ILE D 111 29.04 39.79 -20.81
CA ILE D 111 29.02 38.32 -20.94
C ILE D 111 27.65 37.68 -20.63
N VAL D 112 27.03 38.03 -19.49
CA VAL D 112 25.87 37.28 -18.96
C VAL D 112 24.68 37.07 -19.89
N GLN D 113 24.27 38.11 -20.61
CA GLN D 113 23.09 38.02 -21.49
C GLN D 113 23.21 36.87 -22.49
N GLY D 114 24.36 36.79 -23.14
CA GLY D 114 24.67 35.69 -24.07
C GLY D 114 24.85 34.34 -23.39
N SER D 115 25.55 34.30 -22.25
CA SER D 115 25.69 33.05 -21.48
C SER D 115 24.34 32.49 -21.12
N VAL D 116 23.46 33.35 -20.61
CA VAL D 116 22.09 32.99 -20.19
C VAL D 116 21.29 32.45 -21.37
N ARG D 117 21.29 33.16 -22.50
CA ARG D 117 20.63 32.69 -23.72
C ARG D 117 21.12 31.27 -24.09
N LEU D 118 22.44 31.10 -24.07
CA LEU D 118 23.08 29.80 -24.36
C LEU D 118 22.67 28.70 -23.39
N THR D 119 22.51 29.07 -22.12
CA THR D 119 22.04 28.13 -21.08
C THR D 119 20.56 27.73 -21.29
N VAL D 120 19.72 28.73 -21.57
CA VAL D 120 18.26 28.57 -21.70
C VAL D 120 17.82 27.91 -23.03
N ASP D 121 18.42 28.33 -24.16
CA ASP D 121 18.13 27.71 -25.47
C ASP D 121 18.48 26.23 -25.42
N GLN D 122 17.59 25.38 -25.94
CA GLN D 122 17.74 23.92 -25.78
C GLN D 122 18.88 23.32 -26.60
N GLY D 123 19.12 23.85 -27.80
CA GLY D 123 20.02 23.22 -28.78
C GLY D 123 19.71 21.74 -28.97
N SER D 124 20.77 20.94 -29.11
CA SER D 124 20.68 19.49 -29.24
C SER D 124 22.00 18.87 -28.75
N PRO D 125 21.97 17.60 -28.28
CA PRO D 125 23.24 16.92 -27.98
C PRO D 125 24.30 17.03 -29.09
N ARG D 126 23.85 17.29 -30.32
CA ARG D 126 24.71 17.52 -31.50
C ARG D 126 25.64 18.73 -31.38
N ASP D 127 25.24 19.76 -30.63
CA ASP D 127 26.02 21.00 -30.51
C ASP D 127 27.23 20.94 -29.56
N HIS D 128 27.31 19.87 -28.77
CA HIS D 128 28.38 19.60 -27.80
C HIS D 128 28.59 20.70 -26.74
N LEU D 129 27.53 21.47 -26.47
CA LEU D 129 27.53 22.47 -25.40
C LEU D 129 27.07 21.88 -24.07
N ASN D 130 27.75 22.26 -22.98
CA ASN D 130 27.43 21.80 -21.63
C ASN D 130 26.77 22.92 -20.80
N ARG D 131 25.44 22.92 -20.80
CA ARG D 131 24.66 23.92 -20.07
C ARG D 131 24.64 23.68 -18.56
N ARG D 132 25.09 22.49 -18.14
CA ARG D 132 25.16 22.13 -16.72
C ARG D 132 26.15 22.98 -15.96
N VAL D 133 27.22 23.40 -16.64
CA VAL D 133 28.31 24.18 -16.03
C VAL D 133 27.80 25.45 -15.31
N PRO D 134 27.10 26.38 -16.01
CA PRO D 134 26.62 27.54 -15.24
C PRO D 134 25.54 27.21 -14.20
N MET D 135 24.69 26.23 -14.47
CA MET D 135 23.61 25.86 -13.55
C MET D 135 24.13 25.23 -12.25
N GLN D 136 25.10 24.33 -12.39
CA GLN D 136 25.79 23.72 -11.25
C GLN D 136 26.47 24.76 -10.38
N ALA D 137 27.20 25.68 -11.03
CA ALA D 137 27.91 26.73 -10.35
C ALA D 137 26.97 27.68 -9.58
N TRP D 138 25.84 28.05 -10.20
CA TRP D 138 24.81 28.87 -9.53
C TRP D 138 24.20 28.18 -8.30
N THR D 139 23.95 26.87 -8.40
CA THR D 139 23.35 26.09 -7.30
C THR D 139 24.31 25.96 -6.12
N GLU D 140 25.59 25.70 -6.41
CA GLU D 140 26.64 25.64 -5.40
C GLU D 140 26.81 26.99 -4.71
N HIS D 141 26.78 28.07 -5.50
CA HIS D 141 26.85 29.43 -4.95
C HIS D 141 25.68 29.76 -4.00
N THR D 142 24.46 29.52 -4.48
CA THR D 142 23.24 29.78 -3.74
C THR D 142 23.15 28.90 -2.47
N GLN D 143 23.55 27.63 -2.61
CA GLN D 143 23.60 26.73 -1.46
C GLN D 143 24.54 27.21 -0.35
N SER D 144 25.75 27.65 -0.74
CA SER D 144 26.76 28.13 0.22
C SER D 144 26.23 29.29 1.01
N LEU D 145 25.54 30.20 0.31
CA LEU D 145 24.95 31.37 0.92
C LEU D 145 23.76 31.05 1.83
N PHE D 146 22.94 30.08 1.41
CA PHE D 146 21.84 29.60 2.25
C PHE D 146 22.37 28.90 3.51
N GLU D 147 23.53 28.22 3.39
CA GLU D 147 24.21 27.61 4.53
C GLU D 147 24.62 28.64 5.59
N GLU D 148 25.15 29.78 5.15
CA GLU D 148 25.51 30.89 6.06
C GLU D 148 24.26 31.47 6.72
N ALA D 149 23.23 31.74 5.91
CA ALA D 149 21.93 32.26 6.38
C ALA D 149 21.33 31.36 7.47
N ARG D 150 21.43 30.04 7.28
CA ARG D 150 20.92 29.08 8.23
C ARG D 150 21.65 29.16 9.58
N ALA D 151 22.97 29.20 9.53
CA ALA D 151 23.83 29.17 10.71
C ALA D 151 23.67 30.45 11.52
N LYS D 152 23.35 31.54 10.81
CA LYS D 152 23.12 32.86 11.41
C LYS D 152 21.70 33.06 11.93
N GLY D 153 20.85 32.06 11.75
CA GLY D 153 19.48 32.06 12.28
C GLY D 153 18.47 32.81 11.44
N GLU D 154 18.73 32.94 10.14
CA GLU D 154 17.88 33.65 9.20
C GLU D 154 16.82 32.74 8.61
N ILE D 155 17.17 31.47 8.46
CA ILE D 155 16.28 30.46 7.90
C ILE D 155 16.19 29.27 8.85
N LEU D 156 15.09 28.52 8.76
CA LEU D 156 14.82 27.39 9.65
C LEU D 156 16.05 26.47 9.82
N PRO D 157 16.32 26.02 11.07
CA PRO D 157 17.62 25.38 11.36
C PRO D 157 17.83 24.02 10.66
N HIS D 158 16.76 23.37 10.21
CA HIS D 158 16.88 22.12 9.43
C HIS D 158 16.37 22.25 7.99
N ALA D 159 16.39 23.47 7.45
CA ALA D 159 15.98 23.70 6.07
C ALA D 159 16.90 22.95 5.10
N ASP D 160 16.30 22.24 4.14
CA ASP D 160 17.08 21.58 3.10
C ASP D 160 17.62 22.65 2.15
N VAL D 161 18.83 23.06 2.46
CA VAL D 161 19.51 24.16 1.82
C VAL D 161 19.89 23.83 0.36
N GLU D 162 20.18 22.56 0.06
CA GLU D 162 20.39 22.11 -1.33
C GLU D 162 19.13 22.20 -2.19
N ALA D 163 18.01 21.72 -1.64
CA ALA D 163 16.73 21.71 -2.35
C ALA D 163 16.28 23.15 -2.57
N LEU D 164 16.50 23.99 -1.57
CA LEU D 164 16.18 25.42 -1.65
C LEU D 164 16.98 26.12 -2.76
N ALA D 165 18.26 25.82 -2.85
CA ALA D 165 19.13 26.39 -3.88
C ALA D 165 18.68 26.00 -5.30
N LYS D 166 18.34 24.71 -5.49
CA LYS D 166 17.81 24.20 -6.77
C LYS D 166 16.50 24.89 -7.17
N LEU D 167 15.65 25.13 -6.18
CA LEU D 167 14.39 25.84 -6.36
C LEU D 167 14.58 27.29 -6.78
N PHE D 168 15.47 28.03 -6.09
CA PHE D 168 15.75 29.42 -6.45
C PHE D 168 16.43 29.58 -7.80
N VAL D 169 17.35 28.67 -8.15
CA VAL D 169 18.06 28.72 -9.43
C VAL D 169 17.04 28.42 -10.55
N GLY D 170 16.28 27.34 -10.37
CA GLY D 170 15.21 26.96 -11.27
C GLY D 170 14.21 28.08 -11.46
N ALA D 171 13.64 28.57 -10.36
CA ALA D 171 12.56 29.58 -10.41
C ALA D 171 13.00 30.94 -10.97
N PHE D 172 14.19 31.40 -10.59
CA PHE D 172 14.72 32.64 -11.16
C PHE D 172 14.78 32.54 -12.70
N THR D 173 15.29 31.41 -13.18
CA THR D 173 15.47 31.14 -14.61
C THR D 173 14.16 31.33 -15.38
N GLY D 174 13.06 30.78 -14.84
CA GLY D 174 11.78 30.86 -15.52
C GLY D 174 11.09 32.19 -15.39
N VAL D 175 11.22 32.81 -14.22
CA VAL D 175 10.70 34.18 -14.01
C VAL D 175 11.34 35.08 -15.08
N GLN D 176 12.65 34.93 -15.26
CA GLN D 176 13.46 35.61 -16.26
C GLN D 176 12.88 35.40 -17.67
N VAL D 177 12.74 34.13 -18.06
CA VAL D 177 12.17 33.72 -19.37
C VAL D 177 10.79 34.31 -19.63
N LEU D 178 9.87 34.10 -18.68
CA LEU D 178 8.51 34.62 -18.82
C LEU D 178 8.53 36.13 -19.02
N SER D 179 9.31 36.82 -18.19
CA SER D 179 9.45 38.27 -18.26
C SER D 179 9.96 38.75 -19.64
N ARG D 180 10.96 38.05 -20.17
CA ARG D 180 11.50 38.28 -21.52
C ARG D 180 10.39 38.17 -22.57
N ILE D 181 9.64 37.07 -22.53
CA ILE D 181 8.59 36.78 -23.51
C ILE D 181 7.48 37.83 -23.42
N MET D 182 7.07 38.15 -22.20
CA MET D 182 5.86 38.96 -22.00
C MET D 182 6.08 40.46 -22.02
N THR D 183 7.22 40.93 -21.53
CA THR D 183 7.45 42.38 -21.38
C THR D 183 8.84 42.81 -21.84
N GLY D 184 9.58 41.93 -22.51
CA GLY D 184 11.00 42.16 -22.84
C GLY D 184 11.85 42.53 -21.63
N ARG D 185 11.54 41.90 -20.49
CA ARG D 185 12.19 42.11 -19.19
C ARG D 185 11.90 43.43 -18.47
N ALA D 186 10.90 44.20 -18.94
CA ALA D 186 10.48 45.42 -18.27
C ALA D 186 9.92 45.18 -16.86
N ASP D 187 9.13 44.13 -16.68
CA ASP D 187 8.59 43.80 -15.34
C ASP D 187 9.53 42.97 -14.43
N LEU D 188 10.73 42.67 -14.93
CA LEU D 188 11.59 41.66 -14.30
C LEU D 188 11.90 41.87 -12.80
N ALA D 189 12.24 43.11 -12.41
CA ALA D 189 12.58 43.40 -11.00
C ALA D 189 11.41 43.08 -10.07
N GLU D 190 10.22 43.54 -10.44
CA GLU D 190 8.98 43.24 -9.71
C GLU D 190 8.69 41.73 -9.66
N ARG D 191 8.94 41.05 -10.78
CA ARG D 191 8.72 39.62 -10.88
C ARG D 191 9.68 38.83 -9.99
N VAL D 192 10.96 39.24 -9.94
CA VAL D 192 11.98 38.63 -9.07
C VAL D 192 11.68 38.92 -7.60
N ALA D 193 11.26 40.15 -7.30
CA ALA D 193 10.84 40.53 -5.96
C ALA D 193 9.66 39.69 -5.48
N ASP D 194 8.66 39.46 -6.33
CA ASP D 194 7.52 38.57 -6.01
C ASP D 194 7.99 37.16 -5.68
N LEU D 195 8.96 36.68 -6.45
CA LEU D 195 9.56 35.35 -6.24
C LEU D 195 10.12 35.20 -4.83
N TYR D 196 10.97 36.14 -4.42
CA TYR D 196 11.54 36.13 -3.08
C TYR D 196 10.50 36.35 -1.98
N ARG D 197 9.58 37.30 -2.20
CA ARG D 197 8.53 37.60 -1.20
C ARG D 197 7.63 36.39 -0.91
N HIS D 198 7.32 35.62 -1.95
CA HIS D 198 6.48 34.43 -1.79
C HIS D 198 7.22 33.13 -1.43
N LEU D 199 8.51 33.04 -1.72
CA LEU D 199 9.26 31.84 -1.32
C LEU D 199 9.71 31.89 0.16
N MET D 200 10.20 33.05 0.60
CA MET D 200 10.67 33.27 1.98
C MET D 200 9.78 32.76 3.15
N PRO D 201 8.44 33.02 3.13
CA PRO D 201 7.58 32.53 4.25
C PRO D 201 7.67 31.03 4.53
N SER D 202 8.01 30.23 3.52
CA SER D 202 8.17 28.79 3.71
C SER D 202 9.38 28.39 4.57
N PHE D 203 10.45 29.20 4.58
CA PHE D 203 11.70 28.81 5.24
C PHE D 203 12.40 29.84 6.14
N ALA D 204 11.98 31.11 6.09
CA ALA D 204 12.63 32.15 6.90
C ALA D 204 12.25 32.06 8.37
N MET D 205 13.18 32.45 9.23
CA MET D 205 12.94 32.54 10.67
C MET D 205 12.10 33.79 10.96
N PRO D 206 11.39 33.83 12.13
CA PRO D 206 10.55 34.99 12.48
C PRO D 206 11.30 36.32 12.47
N GLY D 207 10.65 37.37 11.98
CA GLY D 207 11.23 38.72 12.01
C GLY D 207 12.19 39.02 10.86
N ILE D 208 12.54 38.02 10.05
CA ILE D 208 13.57 38.16 9.02
C ILE D 208 13.03 38.81 7.75
N LEU D 209 11.91 38.31 7.24
CA LEU D 209 11.28 38.81 6.00
C LEU D 209 11.01 40.32 6.03
N VAL D 210 10.55 40.84 7.17
CA VAL D 210 10.23 42.28 7.26
C VAL D 210 11.46 43.16 7.29
N ARG D 211 12.63 42.56 7.57
CA ARG D 211 13.89 43.31 7.54
C ARG D 211 14.55 43.36 6.16
N LEU D 212 13.94 42.74 5.16
CA LEU D 212 14.52 42.70 3.81
C LEU D 212 14.10 43.92 2.98
N ASP D 213 15.01 44.40 2.15
CA ASP D 213 14.78 45.55 1.29
C ASP D 213 14.39 45.12 -0.12
N PHE D 214 13.10 45.25 -0.42
CA PHE D 214 12.50 44.89 -1.71
C PHE D 214 12.21 46.09 -2.61
N SER D 215 12.63 47.29 -2.18
CA SER D 215 12.33 48.53 -2.88
C SER D 215 12.69 48.47 -4.38
N PRO D 216 11.84 49.07 -5.27
CA PRO D 216 12.04 48.92 -6.73
C PRO D 216 13.43 49.31 -7.24
N GLU D 217 14.06 50.29 -6.60
CA GLU D 217 15.38 50.78 -7.00
C GLU D 217 16.54 49.95 -6.45
N ARG D 218 16.23 48.87 -5.70
CA ARG D 218 17.27 48.06 -5.03
C ARG D 218 18.33 47.46 -5.96
N GLY D 219 17.91 46.81 -7.05
CA GLY D 219 18.84 46.20 -8.01
C GLY D 219 19.80 47.19 -8.66
N SER D 220 19.29 48.37 -8.97
CA SER D 220 20.10 49.48 -9.49
C SER D 220 21.13 49.93 -8.45
N ARG D 221 20.67 50.10 -7.21
CA ARG D 221 21.55 50.46 -6.10
C ARG D 221 22.62 49.40 -5.84
N VAL D 222 22.23 48.13 -5.93
CA VAL D 222 23.17 47.00 -5.79
C VAL D 222 24.21 47.00 -6.93
N TYR D 223 23.75 47.12 -8.17
CA TYR D 223 24.63 47.21 -9.34
C TYR D 223 25.74 48.27 -9.18
N GLU D 224 25.32 49.49 -8.82
CA GLU D 224 26.22 50.63 -8.73
C GLU D 224 27.22 50.43 -7.61
N ALA D 225 26.73 49.95 -6.46
CA ALA D 225 27.58 49.62 -5.32
C ALA D 225 28.60 48.51 -5.62
N ALA D 226 28.14 47.49 -6.37
CA ALA D 226 29.01 46.41 -6.86
C ALA D 226 30.09 46.92 -7.83
N MET D 227 29.73 47.86 -8.70
CA MET D 227 30.71 48.49 -9.59
C MET D 227 31.68 49.40 -8.84
N LYS D 228 31.14 50.20 -7.91
CA LYS D 228 31.96 51.09 -7.08
C LYS D 228 33.00 50.30 -6.29
N GLN D 229 32.59 49.16 -5.73
CA GLN D 229 33.49 48.19 -5.06
C GLN D 229 34.58 47.66 -5.99
N ARG D 230 34.20 47.36 -7.23
CA ARG D 230 35.14 46.92 -8.26
C ARG D 230 35.79 48.13 -8.96
N ALA E 11 23.00 -6.68 47.35
CA ALA E 11 22.59 -5.25 47.29
C ALA E 11 22.29 -4.77 45.86
N VAL E 12 23.20 -5.04 44.93
CA VAL E 12 23.00 -4.68 43.51
C VAL E 12 21.79 -5.45 42.96
N ALA E 13 21.77 -6.76 43.18
CA ALA E 13 20.65 -7.63 42.77
C ALA E 13 19.32 -7.26 43.44
N ARG E 14 19.38 -6.85 44.72
CA ARG E 14 18.21 -6.39 45.48
C ARG E 14 17.52 -5.19 44.83
N GLN E 15 18.32 -4.25 44.32
CA GLN E 15 17.79 -3.04 43.69
C GLN E 15 17.19 -3.29 42.31
N GLU E 16 17.80 -4.18 41.54
CA GLU E 16 17.27 -4.65 40.26
C GLU E 16 15.90 -5.34 40.43
N ARG E 17 15.79 -6.17 41.48
CA ARG E 17 14.51 -6.81 41.85
C ARG E 17 13.48 -5.75 42.22
N ALA E 18 13.90 -4.77 43.03
CA ALA E 18 13.03 -3.68 43.45
C ALA E 18 12.44 -2.89 42.27
N ILE E 19 13.29 -2.57 41.28
CA ILE E 19 12.85 -1.90 40.03
C ILE E 19 11.78 -2.70 39.30
N ARG E 20 12.07 -3.99 39.05
CA ARG E 20 11.20 -4.90 38.31
C ARG E 20 9.88 -5.15 39.04
N THR E 21 9.95 -5.25 40.37
CA THR E 21 8.77 -5.53 41.20
C THR E 21 7.80 -4.35 41.19
N ARG E 22 8.32 -3.13 41.33
CA ARG E 22 7.50 -1.92 41.29
C ARG E 22 6.71 -1.82 39.97
N GLN E 23 7.42 -1.99 38.84
CA GLN E 23 6.79 -2.02 37.52
C GLN E 23 5.72 -3.09 37.40
N THR E 24 6.01 -4.29 37.88
CA THR E 24 5.04 -5.40 37.85
C THR E 24 3.76 -4.99 38.58
N ILE E 25 3.91 -4.42 39.79
CA ILE E 25 2.76 -3.95 40.58
C ILE E 25 1.97 -2.85 39.84
N LEU E 26 2.70 -1.84 39.36
CA LEU E 26 2.10 -0.71 38.64
C LEU E 26 1.26 -1.12 37.43
N VAL E 27 1.77 -2.06 36.64
CA VAL E 27 1.12 -2.55 35.42
C VAL E 27 -0.16 -3.31 35.79
N ALA E 28 -0.04 -4.22 36.75
CA ALA E 28 -1.19 -4.95 37.30
C ALA E 28 -2.23 -4.04 37.94
N ALA E 29 -1.79 -3.04 38.70
CA ALA E 29 -2.72 -2.11 39.36
C ALA E 29 -3.47 -1.26 38.33
N ALA E 30 -2.74 -0.71 37.37
CA ALA E 30 -3.34 0.06 36.25
C ALA E 30 -4.43 -0.73 35.53
N GLU E 31 -4.14 -2.01 35.25
CA GLU E 31 -5.11 -2.94 34.66
C GLU E 31 -6.40 -3.11 35.49
N VAL E 32 -6.28 -3.35 36.80
CA VAL E 32 -7.50 -3.52 37.62
C VAL E 32 -8.27 -2.20 37.81
N PHE E 33 -7.54 -1.09 37.96
CA PHE E 33 -8.16 0.24 37.94
C PHE E 33 -8.87 0.52 36.60
N ASP E 34 -8.29 0.08 35.48
CA ASP E 34 -8.93 0.24 34.16
C ASP E 34 -10.24 -0.53 34.07
N GLU E 35 -10.20 -1.78 34.55
CA GLU E 35 -11.33 -2.71 34.45
C GLU E 35 -12.51 -2.36 35.35
N VAL E 36 -12.23 -1.92 36.57
CA VAL E 36 -13.26 -1.75 37.58
C VAL E 36 -13.33 -0.36 38.27
N GLY E 37 -12.34 0.49 37.99
CA GLY E 37 -12.27 1.82 38.60
C GLY E 37 -11.63 1.80 39.97
N TYR E 38 -11.39 2.99 40.52
CA TYR E 38 -10.70 3.15 41.79
C TYR E 38 -11.42 2.53 42.99
N GLU E 39 -12.69 2.90 43.16
CA GLU E 39 -13.43 2.58 44.39
C GLU E 39 -13.64 1.08 44.58
N ALA E 40 -13.94 0.38 43.49
CA ALA E 40 -14.26 -1.06 43.54
C ALA E 40 -13.01 -1.97 43.55
N ALA E 41 -11.91 -1.44 43.03
CA ALA E 41 -10.60 -2.11 43.07
C ALA E 41 -10.13 -2.36 44.51
N THR E 42 -9.43 -3.48 44.70
CA THR E 42 -8.89 -3.87 46.01
C THR E 42 -7.42 -4.25 45.87
N ILE E 43 -6.68 -4.22 46.99
CA ILE E 43 -5.30 -4.73 47.02
C ILE E 43 -5.25 -6.21 46.58
N SER E 44 -6.21 -6.99 47.05
CA SER E 44 -6.31 -8.40 46.68
C SER E 44 -6.36 -8.62 45.17
N ASP E 45 -7.15 -7.81 44.45
CA ASP E 45 -7.24 -7.85 42.98
C ASP E 45 -5.87 -7.66 42.34
N VAL E 46 -5.13 -6.66 42.83
CA VAL E 46 -3.79 -6.33 42.33
C VAL E 46 -2.81 -7.48 42.62
N LEU E 47 -2.93 -8.08 43.81
CA LEU E 47 -2.11 -9.23 44.19
C LEU E 47 -2.37 -10.45 43.29
N LYS E 48 -3.65 -10.72 43.04
CA LYS E 48 -4.09 -11.77 42.10
C LYS E 48 -3.59 -11.54 40.68
N ARG E 49 -3.58 -10.28 40.24
CA ARG E 49 -3.17 -9.96 38.87
C ARG E 49 -1.66 -9.94 38.65
N SER E 50 -0.90 -9.37 39.60
CA SER E 50 0.55 -9.26 39.48
C SER E 50 1.27 -10.58 39.79
N GLY E 51 0.72 -11.34 40.72
CA GLY E 51 1.39 -12.51 41.29
C GLY E 51 2.53 -12.18 42.24
N VAL E 52 2.66 -10.91 42.64
CA VAL E 52 3.64 -10.54 43.67
C VAL E 52 3.08 -10.92 45.05
N THR E 53 3.98 -11.07 46.02
CA THR E 53 3.59 -11.35 47.40
C THR E 53 3.05 -10.07 48.07
N LYS E 54 2.24 -10.24 49.11
CA LYS E 54 1.72 -9.11 49.88
C LYS E 54 2.86 -8.29 50.49
N GLY E 55 3.90 -8.99 50.96
CA GLY E 55 5.16 -8.38 51.40
C GLY E 55 5.76 -7.43 50.37
N ALA E 56 5.96 -7.93 49.15
CA ALA E 56 6.48 -7.13 48.01
C ALA E 56 5.67 -5.86 47.73
N LEU E 57 4.34 -5.98 47.66
CA LEU E 57 3.48 -4.83 47.37
C LEU E 57 3.59 -3.72 48.43
N TYR E 58 3.64 -4.10 49.70
CA TYR E 58 3.70 -3.13 50.81
C TYR E 58 5.06 -2.48 51.03
N PHE E 59 6.10 -3.11 50.49
CA PHE E 59 7.45 -2.54 50.39
C PHE E 59 7.46 -1.34 49.44
N HIS E 60 6.62 -1.41 48.41
CA HIS E 60 6.58 -0.38 47.36
C HIS E 60 5.48 0.64 47.53
N PHE E 61 4.35 0.23 48.11
CA PHE E 61 3.17 1.10 48.26
C PHE E 61 2.48 0.91 49.60
N THR E 62 2.02 2.03 50.18
CA THR E 62 1.49 2.07 51.54
C THR E 62 -0.01 1.73 51.62
N SER E 63 -0.74 2.01 50.54
CA SER E 63 -2.20 1.85 50.51
C SER E 63 -2.67 1.78 49.06
N LYS E 64 -3.94 1.46 48.87
CA LYS E 64 -4.57 1.55 47.55
C LYS E 64 -4.49 2.97 46.98
N GLN E 65 -4.73 3.97 47.83
CA GLN E 65 -4.70 5.37 47.46
C GLN E 65 -3.35 5.80 46.89
N GLU E 66 -2.28 5.38 47.58
CA GLU E 66 -0.93 5.77 47.23
C GLU E 66 -0.48 5.01 45.98
N LEU E 67 -0.94 3.77 45.82
CA LEU E 67 -0.75 3.01 44.59
C LEU E 67 -1.46 3.72 43.41
N ALA E 68 -2.73 4.06 43.60
CA ALA E 68 -3.49 4.85 42.61
C ALA E 68 -2.78 6.15 42.23
N GLN E 69 -2.25 6.85 43.23
CA GLN E 69 -1.52 8.10 43.01
C GLN E 69 -0.30 7.88 42.13
N ALA E 70 0.43 6.78 42.38
CA ALA E 70 1.60 6.41 41.59
C ALA E 70 1.28 6.12 40.12
N VAL E 71 0.17 5.41 39.85
CA VAL E 71 -0.20 5.13 38.45
C VAL E 71 -0.60 6.42 37.73
N LEU E 72 -1.29 7.33 38.44
CA LEU E 72 -1.53 8.70 37.98
C LEU E 72 -0.22 9.43 37.65
N ALA E 73 0.71 9.42 38.61
CA ALA E 73 1.98 10.15 38.49
C ALA E 73 2.91 9.61 37.41
N GLU E 74 2.80 8.33 37.06
CA GLU E 74 3.66 7.74 36.03
C GLU E 74 3.11 7.81 34.61
N GLN E 75 1.99 8.51 34.42
CA GLN E 75 1.29 8.60 33.12
C GLN E 75 2.18 9.14 31.98
N VAL E 76 2.82 10.30 32.20
CA VAL E 76 3.65 10.95 31.17
C VAL E 76 4.90 10.12 30.91
N ALA E 77 5.55 9.68 32.00
CA ALA E 77 6.77 8.85 31.91
C ALA E 77 6.51 7.52 31.19
N SER E 78 5.23 7.15 31.07
CA SER E 78 4.80 5.91 30.45
C SER E 78 4.92 5.85 28.93
N LEU E 79 4.74 6.99 28.24
CA LEU E 79 4.84 6.99 26.77
C LEU E 79 6.28 6.77 26.35
N PRO E 80 6.52 5.79 25.46
CA PRO E 80 7.86 5.62 24.92
C PRO E 80 8.30 6.90 24.23
N ARG E 81 9.51 7.34 24.53
CA ARG E 81 10.05 8.57 23.98
C ARG E 81 10.27 8.38 22.47
N VAL E 82 9.72 9.31 21.69
CA VAL E 82 9.78 9.25 20.24
C VAL E 82 11.16 9.72 19.74
N PRO E 83 11.68 9.13 18.63
CA PRO E 83 13.01 9.55 18.18
C PRO E 83 13.11 11.07 17.97
N GLU E 84 14.14 11.66 18.56
CA GLU E 84 14.44 13.11 18.48
C GLU E 84 14.68 13.50 17.02
N GLN E 85 13.96 14.51 16.54
CA GLN E 85 13.85 14.75 15.11
C GLN E 85 13.89 16.22 14.65
N GLU E 86 13.69 16.39 13.34
CA GLU E 86 13.84 17.68 12.65
C GLU E 86 12.83 18.75 13.09
N LEU E 87 11.54 18.41 13.10
CA LEU E 87 10.51 19.35 13.50
C LEU E 87 9.91 18.98 14.85
N LYS E 88 9.87 19.97 15.74
CA LYS E 88 9.29 19.80 17.07
C LYS E 88 7.77 19.61 17.04
N LEU E 89 7.10 20.21 16.06
CA LEU E 89 5.66 20.04 15.90
C LEU E 89 5.31 18.69 15.28
N GLN E 90 6.21 18.15 14.46
CA GLN E 90 6.11 16.76 14.01
C GLN E 90 6.29 15.79 15.18
N GLN E 91 7.18 16.16 16.12
CA GLN E 91 7.38 15.39 17.33
C GLN E 91 6.12 15.33 18.18
N SER E 92 5.42 16.45 18.30
CA SER E 92 4.18 16.50 19.07
C SER E 92 3.10 15.63 18.42
N LEU E 93 2.99 15.72 17.10
CA LEU E 93 2.05 14.92 16.34
C LEU E 93 2.35 13.43 16.48
N ASP E 94 3.64 13.08 16.40
CA ASP E 94 4.11 11.69 16.54
C ASP E 94 3.72 11.13 17.91
N GLU E 95 3.91 11.94 18.95
CA GLU E 95 3.57 11.57 20.33
C GLU E 95 2.08 11.34 20.52
N ALA E 96 1.27 12.24 19.97
CA ALA E 96 -0.20 12.19 20.08
C ALA E 96 -0.75 10.97 19.39
N LEU E 97 -0.26 10.70 18.18
CA LEU E 97 -0.63 9.51 17.44
C LEU E 97 -0.13 8.21 18.09
N LEU E 98 1.07 8.24 18.69
CA LEU E 98 1.58 7.09 19.45
C LEU E 98 0.70 6.83 20.68
N LEU E 99 0.36 7.88 21.42
CA LEU E 99 -0.53 7.78 22.56
C LEU E 99 -1.92 7.23 22.18
N ALA E 100 -2.43 7.65 21.03
CA ALA E 100 -3.67 7.12 20.47
C ALA E 100 -3.58 5.59 20.24
N HIS E 101 -2.49 5.15 19.62
CA HIS E 101 -2.19 3.72 19.41
C HIS E 101 -2.08 2.97 20.75
N LEU E 102 -1.34 3.54 21.71
CA LEU E 102 -1.14 2.93 23.02
C LEU E 102 -2.42 2.79 23.85
N LEU E 103 -3.36 3.72 23.65
CA LEU E 103 -4.62 3.68 24.37
C LEU E 103 -5.61 2.67 23.79
N ARG E 104 -5.52 2.44 22.47
CA ARG E 104 -6.39 1.46 21.81
C ARG E 104 -5.91 0.04 22.07
N GLU E 105 -4.62 -0.19 21.82
CA GLU E 105 -3.98 -1.51 21.92
C GLU E 105 -3.66 -1.94 23.34
N GLY E 106 -3.10 -1.02 24.13
CA GLY E 106 -2.70 -1.30 25.51
C GLY E 106 -1.31 -1.89 25.65
N THR E 107 -0.96 -2.83 24.77
CA THR E 107 0.24 -3.68 24.86
C THR E 107 1.58 -2.94 24.98
N GLY E 108 1.76 -1.90 24.19
CA GLY E 108 3.01 -1.13 24.14
C GLY E 108 3.30 -0.30 25.39
N ASP E 109 2.27 -0.12 26.22
CA ASP E 109 2.34 0.63 27.48
C ASP E 109 1.09 0.29 28.30
N PRO E 110 1.19 -0.68 29.23
CA PRO E 110 -0.03 -1.19 29.88
C PRO E 110 -0.50 -0.34 31.06
N ILE E 111 0.27 0.70 31.41
CA ILE E 111 -0.04 1.64 32.49
C ILE E 111 -1.04 2.74 32.05
N VAL E 112 -0.94 3.20 30.81
CA VAL E 112 -1.69 4.41 30.37
C VAL E 112 -3.21 4.32 30.40
N GLN E 113 -3.75 3.17 30.00
CA GLN E 113 -5.20 2.98 29.98
C GLN E 113 -5.77 3.19 31.37
N GLY E 114 -5.20 2.50 32.35
CA GLY E 114 -5.66 2.59 33.74
C GLY E 114 -5.44 3.98 34.33
N SER E 115 -4.31 4.60 33.98
CA SER E 115 -3.94 5.90 34.48
C SER E 115 -4.89 6.99 33.98
N VAL E 116 -5.22 6.93 32.69
CA VAL E 116 -6.19 7.82 32.07
C VAL E 116 -7.59 7.62 32.69
N ARG E 117 -8.00 6.36 32.92
CA ARG E 117 -9.28 6.12 33.61
C ARG E 117 -9.35 6.77 35.01
N LEU E 118 -8.28 6.61 35.79
CA LEU E 118 -8.16 7.29 37.09
C LEU E 118 -8.19 8.81 36.99
N THR E 119 -7.56 9.36 35.96
CA THR E 119 -7.53 10.78 35.67
C THR E 119 -8.90 11.35 35.36
N VAL E 120 -9.66 10.64 34.52
CA VAL E 120 -10.90 11.13 33.91
C VAL E 120 -12.17 10.86 34.75
N ASP E 121 -12.24 9.71 35.42
CA ASP E 121 -13.27 9.44 36.44
C ASP E 121 -13.25 10.54 37.50
N GLN E 122 -14.40 11.15 37.74
CA GLN E 122 -14.53 12.30 38.64
C GLN E 122 -14.14 11.97 40.09
N GLY E 123 -14.52 10.78 40.56
CA GLY E 123 -14.38 10.41 41.98
C GLY E 123 -15.02 11.44 42.90
N SER E 124 -14.43 11.65 44.07
CA SER E 124 -14.83 12.74 44.98
C SER E 124 -13.63 13.25 45.79
N PRO E 125 -13.67 14.52 46.28
CA PRO E 125 -12.69 14.99 47.27
C PRO E 125 -12.36 13.98 48.38
N ARG E 126 -13.31 13.11 48.69
CA ARG E 126 -13.16 12.06 49.71
C ARG E 126 -12.06 11.02 49.39
N ASP E 127 -11.79 10.76 48.11
CA ASP E 127 -10.77 9.78 47.71
C ASP E 127 -9.31 10.26 47.85
N HIS E 128 -9.13 11.58 47.91
CA HIS E 128 -7.82 12.25 48.09
C HIS E 128 -6.78 11.94 47.00
N LEU E 129 -7.28 11.48 45.86
CA LEU E 129 -6.45 11.34 44.66
C LEU E 129 -6.19 12.72 44.08
N ASN E 130 -4.96 12.98 43.68
CA ASN E 130 -4.64 14.23 43.01
C ASN E 130 -4.50 13.99 41.50
N ARG E 131 -5.60 14.25 40.80
CA ARG E 131 -5.75 14.04 39.36
C ARG E 131 -5.14 15.17 38.52
N ARG E 132 -4.80 16.27 39.20
CA ARG E 132 -4.06 17.38 38.59
C ARG E 132 -2.65 16.96 38.20
N VAL E 133 -2.08 16.01 38.94
CA VAL E 133 -0.70 15.55 38.74
C VAL E 133 -0.40 15.23 37.26
N PRO E 134 -1.12 14.26 36.64
CA PRO E 134 -0.81 13.94 35.25
C PRO E 134 -1.18 15.05 34.26
N MET E 135 -2.22 15.82 34.60
CA MET E 135 -2.71 16.89 33.74
C MET E 135 -1.72 18.05 33.69
N GLN E 136 -1.14 18.36 34.85
CA GLN E 136 -0.06 19.34 34.94
C GLN E 136 1.15 18.89 34.13
N ALA E 137 1.53 17.62 34.30
CA ALA E 137 2.70 17.04 33.63
C ALA E 137 2.55 16.99 32.11
N TRP E 138 1.34 16.71 31.61
CA TRP E 138 1.07 16.79 30.17
C TRP E 138 1.08 18.22 29.66
N THR E 139 0.54 19.14 30.46
CA THR E 139 0.55 20.56 30.11
C THR E 139 1.99 21.09 30.01
N GLU E 140 2.83 20.73 31.00
CA GLU E 140 4.26 21.10 30.99
C GLU E 140 5.00 20.47 29.81
N HIS E 141 4.78 19.17 29.62
CA HIS E 141 5.34 18.42 28.50
C HIS E 141 5.05 19.12 27.16
N THR E 142 3.79 19.51 26.96
CA THR E 142 3.30 20.05 25.69
C THR E 142 3.82 21.47 25.47
N GLN E 143 3.76 22.30 26.52
CA GLN E 143 4.29 23.66 26.48
C GLN E 143 5.77 23.67 26.17
N SER E 144 6.50 22.72 26.74
CA SER E 144 7.95 22.62 26.57
C SER E 144 8.30 22.37 25.12
N LEU E 145 7.52 21.48 24.50
CA LEU E 145 7.66 21.16 23.09
C LEU E 145 7.31 22.37 22.19
N PHE E 146 6.23 23.09 22.53
CA PHE E 146 5.89 24.35 21.84
C PHE E 146 6.98 25.42 22.00
N GLU E 147 7.54 25.52 23.20
CA GLU E 147 8.69 26.42 23.49
C GLU E 147 9.92 26.13 22.63
N GLU E 148 10.22 24.84 22.45
CA GLU E 148 11.31 24.39 21.61
C GLU E 148 10.99 24.60 20.11
N ALA E 149 9.74 24.32 19.73
CA ALA E 149 9.22 24.64 18.39
C ALA E 149 9.36 26.13 18.04
N ARG E 150 9.01 26.99 19.00
CA ARG E 150 9.10 28.44 18.84
C ARG E 150 10.54 28.96 18.67
N ALA E 151 11.49 28.38 19.42
CA ALA E 151 12.90 28.72 19.27
C ALA E 151 13.43 28.28 17.91
N LYS E 152 12.85 27.20 17.36
CA LYS E 152 13.21 26.65 16.06
C LYS E 152 12.40 27.26 14.88
N GLY E 153 11.68 28.35 15.15
CA GLY E 153 10.93 29.11 14.13
C GLY E 153 9.67 28.45 13.59
N GLU E 154 9.12 27.50 14.34
CA GLU E 154 7.99 26.69 13.87
C GLU E 154 6.63 27.28 14.22
N ILE E 155 6.61 28.29 15.09
CA ILE E 155 5.38 28.86 15.64
C ILE E 155 5.23 30.32 15.25
N LEU E 156 4.00 30.72 14.92
CA LEU E 156 3.68 32.11 14.59
C LEU E 156 3.98 33.05 15.75
N PRO E 157 4.45 34.27 15.45
CA PRO E 157 4.67 35.29 16.49
C PRO E 157 3.41 35.57 17.31
N HIS E 158 3.62 35.91 18.58
CA HIS E 158 2.55 36.25 19.55
C HIS E 158 1.59 35.09 19.92
N ALA E 159 1.99 33.86 19.62
CA ALA E 159 1.25 32.69 20.07
C ALA E 159 1.49 32.44 21.56
N ASP E 160 0.41 32.21 22.30
CA ASP E 160 0.45 31.96 23.74
C ASP E 160 0.68 30.46 23.96
N VAL E 161 1.93 30.08 24.25
CA VAL E 161 2.31 28.66 24.34
C VAL E 161 1.68 27.93 25.54
N GLU E 162 1.37 28.67 26.62
CA GLU E 162 0.69 28.06 27.76
C GLU E 162 -0.78 27.77 27.44
N ALA E 163 -1.49 28.78 26.93
CA ALA E 163 -2.87 28.62 26.47
C ALA E 163 -3.00 27.49 25.45
N LEU E 164 -2.05 27.44 24.50
CA LEU E 164 -1.98 26.37 23.51
C LEU E 164 -1.77 24.99 24.12
N ALA E 165 -0.81 24.86 25.06
CA ALA E 165 -0.58 23.60 25.76
C ALA E 165 -1.84 23.09 26.46
N LYS E 166 -2.55 23.98 27.17
CA LYS E 166 -3.83 23.66 27.83
C LYS E 166 -4.92 23.23 26.84
N LEU E 167 -4.96 23.89 25.68
CA LEU E 167 -5.90 23.53 24.64
C LEU E 167 -5.62 22.12 24.11
N PHE E 168 -4.37 21.83 23.80
CA PHE E 168 -4.00 20.51 23.29
C PHE E 168 -4.31 19.36 24.28
N VAL E 169 -3.92 19.53 25.55
CA VAL E 169 -4.17 18.51 26.58
C VAL E 169 -5.67 18.26 26.77
N GLY E 170 -6.43 19.34 26.94
CA GLY E 170 -7.87 19.25 27.10
C GLY E 170 -8.51 18.62 25.87
N ALA E 171 -8.24 19.19 24.69
CA ALA E 171 -8.83 18.68 23.43
C ALA E 171 -8.51 17.21 23.21
N PHE E 172 -7.24 16.82 23.42
CA PHE E 172 -6.85 15.40 23.33
C PHE E 172 -7.66 14.53 24.28
N THR E 173 -7.77 14.95 25.54
CA THR E 173 -8.54 14.22 26.56
C THR E 173 -9.96 13.91 26.07
N GLY E 174 -10.63 14.94 25.55
CA GLY E 174 -12.03 14.80 25.16
C GLY E 174 -12.24 14.03 23.89
N VAL E 175 -11.32 14.22 22.94
CA VAL E 175 -11.25 13.39 21.73
C VAL E 175 -11.15 11.90 22.14
N GLN E 176 -10.23 11.60 23.07
CA GLN E 176 -10.08 10.28 23.70
C GLN E 176 -11.40 9.74 24.32
N VAL E 177 -12.08 10.59 25.09
CA VAL E 177 -13.30 10.24 25.81
C VAL E 177 -14.41 9.87 24.82
N LEU E 178 -14.65 10.78 23.87
CA LEU E 178 -15.67 10.61 22.83
C LEU E 178 -15.40 9.33 22.06
N SER E 179 -14.14 9.13 21.69
CA SER E 179 -13.69 7.93 20.96
C SER E 179 -13.90 6.63 21.74
N ARG E 180 -13.54 6.63 23.02
CA ARG E 180 -13.81 5.54 23.96
C ARG E 180 -15.30 5.17 23.95
N ILE E 181 -16.17 6.17 24.16
CA ILE E 181 -17.63 5.99 24.22
C ILE E 181 -18.23 5.44 22.92
N MET E 182 -17.85 6.04 21.79
CA MET E 182 -18.51 5.78 20.50
C MET E 182 -18.02 4.57 19.73
N THR E 183 -16.71 4.33 19.77
CA THR E 183 -16.09 3.27 18.96
C THR E 183 -15.17 2.37 19.78
N GLY E 184 -15.11 2.60 21.09
CA GLY E 184 -14.14 1.92 21.98
C GLY E 184 -12.69 2.22 21.59
N ARG E 185 -12.46 3.45 21.09
CA ARG E 185 -11.14 3.94 20.64
C ARG E 185 -10.67 3.43 19.26
N ALA E 186 -11.54 2.72 18.53
CA ALA E 186 -11.19 2.23 17.18
C ALA E 186 -10.86 3.36 16.19
N ASP E 187 -11.55 4.50 16.35
CA ASP E 187 -11.35 5.65 15.46
C ASP E 187 -10.36 6.70 16.04
N LEU E 188 -9.71 6.37 17.16
CA LEU E 188 -8.96 7.37 17.93
C LEU E 188 -7.82 8.06 17.18
N ALA E 189 -7.03 7.27 16.44
CA ALA E 189 -5.91 7.81 15.66
C ALA E 189 -6.39 8.77 14.58
N GLU E 190 -7.51 8.43 13.94
CA GLU E 190 -8.18 9.26 12.95
C GLU E 190 -8.71 10.56 13.60
N ARG E 191 -9.30 10.44 14.80
CA ARG E 191 -9.81 11.60 15.55
C ARG E 191 -8.70 12.53 16.05
N VAL E 192 -7.57 11.95 16.46
CA VAL E 192 -6.39 12.69 16.93
C VAL E 192 -5.71 13.42 15.75
N ALA E 193 -5.62 12.74 14.60
CA ALA E 193 -5.11 13.35 13.36
C ALA E 193 -5.98 14.55 12.98
N ASP E 194 -7.29 14.37 13.05
CA ASP E 194 -8.28 15.42 12.76
C ASP E 194 -8.08 16.61 13.66
N LEU E 195 -7.95 16.33 14.96
CA LEU E 195 -7.68 17.35 15.96
C LEU E 195 -6.47 18.22 15.58
N TYR E 196 -5.37 17.56 15.23
CA TYR E 196 -4.10 18.24 14.97
C TYR E 196 -4.16 19.02 13.67
N ARG E 197 -4.87 18.48 12.68
CA ARG E 197 -5.11 19.17 11.41
C ARG E 197 -5.96 20.44 11.52
N HIS E 198 -6.81 20.52 12.55
CA HIS E 198 -7.65 21.69 12.73
C HIS E 198 -7.11 22.69 13.78
N LEU E 199 -6.17 22.25 14.61
CA LEU E 199 -5.53 23.12 15.61
C LEU E 199 -4.26 23.81 15.13
N MET E 200 -3.40 23.02 14.49
CA MET E 200 -2.11 23.49 13.96
C MET E 200 -2.21 24.73 13.04
N PRO E 201 -3.23 24.84 12.17
CA PRO E 201 -3.35 26.04 11.33
C PRO E 201 -3.43 27.38 12.06
N SER E 202 -3.96 27.39 13.28
CA SER E 202 -4.04 28.61 14.10
C SER E 202 -2.68 29.17 14.61
N PHE E 203 -1.64 28.35 14.64
CA PHE E 203 -0.37 28.76 15.29
C PHE E 203 0.94 28.27 14.66
N ALA E 204 0.89 27.19 13.88
CA ALA E 204 2.09 26.70 13.19
C ALA E 204 2.44 27.59 12.00
N MET E 205 3.73 27.90 11.88
CA MET E 205 4.25 28.62 10.70
C MET E 205 3.87 27.85 9.45
N PRO E 206 3.34 28.55 8.42
CA PRO E 206 2.81 27.88 7.21
C PRO E 206 3.82 26.92 6.55
N GLY E 207 5.10 27.31 6.53
CA GLY E 207 6.17 26.46 6.05
C GLY E 207 6.25 25.09 6.73
N ILE E 208 6.02 25.06 8.04
CA ILE E 208 5.97 23.83 8.83
C ILE E 208 4.70 23.00 8.50
N LEU E 209 3.55 23.68 8.41
CA LEU E 209 2.27 23.03 8.12
C LEU E 209 2.25 22.10 6.91
N VAL E 210 2.86 22.52 5.78
CA VAL E 210 2.98 21.66 4.57
C VAL E 210 3.88 20.44 4.72
N ARG E 211 4.77 20.47 5.70
CA ARG E 211 5.74 19.39 5.94
C ARG E 211 5.26 18.36 6.97
N LEU E 212 4.25 18.71 7.76
CA LEU E 212 3.72 17.80 8.79
C LEU E 212 3.09 16.55 8.16
N ASP E 213 3.35 15.40 8.77
CA ASP E 213 2.92 14.10 8.26
C ASP E 213 1.91 13.44 9.22
N PHE E 214 0.66 13.37 8.77
CA PHE E 214 -0.49 12.91 9.56
C PHE E 214 -0.84 11.43 9.29
N SER E 215 -0.02 10.77 8.47
CA SER E 215 -0.37 9.47 7.88
C SER E 215 -0.26 8.28 8.85
N PRO E 216 -1.19 7.30 8.75
CA PRO E 216 -1.08 6.05 9.52
C PRO E 216 0.18 5.25 9.23
N GLU E 217 0.75 5.40 8.02
CA GLU E 217 2.02 4.75 7.67
C GLU E 217 3.20 5.25 8.51
N ARG E 218 3.30 6.57 8.68
CA ARG E 218 4.29 7.16 9.58
C ARG E 218 3.98 6.82 11.05
N GLY E 219 2.70 6.83 11.40
CA GLY E 219 2.24 6.41 12.73
C GLY E 219 2.71 5.01 13.05
N SER E 220 2.57 4.12 12.07
CA SER E 220 3.01 2.73 12.15
C SER E 220 4.52 2.60 12.37
N ARG E 221 5.31 3.37 11.62
CA ARG E 221 6.78 3.34 11.74
C ARG E 221 7.28 3.84 13.11
N VAL E 222 6.69 4.94 13.58
CA VAL E 222 6.98 5.52 14.91
C VAL E 222 6.68 4.50 16.01
N TYR E 223 5.53 3.82 15.89
CA TYR E 223 5.16 2.74 16.79
C TYR E 223 6.20 1.62 16.79
N GLU E 224 6.55 1.12 15.60
CA GLU E 224 7.52 0.03 15.45
C GLU E 224 8.88 0.39 16.03
N ALA E 225 9.28 1.67 15.89
CA ALA E 225 10.54 2.17 16.43
C ALA E 225 10.51 2.27 17.96
N ALA E 226 9.40 2.79 18.50
CA ALA E 226 9.24 3.03 19.94
C ALA E 226 9.22 1.74 20.79
N MET E 227 8.92 0.61 20.14
CA MET E 227 8.84 -0.69 20.82
C MET E 227 10.21 -1.36 21.06
N LYS E 228 11.28 -0.56 20.99
CA LYS E 228 12.62 -0.99 21.35
C LYS E 228 13.32 0.13 22.12
N ARG F 14 -20.74 -43.61 0.63
CA ARG F 14 -20.40 -42.15 0.55
C ARG F 14 -20.25 -41.50 1.93
N GLN F 15 -21.27 -41.69 2.77
CA GLN F 15 -21.23 -41.16 4.14
C GLN F 15 -20.46 -42.07 5.10
N GLU F 16 -20.58 -43.39 4.92
CA GLU F 16 -19.82 -44.38 5.72
C GLU F 16 -18.30 -44.30 5.46
N ARG F 17 -17.93 -43.94 4.23
CA ARG F 17 -16.54 -43.81 3.80
C ARG F 17 -15.91 -42.50 4.30
N ALA F 18 -16.73 -41.44 4.34
CA ALA F 18 -16.35 -40.13 4.89
C ALA F 18 -15.87 -40.22 6.34
N ILE F 19 -16.58 -41.00 7.17
CA ILE F 19 -16.18 -41.27 8.57
C ILE F 19 -14.78 -41.90 8.65
N ARG F 20 -14.57 -42.95 7.86
CA ARG F 20 -13.27 -43.64 7.80
C ARG F 20 -12.14 -42.72 7.32
N THR F 21 -12.42 -41.90 6.31
CA THR F 21 -11.42 -41.01 5.72
C THR F 21 -10.96 -39.96 6.75
N ARG F 22 -11.93 -39.36 7.44
CA ARG F 22 -11.67 -38.44 8.54
C ARG F 22 -10.76 -39.04 9.63
N GLN F 23 -11.03 -40.29 10.02
CA GLN F 23 -10.22 -41.00 11.02
C GLN F 23 -8.80 -41.25 10.52
N THR F 24 -8.67 -41.68 9.27
CA THR F 24 -7.37 -41.90 8.62
C THR F 24 -6.52 -40.63 8.67
N ILE F 25 -7.14 -39.47 8.37
CA ILE F 25 -6.43 -38.18 8.35
C ILE F 25 -6.00 -37.75 9.76
N LEU F 26 -6.93 -37.86 10.72
CA LEU F 26 -6.68 -37.57 12.12
C LEU F 26 -5.50 -38.33 12.70
N VAL F 27 -5.47 -39.64 12.44
CA VAL F 27 -4.41 -40.55 12.91
C VAL F 27 -3.07 -40.14 12.31
N ALA F 28 -3.04 -40.02 10.99
CA ALA F 28 -1.86 -39.53 10.27
C ALA F 28 -1.36 -38.16 10.76
N ALA F 29 -2.28 -37.21 10.92
CA ALA F 29 -1.94 -35.90 11.48
C ALA F 29 -1.31 -36.04 12.86
N ALA F 30 -2.01 -36.73 13.76
CA ALA F 30 -1.53 -37.00 15.11
C ALA F 30 -0.10 -37.57 15.15
N GLU F 31 0.17 -38.58 14.31
CA GLU F 31 1.50 -39.20 14.19
C GLU F 31 2.59 -38.25 13.68
N VAL F 32 2.24 -37.38 12.74
CA VAL F 32 3.20 -36.38 12.25
C VAL F 32 3.48 -35.33 13.35
N PHE F 33 2.41 -34.84 13.98
CA PHE F 33 2.50 -33.89 15.09
C PHE F 33 3.33 -34.48 16.25
N ASP F 34 3.16 -35.78 16.53
CA ASP F 34 3.97 -36.47 17.53
C ASP F 34 5.46 -36.49 17.19
N GLU F 35 5.76 -36.74 15.92
CA GLU F 35 7.16 -36.86 15.47
C GLU F 35 7.90 -35.52 15.40
N VAL F 36 7.25 -34.48 14.92
CA VAL F 36 7.95 -33.23 14.56
C VAL F 36 7.33 -31.97 15.17
N GLY F 37 6.22 -32.15 15.90
CA GLY F 37 5.52 -31.03 16.52
C GLY F 37 4.66 -30.28 15.52
N TYR F 38 3.93 -29.29 16.03
CA TYR F 38 2.95 -28.55 15.25
C TYR F 38 3.56 -27.67 14.17
N GLU F 39 4.54 -26.86 14.56
CA GLU F 39 5.09 -25.83 13.66
C GLU F 39 5.78 -26.45 12.45
N ALA F 40 6.60 -27.47 12.69
CA ALA F 40 7.40 -28.13 11.64
C ALA F 40 6.59 -29.02 10.69
N ALA F 41 5.43 -29.50 11.16
CA ALA F 41 4.55 -30.35 10.37
C ALA F 41 3.92 -29.59 9.21
N THR F 42 3.79 -30.27 8.08
CA THR F 42 3.21 -29.67 6.87
C THR F 42 2.00 -30.51 6.42
N ILE F 43 1.09 -29.90 5.68
CA ILE F 43 -0.05 -30.62 5.06
C ILE F 43 0.44 -31.79 4.19
N SER F 44 1.50 -31.54 3.42
CA SER F 44 2.17 -32.57 2.63
C SER F 44 2.56 -33.82 3.43
N ASP F 45 3.14 -33.63 4.62
CA ASP F 45 3.43 -34.73 5.56
C ASP F 45 2.20 -35.58 5.84
N VAL F 46 1.07 -34.92 6.13
CA VAL F 46 -0.18 -35.60 6.47
C VAL F 46 -0.66 -36.44 5.29
N LEU F 47 -0.58 -35.87 4.08
CA LEU F 47 -0.99 -36.55 2.84
C LEU F 47 -0.12 -37.78 2.59
N LYS F 48 1.19 -37.61 2.72
CA LYS F 48 2.15 -38.71 2.62
C LYS F 48 1.80 -39.85 3.57
N ARG F 49 1.61 -39.54 4.86
CA ARG F 49 1.32 -40.57 5.85
C ARG F 49 -0.11 -41.16 5.75
N SER F 50 -1.11 -40.31 5.50
CA SER F 50 -2.50 -40.82 5.34
C SER F 50 -2.73 -41.57 4.05
N GLY F 51 -2.04 -41.16 2.98
CA GLY F 51 -2.27 -41.68 1.64
C GLY F 51 -3.58 -41.23 1.03
N VAL F 52 -4.19 -40.19 1.60
CA VAL F 52 -5.42 -39.60 1.03
C VAL F 52 -5.03 -38.46 0.08
N THR F 53 -5.95 -38.09 -0.81
CA THR F 53 -5.71 -37.04 -1.77
C THR F 53 -5.82 -35.67 -1.10
N LYS F 54 -5.20 -34.67 -1.74
CA LYS F 54 -5.33 -33.27 -1.33
C LYS F 54 -6.81 -32.88 -1.19
N GLY F 55 -7.63 -33.28 -2.17
CA GLY F 55 -9.08 -33.08 -2.16
C GLY F 55 -9.78 -33.66 -0.96
N ALA F 56 -9.44 -34.91 -0.63
CA ALA F 56 -10.01 -35.62 0.52
C ALA F 56 -9.69 -34.92 1.85
N LEU F 57 -8.46 -34.43 2.00
CA LEU F 57 -8.03 -33.75 3.22
C LEU F 57 -8.78 -32.43 3.42
N TYR F 58 -8.88 -31.61 2.37
CA TYR F 58 -9.57 -30.33 2.46
C TYR F 58 -11.09 -30.41 2.48
N PHE F 59 -11.63 -31.58 2.12
CA PHE F 59 -13.04 -31.91 2.33
C PHE F 59 -13.38 -32.01 3.83
N HIS F 60 -12.40 -32.39 4.64
CA HIS F 60 -12.59 -32.58 6.09
C HIS F 60 -12.00 -31.49 6.99
N PHE F 61 -10.93 -30.86 6.51
CA PHE F 61 -10.20 -29.87 7.31
C PHE F 61 -9.79 -28.69 6.45
N THR F 62 -10.00 -27.48 6.97
CA THR F 62 -9.74 -26.24 6.21
C THR F 62 -8.27 -25.81 6.19
N SER F 63 -7.49 -26.25 7.19
CA SER F 63 -6.10 -25.81 7.39
C SER F 63 -5.36 -26.74 8.37
N LYS F 64 -4.03 -26.65 8.37
CA LYS F 64 -3.20 -27.34 9.39
C LYS F 64 -3.63 -27.03 10.84
N GLN F 65 -3.91 -25.75 11.11
CA GLN F 65 -4.39 -25.29 12.41
C GLN F 65 -5.69 -26.00 12.83
N GLU F 66 -6.67 -25.99 11.93
CA GLU F 66 -7.99 -26.54 12.21
C GLU F 66 -7.94 -28.08 12.33
N LEU F 67 -7.02 -28.69 11.58
CA LEU F 67 -6.67 -30.10 11.72
C LEU F 67 -6.07 -30.39 13.10
N ALA F 68 -5.07 -29.60 13.49
CA ALA F 68 -4.47 -29.69 14.83
C ALA F 68 -5.50 -29.55 15.95
N GLN F 69 -6.44 -28.60 15.76
CA GLN F 69 -7.52 -28.38 16.72
C GLN F 69 -8.43 -29.61 16.86
N ALA F 70 -8.76 -30.25 15.74
CA ALA F 70 -9.50 -31.52 15.73
C ALA F 70 -8.76 -32.67 16.45
N VAL F 71 -7.45 -32.75 16.28
CA VAL F 71 -6.68 -33.78 17.00
C VAL F 71 -6.66 -33.52 18.52
N LEU F 72 -6.65 -32.24 18.91
CA LEU F 72 -6.86 -31.81 20.30
C LEU F 72 -8.29 -32.16 20.77
N ALA F 73 -9.29 -31.81 19.96
CA ALA F 73 -10.71 -32.01 20.31
C ALA F 73 -11.13 -33.47 20.45
N GLU F 74 -10.45 -34.36 19.73
CA GLU F 74 -10.78 -35.78 19.71
C GLU F 74 -10.12 -36.62 20.81
N GLN F 75 -9.28 -35.98 21.65
CA GLN F 75 -8.46 -36.68 22.65
C GLN F 75 -9.23 -37.61 23.61
N VAL F 76 -10.23 -37.05 24.30
CA VAL F 76 -11.08 -37.81 25.25
C VAL F 76 -11.91 -38.89 24.55
N ALA F 77 -12.53 -38.54 23.42
CA ALA F 77 -13.31 -39.48 22.61
C ALA F 77 -12.53 -40.71 22.16
N SER F 78 -11.22 -40.55 21.95
CA SER F 78 -10.32 -41.61 21.49
C SER F 78 -10.07 -42.73 22.52
N LEU F 79 -10.34 -42.45 23.80
CA LEU F 79 -10.21 -43.46 24.83
C LEU F 79 -11.30 -44.51 24.64
N PRO F 80 -10.90 -45.79 24.44
CA PRO F 80 -11.83 -46.92 24.36
C PRO F 80 -12.54 -47.05 25.68
N ARG F 81 -13.84 -47.34 25.63
CA ARG F 81 -14.66 -47.40 26.83
C ARG F 81 -14.34 -48.66 27.63
N VAL F 82 -14.01 -48.45 28.91
CA VAL F 82 -13.92 -49.54 29.88
C VAL F 82 -15.34 -50.02 30.22
N PRO F 83 -15.53 -51.33 30.46
CA PRO F 83 -16.85 -51.80 30.89
C PRO F 83 -17.33 -51.08 32.16
N GLU F 84 -18.60 -50.67 32.15
CA GLU F 84 -19.26 -50.13 33.34
C GLU F 84 -19.28 -51.21 34.41
N GLN F 85 -18.91 -50.84 35.62
CA GLN F 85 -18.69 -51.78 36.72
C GLN F 85 -19.34 -51.29 38.01
N GLU F 86 -19.13 -52.04 39.10
CA GLU F 86 -19.77 -51.72 40.37
C GLU F 86 -19.21 -50.43 41.04
N LEU F 87 -17.89 -50.26 40.99
CA LEU F 87 -17.21 -49.15 41.65
C LEU F 87 -16.72 -48.12 40.64
N LYS F 88 -17.17 -46.87 40.83
CA LYS F 88 -16.79 -45.78 39.93
C LYS F 88 -15.32 -45.37 40.08
N LEU F 89 -14.80 -45.48 41.31
CA LEU F 89 -13.38 -45.21 41.55
C LEU F 89 -12.49 -46.29 40.92
N GLN F 90 -12.96 -47.54 40.89
CA GLN F 90 -12.29 -48.60 40.12
C GLN F 90 -12.31 -48.27 38.63
N GLN F 91 -13.45 -47.77 38.15
CA GLN F 91 -13.59 -47.35 36.75
C GLN F 91 -12.54 -46.30 36.36
N SER F 92 -12.35 -45.30 37.24
CA SER F 92 -11.39 -44.20 37.00
C SER F 92 -9.97 -44.72 36.96
N LEU F 93 -9.65 -45.61 37.91
CA LEU F 93 -8.37 -46.32 37.95
C LEU F 93 -8.15 -47.19 36.72
N ASP F 94 -9.19 -47.92 36.29
CA ASP F 94 -9.15 -48.72 35.05
C ASP F 94 -8.83 -47.84 33.83
N GLU F 95 -9.51 -46.68 33.76
CA GLU F 95 -9.29 -45.71 32.67
C GLU F 95 -7.88 -45.10 32.67
N ALA F 96 -7.36 -44.78 33.86
CA ALA F 96 -6.02 -44.19 33.99
C ALA F 96 -4.93 -45.19 33.53
N LEU F 97 -5.09 -46.46 33.90
CA LEU F 97 -4.13 -47.51 33.55
C LEU F 97 -4.17 -47.90 32.07
N LEU F 98 -5.38 -47.95 31.51
CA LEU F 98 -5.60 -48.10 30.08
C LEU F 98 -4.93 -46.97 29.29
N LEU F 99 -5.19 -45.71 29.68
CA LEU F 99 -4.56 -44.56 29.02
C LEU F 99 -3.04 -44.57 29.15
N ALA F 100 -2.53 -45.00 30.30
CA ALA F 100 -1.09 -45.20 30.49
C ALA F 100 -0.50 -46.16 29.45
N HIS F 101 -1.19 -47.29 29.28
CA HIS F 101 -0.83 -48.36 28.33
C HIS F 101 -0.84 -47.82 26.89
N LEU F 102 -1.94 -47.15 26.53
CA LEU F 102 -2.13 -46.63 25.16
C LEU F 102 -1.14 -45.53 24.79
N LEU F 103 -0.74 -44.73 25.78
CA LEU F 103 0.29 -43.72 25.58
C LEU F 103 1.69 -44.32 25.41
N ARG F 104 1.94 -45.45 26.08
CA ARG F 104 3.19 -46.20 25.94
C ARG F 104 3.30 -46.80 24.54
N GLU F 105 2.32 -47.63 24.17
CA GLU F 105 2.35 -48.42 22.93
C GLU F 105 2.02 -47.59 21.68
N GLY F 106 0.89 -46.87 21.75
CA GLY F 106 0.38 -46.09 20.62
C GLY F 106 -0.67 -46.81 19.79
N THR F 107 -0.51 -48.13 19.64
CA THR F 107 -1.28 -48.95 18.70
C THR F 107 -2.80 -48.97 18.92
N GLY F 108 -3.22 -49.24 20.16
CA GLY F 108 -4.63 -49.31 20.51
C GLY F 108 -5.37 -47.97 20.44
N ASP F 109 -4.62 -46.87 20.42
CA ASP F 109 -5.21 -45.51 20.29
C ASP F 109 -4.23 -44.58 19.52
N PRO F 110 -4.18 -44.72 18.17
CA PRO F 110 -3.14 -44.00 17.42
C PRO F 110 -3.16 -42.45 17.49
N ILE F 111 -4.30 -41.84 17.82
CA ILE F 111 -4.42 -40.37 17.89
C ILE F 111 -3.74 -39.79 19.15
N VAL F 112 -3.80 -40.52 20.25
CA VAL F 112 -3.53 -39.98 21.59
C VAL F 112 -2.11 -39.44 21.84
N GLN F 113 -1.07 -40.12 21.34
CA GLN F 113 0.31 -39.65 21.53
C GLN F 113 0.49 -38.23 20.97
N GLY F 114 0.11 -38.04 19.70
CA GLY F 114 0.23 -36.74 19.05
C GLY F 114 -0.66 -35.67 19.67
N SER F 115 -1.89 -36.08 20.00
CA SER F 115 -2.85 -35.21 20.66
C SER F 115 -2.33 -34.66 21.99
N VAL F 116 -1.70 -35.55 22.76
CA VAL F 116 -1.06 -35.22 24.03
C VAL F 116 0.14 -34.27 23.80
N ARG F 117 1.01 -34.62 22.86
CA ARG F 117 2.11 -33.72 22.48
C ARG F 117 1.61 -32.30 22.17
N LEU F 118 0.57 -32.18 21.34
CA LEU F 118 -0.03 -30.88 20.98
C LEU F 118 -0.58 -30.11 22.18
N THR F 119 -1.10 -30.84 23.16
CA THR F 119 -1.63 -30.28 24.40
C THR F 119 -0.52 -29.76 25.32
N VAL F 120 0.50 -30.59 25.50
CA VAL F 120 1.58 -30.34 26.46
C VAL F 120 2.60 -29.33 25.93
N ASP F 121 2.95 -29.43 24.63
CA ASP F 121 3.83 -28.41 24.00
C ASP F 121 3.25 -27.02 24.21
N GLN F 122 4.07 -26.08 24.66
CA GLN F 122 3.59 -24.73 24.98
C GLN F 122 3.09 -23.93 23.75
N GLY F 123 3.75 -24.11 22.61
CA GLY F 123 3.44 -23.36 21.38
C GLY F 123 3.56 -21.85 21.53
N SER F 124 2.71 -21.12 20.81
CA SER F 124 2.63 -19.66 20.91
C SER F 124 1.18 -19.21 20.91
N PRO F 125 0.89 -18.03 21.54
CA PRO F 125 -0.43 -17.44 21.30
C PRO F 125 -0.66 -17.19 19.80
N ARG F 126 0.45 -17.03 19.07
CA ARG F 126 0.47 -16.89 17.62
C ARG F 126 -0.08 -18.07 16.82
N ASP F 127 0.03 -19.29 17.35
CA ASP F 127 -0.49 -20.50 16.65
C ASP F 127 -2.02 -20.65 16.70
N HIS F 128 -2.65 -19.90 17.61
CA HIS F 128 -4.12 -19.90 17.85
C HIS F 128 -4.80 -21.26 18.13
N LEU F 129 -4.00 -22.26 18.55
CA LEU F 129 -4.53 -23.53 19.02
C LEU F 129 -5.14 -23.35 20.40
N ASN F 130 -6.25 -24.03 20.66
CA ASN F 130 -6.89 -23.97 21.98
C ASN F 130 -6.63 -25.28 22.71
N ARG F 131 -5.58 -25.27 23.53
CA ARG F 131 -5.12 -26.45 24.29
C ARG F 131 -6.02 -26.73 25.51
N ARG F 132 -6.86 -25.76 25.86
CA ARG F 132 -7.83 -25.92 26.95
C ARG F 132 -8.91 -26.96 26.62
N VAL F 133 -9.14 -27.20 25.32
CA VAL F 133 -10.23 -28.11 24.87
C VAL F 133 -10.08 -29.55 25.42
N PRO F 134 -8.93 -30.24 25.19
CA PRO F 134 -8.76 -31.58 25.78
C PRO F 134 -8.66 -31.60 27.32
N MET F 135 -8.11 -30.52 27.90
CA MET F 135 -7.89 -30.43 29.34
C MET F 135 -9.18 -30.25 30.10
N GLN F 136 -10.02 -29.33 29.63
CA GLN F 136 -11.39 -29.15 30.08
C GLN F 136 -12.20 -30.45 29.94
N ALA F 137 -12.01 -31.14 28.80
CA ALA F 137 -12.76 -32.38 28.53
C ALA F 137 -12.39 -33.48 29.53
N TRP F 138 -11.09 -33.63 29.83
CA TRP F 138 -10.64 -34.58 30.85
C TRP F 138 -11.14 -34.24 32.25
N THR F 139 -11.14 -32.93 32.57
CA THR F 139 -11.57 -32.42 33.87
C THR F 139 -13.05 -32.74 34.08
N GLU F 140 -13.87 -32.42 33.08
CA GLU F 140 -15.29 -32.76 33.07
C GLU F 140 -15.47 -34.27 33.15
N HIS F 141 -14.76 -35.00 32.31
CA HIS F 141 -14.78 -36.47 32.35
C HIS F 141 -14.51 -37.00 33.77
N THR F 142 -13.45 -36.48 34.40
CA THR F 142 -13.01 -36.97 35.70
C THR F 142 -13.98 -36.54 36.80
N GLN F 143 -14.39 -35.27 36.77
CA GLN F 143 -15.38 -34.76 37.72
C GLN F 143 -16.67 -35.59 37.67
N SER F 144 -17.13 -35.91 36.46
CA SER F 144 -18.33 -36.73 36.24
C SER F 144 -18.28 -38.08 36.92
N LEU F 145 -17.15 -38.78 36.75
CA LEU F 145 -16.91 -40.02 37.46
C LEU F 145 -16.92 -39.84 38.98
N PHE F 146 -16.32 -38.76 39.47
CA PHE F 146 -16.26 -38.50 40.91
C PHE F 146 -17.64 -38.16 41.49
N GLU F 147 -18.44 -37.40 40.74
CA GLU F 147 -19.86 -37.18 41.07
C GLU F 147 -20.68 -38.48 41.14
N GLU F 148 -20.48 -39.37 40.16
CA GLU F 148 -21.16 -40.66 40.16
C GLU F 148 -20.70 -41.54 41.33
N ALA F 149 -19.39 -41.54 41.58
CA ALA F 149 -18.81 -42.18 42.77
C ALA F 149 -19.41 -41.67 44.08
N ARG F 150 -19.57 -40.34 44.20
CA ARG F 150 -20.17 -39.70 45.37
C ARG F 150 -21.63 -40.14 45.63
N ALA F 151 -22.44 -40.18 44.57
CA ALA F 151 -23.82 -40.64 44.65
C ALA F 151 -23.93 -42.11 45.09
N LYS F 152 -22.88 -42.90 44.81
CA LYS F 152 -22.78 -44.32 45.15
C LYS F 152 -22.06 -44.56 46.49
N GLY F 153 -21.79 -43.50 47.23
CA GLY F 153 -21.18 -43.57 48.56
C GLY F 153 -19.70 -43.89 48.59
N GLU F 154 -18.99 -43.64 47.50
CA GLU F 154 -17.57 -44.02 47.38
C GLU F 154 -16.61 -42.97 47.93
N ILE F 155 -17.14 -41.78 48.18
CA ILE F 155 -16.31 -40.64 48.48
C ILE F 155 -16.63 -40.06 49.86
N LEU F 156 -15.59 -39.72 50.61
CA LEU F 156 -15.71 -39.08 51.92
C LEU F 156 -16.46 -37.74 51.84
N PRO F 157 -17.28 -37.42 52.87
CA PRO F 157 -18.05 -36.14 52.85
C PRO F 157 -17.14 -34.89 52.78
N HIS F 158 -17.68 -33.78 52.25
CA HIS F 158 -16.95 -32.50 52.07
C HIS F 158 -15.81 -32.51 51.04
N ALA F 159 -15.70 -33.58 50.24
CA ALA F 159 -14.71 -33.61 49.16
C ALA F 159 -15.13 -32.64 48.05
N ASP F 160 -14.16 -31.88 47.56
CA ASP F 160 -14.37 -30.91 46.47
C ASP F 160 -14.05 -31.62 45.17
N VAL F 161 -15.11 -32.08 44.51
CA VAL F 161 -15.01 -32.96 43.37
C VAL F 161 -14.42 -32.24 42.13
N GLU F 162 -14.72 -30.95 41.98
CA GLU F 162 -14.10 -30.14 40.93
C GLU F 162 -12.59 -30.04 41.15
N ALA F 163 -12.20 -29.70 42.38
CA ALA F 163 -10.80 -29.55 42.76
C ALA F 163 -10.06 -30.87 42.65
N LEU F 164 -10.73 -31.97 43.00
CA LEU F 164 -10.17 -33.32 42.83
C LEU F 164 -9.94 -33.69 41.36
N ALA F 165 -10.90 -33.35 40.50
CA ALA F 165 -10.81 -33.59 39.06
C ALA F 165 -9.59 -32.89 38.47
N LYS F 166 -9.41 -31.62 38.85
CA LYS F 166 -8.26 -30.80 38.43
C LYS F 166 -6.93 -31.37 38.93
N LEU F 167 -6.95 -31.94 40.13
CA LEU F 167 -5.75 -32.55 40.71
C LEU F 167 -5.37 -33.80 39.91
N PHE F 168 -6.36 -34.65 39.64
CA PHE F 168 -6.13 -35.89 38.89
C PHE F 168 -5.67 -35.66 37.45
N VAL F 169 -6.32 -34.77 36.72
CA VAL F 169 -5.91 -34.45 35.33
C VAL F 169 -4.48 -33.89 35.28
N GLY F 170 -4.21 -32.88 36.11
CA GLY F 170 -2.87 -32.28 36.20
C GLY F 170 -1.79 -33.26 36.64
N ALA F 171 -2.02 -33.97 37.75
CA ALA F 171 -1.04 -34.93 38.27
C ALA F 171 -0.76 -36.06 37.28
N PHE F 172 -1.82 -36.56 36.63
CA PHE F 172 -1.66 -37.55 35.55
C PHE F 172 -0.76 -37.06 34.42
N THR F 173 -1.03 -35.82 33.98
CA THR F 173 -0.26 -35.18 32.90
C THR F 173 1.22 -35.12 33.28
N GLY F 174 1.52 -34.81 34.54
CA GLY F 174 2.89 -34.65 35.01
C GLY F 174 3.61 -35.96 35.13
N VAL F 175 2.90 -36.95 35.68
CA VAL F 175 3.37 -38.32 35.75
C VAL F 175 3.68 -38.84 34.32
N GLN F 176 2.82 -38.50 33.37
CA GLN F 176 3.03 -38.78 31.95
C GLN F 176 4.31 -38.10 31.44
N VAL F 177 4.45 -36.79 31.69
CA VAL F 177 5.61 -36.01 31.23
C VAL F 177 6.93 -36.58 31.79
N LEU F 178 6.98 -36.77 33.11
CA LEU F 178 8.17 -37.31 33.77
C LEU F 178 8.55 -38.65 33.15
N SER F 179 7.58 -39.54 33.04
CA SER F 179 7.78 -40.92 32.52
C SER F 179 8.29 -40.96 31.08
N ARG F 180 7.70 -40.13 30.22
CA ARG F 180 8.16 -39.96 28.85
C ARG F 180 9.66 -39.58 28.82
N ILE F 181 10.00 -38.53 29.55
CA ILE F 181 11.40 -38.04 29.64
C ILE F 181 12.33 -39.13 30.16
N MET F 182 11.97 -39.74 31.30
CA MET F 182 12.89 -40.56 32.05
C MET F 182 13.02 -41.96 31.51
N THR F 183 11.90 -42.55 31.07
CA THR F 183 11.90 -43.95 30.67
C THR F 183 11.27 -44.21 29.28
N GLY F 184 10.88 -43.15 28.57
CA GLY F 184 10.14 -43.33 27.32
C GLY F 184 8.77 -43.99 27.54
N ARG F 185 8.22 -43.75 28.73
CA ARG F 185 6.90 -44.29 29.17
C ARG F 185 6.90 -45.77 29.51
N ALA F 186 8.10 -46.37 29.65
CA ALA F 186 8.25 -47.75 30.10
C ALA F 186 7.68 -47.96 31.51
N ASP F 187 7.87 -46.98 32.38
CA ASP F 187 7.35 -47.07 33.76
C ASP F 187 5.97 -46.42 34.00
N LEU F 188 5.32 -45.92 32.93
CA LEU F 188 4.11 -45.08 33.06
C LEU F 188 2.93 -45.69 33.81
N ALA F 189 2.59 -46.94 33.50
CA ALA F 189 1.53 -47.64 34.23
C ALA F 189 1.82 -47.76 35.73
N GLU F 190 3.07 -48.11 36.07
CA GLU F 190 3.53 -48.22 37.47
C GLU F 190 3.46 -46.87 38.20
N ARG F 191 3.88 -45.80 37.53
CA ARG F 191 3.82 -44.43 38.09
C ARG F 191 2.39 -43.92 38.28
N VAL F 192 1.51 -44.28 37.34
CA VAL F 192 0.08 -43.95 37.41
C VAL F 192 -0.60 -44.76 38.54
N ALA F 193 -0.27 -46.05 38.63
CA ALA F 193 -0.73 -46.90 39.75
C ALA F 193 -0.31 -46.30 41.09
N ASP F 194 0.95 -45.84 41.15
CA ASP F 194 1.49 -45.15 42.30
C ASP F 194 0.73 -43.90 42.62
N LEU F 195 0.42 -43.10 41.61
CA LEU F 195 -0.33 -41.86 41.80
C LEU F 195 -1.71 -42.09 42.43
N TYR F 196 -2.45 -43.06 41.89
CA TYR F 196 -3.76 -43.43 42.40
C TYR F 196 -3.71 -44.00 43.82
N ARG F 197 -2.68 -44.81 44.11
CA ARG F 197 -2.47 -45.35 45.47
C ARG F 197 -2.24 -44.25 46.52
N HIS F 198 -1.68 -43.13 46.09
CA HIS F 198 -1.30 -42.06 47.00
C HIS F 198 -2.32 -40.91 47.04
N LEU F 199 -3.17 -40.81 46.02
CA LEU F 199 -4.28 -39.83 45.98
C LEU F 199 -5.60 -40.30 46.60
N MET F 200 -5.99 -41.54 46.29
CA MET F 200 -7.25 -42.12 46.78
C MET F 200 -7.42 -42.07 48.32
N PRO F 201 -6.35 -42.34 49.12
CA PRO F 201 -6.51 -42.28 50.60
C PRO F 201 -7.09 -40.96 51.15
N SER F 202 -6.79 -39.85 50.50
CA SER F 202 -7.28 -38.52 50.91
C SER F 202 -8.78 -38.30 50.74
N PHE F 203 -9.45 -39.11 49.91
CA PHE F 203 -10.87 -38.82 49.61
C PHE F 203 -11.80 -40.02 49.45
N ALA F 204 -11.24 -41.21 49.18
CA ALA F 204 -12.04 -42.41 49.01
C ALA F 204 -12.54 -42.90 50.36
N MET F 205 -13.82 -43.23 50.40
CA MET F 205 -14.40 -43.94 51.54
C MET F 205 -13.55 -45.22 51.79
N PRO F 206 -13.01 -45.39 53.02
CA PRO F 206 -12.04 -46.46 53.29
C PRO F 206 -12.49 -47.89 52.96
N GLY F 207 -13.80 -48.17 53.09
CA GLY F 207 -14.38 -49.44 52.65
C GLY F 207 -14.17 -49.75 51.17
N ILE F 208 -14.12 -48.68 50.36
CA ILE F 208 -13.84 -48.76 48.92
C ILE F 208 -12.33 -48.96 48.68
N LEU F 209 -11.50 -48.27 49.46
CA LEU F 209 -10.05 -48.41 49.37
C LEU F 209 -9.54 -49.85 49.42
N VAL F 210 -10.02 -50.61 50.40
CA VAL F 210 -9.64 -52.02 50.57
C VAL F 210 -10.11 -52.92 49.43
N ARG F 211 -11.05 -52.42 48.62
CA ARG F 211 -11.58 -53.16 47.48
C ARG F 211 -10.91 -52.83 46.14
N LEU F 212 -10.24 -51.67 46.05
CA LEU F 212 -9.60 -51.22 44.79
C LEU F 212 -8.47 -52.12 44.35
N ASP F 213 -8.34 -52.31 43.04
CA ASP F 213 -7.38 -53.24 42.45
C ASP F 213 -6.41 -52.51 41.53
N PHE F 214 -5.18 -52.38 42.00
CA PHE F 214 -4.12 -51.59 41.33
C PHE F 214 -3.17 -52.48 40.53
N SER F 215 -3.49 -53.76 40.41
CA SER F 215 -2.60 -54.78 39.84
C SER F 215 -2.44 -54.67 38.31
N PRO F 216 -1.26 -55.07 37.77
CA PRO F 216 -1.08 -55.07 36.31
C PRO F 216 -1.80 -56.25 35.64
N GLU F 217 -2.22 -57.25 36.42
CA GLU F 217 -3.08 -58.33 35.93
C GLU F 217 -4.47 -57.83 35.54
N ARG F 218 -5.07 -56.98 36.38
CA ARG F 218 -6.37 -56.37 36.04
C ARG F 218 -6.22 -55.42 34.84
N GLY F 219 -5.15 -54.63 34.85
CA GLY F 219 -4.80 -53.75 33.73
C GLY F 219 -4.71 -54.51 32.41
N SER F 220 -3.99 -55.63 32.43
CA SER F 220 -3.89 -56.55 31.29
C SER F 220 -5.28 -57.02 30.81
N ARG F 221 -6.12 -57.45 31.75
CA ARG F 221 -7.50 -57.89 31.48
C ARG F 221 -8.40 -56.78 30.91
N VAL F 222 -8.30 -55.59 31.50
CA VAL F 222 -9.03 -54.40 31.04
C VAL F 222 -8.58 -53.99 29.62
N TYR F 223 -7.28 -54.12 29.34
CA TYR F 223 -6.73 -53.80 28.02
C TYR F 223 -7.25 -54.75 26.93
N GLU F 224 -7.21 -56.05 27.19
CA GLU F 224 -7.72 -57.08 26.26
C GLU F 224 -9.22 -56.91 25.98
N ALA F 225 -9.97 -56.58 27.03
CA ALA F 225 -11.41 -56.33 26.95
C ALA F 225 -11.78 -55.08 26.14
N ALA F 226 -10.94 -54.04 26.22
CA ALA F 226 -11.18 -52.78 25.49
C ALA F 226 -10.84 -52.92 24.00
N MET F 227 -9.88 -53.80 23.70
CA MET F 227 -9.43 -54.07 22.32
C MET F 227 -10.34 -55.04 21.55
N LYS F 228 -11.59 -55.19 22.02
CA LYS F 228 -12.56 -56.12 21.43
C LYS F 228 -13.08 -55.63 20.07
N ARG G 14 -0.97 6.38 -32.87
CA ARG G 14 -1.01 5.21 -31.94
C ARG G 14 0.19 4.28 -32.16
N GLN G 15 0.56 4.08 -33.42
CA GLN G 15 1.71 3.23 -33.77
C GLN G 15 3.04 3.93 -33.57
N GLU G 16 3.12 5.22 -33.92
CA GLU G 16 4.30 6.03 -33.66
C GLU G 16 4.59 6.11 -32.16
N ARG G 17 3.53 6.22 -31.35
CA ARG G 17 3.62 6.22 -29.89
C ARG G 17 4.13 4.86 -29.35
N ALA G 18 3.56 3.77 -29.88
CA ALA G 18 4.00 2.40 -29.56
C ALA G 18 5.52 2.18 -29.71
N ILE G 19 6.09 2.58 -30.86
CA ILE G 19 7.54 2.42 -31.11
C ILE G 19 8.39 3.27 -30.15
N ARG G 20 7.98 4.52 -29.95
CA ARG G 20 8.68 5.47 -29.07
C ARG G 20 8.69 4.97 -27.62
N THR G 21 7.51 4.61 -27.12
CA THR G 21 7.31 4.12 -25.75
C THR G 21 8.11 2.85 -25.48
N ARG G 22 8.04 1.89 -26.41
CA ARG G 22 8.73 0.63 -26.28
C ARG G 22 10.22 0.86 -26.06
N GLN G 23 10.82 1.67 -26.91
CA GLN G 23 12.23 2.05 -26.79
C GLN G 23 12.56 2.70 -25.44
N THR G 24 11.70 3.62 -24.99
CA THR G 24 11.84 4.27 -23.68
C THR G 24 11.86 3.26 -22.53
N ILE G 25 10.97 2.27 -22.59
CA ILE G 25 10.92 1.20 -21.57
C ILE G 25 12.18 0.35 -21.59
N LEU G 26 12.58 -0.10 -22.78
CA LEU G 26 13.76 -0.96 -22.96
C LEU G 26 15.04 -0.31 -22.42
N VAL G 27 15.20 1.00 -22.68
CA VAL G 27 16.36 1.78 -22.20
C VAL G 27 16.41 1.86 -20.66
N ALA G 28 15.27 2.22 -20.05
CA ALA G 28 15.15 2.25 -18.60
C ALA G 28 15.39 0.87 -17.97
N ALA G 29 14.74 -0.15 -18.53
CA ALA G 29 14.86 -1.52 -18.04
C ALA G 29 16.31 -1.98 -18.07
N ALA G 30 16.97 -1.72 -19.20
CA ALA G 30 18.40 -1.99 -19.38
C ALA G 30 19.30 -1.34 -18.33
N GLU G 31 19.04 -0.06 -18.04
CA GLU G 31 19.74 0.69 -16.99
C GLU G 31 19.53 0.07 -15.60
N VAL G 32 18.27 -0.21 -15.26
CA VAL G 32 17.94 -0.83 -13.97
C VAL G 32 18.60 -2.22 -13.86
N PHE G 33 18.52 -3.03 -14.93
CA PHE G 33 19.17 -4.35 -14.92
C PHE G 33 20.67 -4.21 -14.79
N ASP G 34 21.26 -3.24 -15.51
CA ASP G 34 22.70 -2.97 -15.43
C ASP G 34 23.20 -2.67 -14.02
N GLU G 35 22.47 -1.84 -13.27
CA GLU G 35 22.92 -1.46 -11.93
C GLU G 35 22.63 -2.51 -10.87
N VAL G 36 21.48 -3.17 -10.94
CA VAL G 36 21.07 -4.03 -9.83
C VAL G 36 20.88 -5.52 -10.21
N GLY G 37 20.97 -5.83 -11.50
CA GLY G 37 20.81 -7.21 -11.97
C GLY G 37 19.34 -7.59 -12.09
N TYR G 38 19.08 -8.79 -12.61
CA TYR G 38 17.73 -9.26 -12.87
C TYR G 38 16.86 -9.41 -11.62
N GLU G 39 17.32 -10.23 -10.68
CA GLU G 39 16.58 -10.58 -9.46
C GLU G 39 16.15 -9.38 -8.60
N ALA G 40 17.07 -8.46 -8.37
CA ALA G 40 16.79 -7.32 -7.50
C ALA G 40 15.91 -6.24 -8.16
N ALA G 41 15.94 -6.19 -9.50
CA ALA G 41 15.15 -5.21 -10.27
C ALA G 41 13.67 -5.43 -10.10
N THR G 42 12.91 -4.33 -10.08
CA THR G 42 11.45 -4.41 -10.02
C THR G 42 10.83 -3.65 -11.18
N ILE G 43 9.59 -3.99 -11.47
CA ILE G 43 8.76 -3.25 -12.43
C ILE G 43 8.64 -1.78 -12.00
N SER G 44 8.42 -1.58 -10.69
CA SER G 44 8.38 -0.23 -10.08
C SER G 44 9.65 0.60 -10.35
N ASP G 45 10.84 -0.01 -10.22
CA ASP G 45 12.12 0.61 -10.63
C ASP G 45 12.12 1.10 -12.10
N VAL G 46 11.61 0.26 -13.00
CA VAL G 46 11.55 0.57 -14.44
C VAL G 46 10.55 1.71 -14.71
N LEU G 47 9.41 1.67 -14.01
CA LEU G 47 8.38 2.71 -14.15
C LEU G 47 8.90 4.09 -13.75
N LYS G 48 9.56 4.18 -12.59
CA LYS G 48 10.13 5.45 -12.14
C LYS G 48 11.26 5.94 -13.05
N ARG G 49 12.08 5.01 -13.52
CA ARG G 49 13.17 5.35 -14.42
C ARG G 49 12.68 5.83 -15.80
N SER G 50 11.67 5.16 -16.36
CA SER G 50 11.16 5.52 -17.69
C SER G 50 10.25 6.72 -17.63
N GLY G 51 9.47 6.81 -16.56
CA GLY G 51 8.41 7.79 -16.46
C GLY G 51 7.18 7.46 -17.29
N VAL G 52 7.01 6.20 -17.70
CA VAL G 52 5.77 5.76 -18.36
C VAL G 52 4.78 5.25 -17.31
N THR G 53 3.52 5.11 -17.71
CA THR G 53 2.47 4.56 -16.87
C THR G 53 2.54 3.02 -16.86
N LYS G 54 1.97 2.43 -15.81
CA LYS G 54 1.73 0.98 -15.72
C LYS G 54 1.04 0.46 -16.97
N GLY G 55 -0.06 1.11 -17.35
CA GLY G 55 -0.77 0.84 -18.60
C GLY G 55 0.15 0.76 -19.81
N ALA G 56 1.02 1.76 -19.97
CA ALA G 56 2.01 1.79 -21.05
C ALA G 56 3.01 0.64 -20.99
N LEU G 57 3.56 0.37 -19.80
CA LEU G 57 4.50 -0.74 -19.64
C LEU G 57 3.84 -2.07 -19.97
N TYR G 58 2.66 -2.33 -19.40
CA TYR G 58 1.98 -3.62 -19.62
C TYR G 58 1.38 -3.81 -21.03
N PHE G 59 1.22 -2.72 -21.78
CA PHE G 59 0.89 -2.80 -23.20
C PHE G 59 2.05 -3.41 -24.02
N HIS G 60 3.28 -3.22 -23.57
CA HIS G 60 4.45 -3.69 -24.32
C HIS G 60 5.07 -4.97 -23.77
N PHE G 61 4.98 -5.15 -22.45
CA PHE G 61 5.62 -6.27 -21.78
C PHE G 61 4.73 -6.80 -20.69
N THR G 62 4.73 -8.11 -20.53
CA THR G 62 3.74 -8.79 -19.70
C THR G 62 4.25 -8.98 -18.28
N SER G 63 5.57 -9.10 -18.15
CA SER G 63 6.25 -9.42 -16.90
C SER G 63 7.67 -8.85 -16.92
N LYS G 64 8.32 -8.83 -15.75
CA LYS G 64 9.75 -8.51 -15.63
C LYS G 64 10.59 -9.51 -16.42
N GLN G 65 10.22 -10.79 -16.38
CA GLN G 65 10.93 -11.81 -17.15
C GLN G 65 10.93 -11.47 -18.64
N GLU G 66 9.75 -11.12 -19.15
CA GLU G 66 9.55 -10.90 -20.57
C GLU G 66 10.29 -9.63 -21.00
N LEU G 67 10.26 -8.63 -20.12
CA LEU G 67 10.97 -7.36 -20.30
C LEU G 67 12.48 -7.61 -20.37
N ALA G 68 13.00 -8.38 -19.41
CA ALA G 68 14.41 -8.78 -19.41
C ALA G 68 14.79 -9.55 -20.68
N GLN G 69 13.91 -10.46 -21.09
CA GLN G 69 14.12 -11.30 -22.28
C GLN G 69 14.20 -10.43 -23.53
N ALA G 70 13.43 -9.35 -23.54
CA ALA G 70 13.41 -8.41 -24.67
C ALA G 70 14.70 -7.61 -24.75
N VAL G 71 15.27 -7.20 -23.60
CA VAL G 71 16.55 -6.47 -23.62
C VAL G 71 17.70 -7.42 -23.97
N LEU G 72 17.58 -8.70 -23.61
CA LEU G 72 18.48 -9.75 -24.15
C LEU G 72 18.36 -9.86 -25.67
N ALA G 73 17.13 -9.88 -26.18
CA ALA G 73 16.82 -10.01 -27.62
C ALA G 73 17.25 -8.83 -28.48
N GLU G 74 17.39 -7.66 -27.86
CA GLU G 74 17.73 -6.43 -28.58
C GLU G 74 19.21 -6.14 -28.70
N GLN G 75 20.04 -7.06 -28.20
CA GLN G 75 21.48 -6.81 -28.08
C GLN G 75 22.20 -6.58 -29.41
N VAL G 76 22.02 -7.49 -30.37
CA VAL G 76 22.61 -7.36 -31.72
C VAL G 76 22.08 -6.14 -32.47
N ALA G 77 20.76 -5.95 -32.47
CA ALA G 77 20.09 -4.83 -33.15
C ALA G 77 20.45 -3.45 -32.59
N SER G 78 20.95 -3.44 -31.36
CA SER G 78 21.43 -2.23 -30.69
C SER G 78 22.69 -1.63 -31.29
N LEU G 79 23.48 -2.44 -31.98
CA LEU G 79 24.72 -1.98 -32.59
C LEU G 79 24.39 -1.18 -33.86
N PRO G 80 24.90 0.08 -33.96
CA PRO G 80 24.77 0.80 -35.22
C PRO G 80 25.41 0.06 -36.38
N ARG G 81 24.80 0.20 -37.56
CA ARG G 81 25.30 -0.35 -38.81
C ARG G 81 26.63 0.32 -39.16
N VAL G 82 27.70 -0.47 -39.17
CA VAL G 82 29.01 -0.02 -39.62
C VAL G 82 28.96 0.06 -41.16
N PRO G 83 29.36 1.21 -41.75
CA PRO G 83 29.29 1.40 -43.20
C PRO G 83 29.86 0.22 -44.01
N GLU G 84 29.15 -0.13 -45.09
CA GLU G 84 29.59 -1.09 -46.11
C GLU G 84 31.01 -0.74 -46.57
N GLN G 85 31.87 -1.75 -46.62
CA GLN G 85 33.31 -1.56 -46.83
C GLN G 85 33.92 -2.50 -47.86
N GLU G 86 35.17 -2.19 -48.22
CA GLU G 86 35.98 -3.03 -49.11
C GLU G 86 36.29 -4.38 -48.46
N LEU G 87 36.75 -4.38 -47.21
CA LEU G 87 37.14 -5.62 -46.51
C LEU G 87 36.15 -6.02 -45.42
N LYS G 88 35.64 -7.25 -45.50
CA LYS G 88 34.73 -7.79 -44.49
C LYS G 88 35.43 -8.02 -43.13
N LEU G 89 36.73 -8.33 -43.16
CA LEU G 89 37.49 -8.51 -41.93
C LEU G 89 37.72 -7.19 -41.22
N GLN G 90 37.89 -6.12 -41.99
CA GLN G 90 37.94 -4.77 -41.45
C GLN G 90 36.60 -4.37 -40.84
N GLN G 91 35.50 -4.69 -41.54
CA GLN G 91 34.15 -4.50 -41.00
C GLN G 91 33.95 -5.13 -39.61
N SER G 92 34.40 -6.38 -39.45
CA SER G 92 34.32 -7.09 -38.18
C SER G 92 35.12 -6.35 -37.10
N LEU G 93 36.32 -5.90 -37.46
CA LEU G 93 37.20 -5.18 -36.56
C LEU G 93 36.59 -3.83 -36.15
N ASP G 94 36.03 -3.12 -37.13
CA ASP G 94 35.27 -1.88 -36.90
C ASP G 94 34.08 -2.08 -35.95
N GLU G 95 33.36 -3.18 -36.13
CA GLU G 95 32.19 -3.49 -35.30
C GLU G 95 32.60 -3.80 -33.87
N ALA G 96 33.67 -4.60 -33.71
CA ALA G 96 34.17 -5.00 -32.40
C ALA G 96 34.65 -3.80 -31.58
N LEU G 97 35.40 -2.92 -32.23
CA LEU G 97 35.88 -1.70 -31.60
C LEU G 97 34.74 -0.70 -31.37
N LEU G 98 33.73 -0.67 -32.25
CA LEU G 98 32.53 0.17 -32.02
C LEU G 98 31.75 -0.32 -30.79
N LEU G 99 31.53 -1.64 -30.73
CA LEU G 99 30.88 -2.24 -29.57
C LEU G 99 31.66 -1.97 -28.28
N ALA G 100 32.99 -2.00 -28.37
CA ALA G 100 33.84 -1.71 -27.22
C ALA G 100 33.54 -0.31 -26.65
N HIS G 101 33.46 0.68 -27.54
CA HIS G 101 33.12 2.09 -27.18
C HIS G 101 31.76 2.21 -26.51
N LEU G 102 30.78 1.49 -27.05
CA LEU G 102 29.41 1.50 -26.54
C LEU G 102 29.27 0.78 -25.19
N LEU G 103 30.27 -0.02 -24.85
CA LEU G 103 30.31 -0.71 -23.56
C LEU G 103 31.01 0.12 -22.49
N ARG G 104 31.95 0.97 -22.94
CA ARG G 104 32.73 1.86 -22.08
C ARG G 104 31.89 2.99 -21.41
N GLU G 105 32.26 3.36 -20.19
CA GLU G 105 31.49 4.23 -19.26
C GLU G 105 31.07 5.63 -19.73
N GLY G 106 31.97 6.33 -20.42
CA GLY G 106 31.75 7.71 -20.85
C GLY G 106 31.05 7.87 -22.20
N THR G 107 31.11 6.79 -23.00
CA THR G 107 30.45 6.72 -24.31
C THR G 107 29.39 5.61 -24.33
N GLY G 108 29.00 5.16 -23.14
CA GLY G 108 28.12 4.01 -22.94
C GLY G 108 26.75 4.09 -23.57
N ASP G 109 26.27 2.92 -24.00
CA ASP G 109 24.92 2.76 -24.49
C ASP G 109 24.13 1.94 -23.46
N PRO G 110 23.08 2.55 -22.86
CA PRO G 110 22.31 1.90 -21.77
C PRO G 110 21.82 0.49 -22.10
N ILE G 111 21.28 0.29 -23.32
CA ILE G 111 20.75 -1.02 -23.72
C ILE G 111 21.81 -2.12 -23.78
N VAL G 112 22.91 -1.87 -24.53
CA VAL G 112 23.99 -2.87 -24.65
C VAL G 112 24.60 -3.28 -23.32
N GLN G 113 24.82 -2.32 -22.42
CA GLN G 113 25.44 -2.58 -21.11
C GLN G 113 24.59 -3.51 -20.23
N GLY G 114 23.32 -3.18 -20.07
CA GLY G 114 22.39 -3.98 -19.27
C GLY G 114 22.14 -5.35 -19.88
N SER G 115 22.07 -5.38 -21.21
CA SER G 115 21.84 -6.61 -21.97
C SER G 115 23.00 -7.57 -21.76
N VAL G 116 24.22 -7.05 -21.89
CA VAL G 116 25.46 -7.80 -21.58
C VAL G 116 25.47 -8.29 -20.13
N ARG G 117 25.10 -7.43 -19.16
CA ARG G 117 24.99 -7.90 -17.77
C ARG G 117 24.01 -9.09 -17.64
N LEU G 118 22.81 -8.96 -18.23
CA LEU G 118 21.83 -10.06 -18.16
C LEU G 118 22.35 -11.37 -18.77
N THR G 119 23.22 -11.24 -19.78
CA THR G 119 23.76 -12.37 -20.54
C THR G 119 24.82 -13.12 -19.76
N VAL G 120 25.67 -12.35 -19.09
CA VAL G 120 26.88 -12.85 -18.45
C VAL G 120 26.59 -13.29 -17.01
N ASP G 121 25.72 -12.54 -16.30
CA ASP G 121 25.23 -12.97 -14.98
C ASP G 121 24.61 -14.38 -15.12
N GLN G 122 25.08 -15.33 -14.32
CA GLN G 122 24.63 -16.72 -14.37
C GLN G 122 23.14 -16.87 -14.11
N GLY G 123 22.64 -16.11 -13.13
CA GLY G 123 21.25 -16.17 -12.71
C GLY G 123 20.92 -17.55 -12.18
N SER G 124 19.75 -18.05 -12.56
CA SER G 124 19.28 -19.36 -12.14
C SER G 124 18.44 -20.00 -13.24
N PRO G 125 18.48 -21.35 -13.35
CA PRO G 125 17.48 -22.05 -14.18
C PRO G 125 16.05 -21.60 -13.88
N ARG G 126 15.79 -21.29 -12.61
CA ARG G 126 14.49 -20.87 -12.12
C ARG G 126 14.04 -19.46 -12.62
N ASP G 127 14.99 -18.64 -13.08
CA ASP G 127 14.61 -17.34 -13.65
C ASP G 127 14.02 -17.47 -15.07
N HIS G 128 14.24 -18.64 -15.68
CA HIS G 128 13.75 -19.00 -17.04
C HIS G 128 14.13 -18.09 -18.20
N LEU G 129 15.12 -17.22 -17.97
CA LEU G 129 15.72 -16.39 -19.00
C LEU G 129 16.48 -17.24 -20.00
N ASN G 130 16.33 -16.90 -21.28
CA ASN G 130 17.08 -17.56 -22.34
C ASN G 130 18.26 -16.69 -22.79
N ARG G 131 19.39 -16.89 -22.12
CA ARG G 131 20.65 -16.18 -22.41
C ARG G 131 21.33 -16.59 -23.72
N ARG G 132 20.93 -17.74 -24.27
CA ARG G 132 21.41 -18.22 -25.57
C ARG G 132 21.01 -17.30 -26.73
N VAL G 133 19.89 -16.58 -26.58
CA VAL G 133 19.36 -15.71 -27.63
C VAL G 133 20.38 -14.69 -28.20
N PRO G 134 20.93 -13.76 -27.36
CA PRO G 134 21.96 -12.85 -27.92
C PRO G 134 23.30 -13.55 -28.30
N MET G 135 23.68 -14.61 -27.58
CA MET G 135 24.92 -15.32 -27.93
C MET G 135 24.80 -16.03 -29.27
N GLN G 136 23.66 -16.67 -29.50
CA GLN G 136 23.34 -17.25 -30.80
C GLN G 136 23.29 -16.17 -31.90
N ALA G 137 22.70 -15.00 -31.59
CA ALA G 137 22.58 -13.92 -32.56
C ALA G 137 23.94 -13.31 -32.93
N TRP G 138 24.83 -13.16 -31.95
CA TRP G 138 26.22 -12.74 -32.22
C TRP G 138 27.02 -13.79 -33.02
N THR G 139 26.85 -15.06 -32.65
CA THR G 139 27.56 -16.17 -33.35
C THR G 139 27.19 -16.19 -34.85
N GLU G 140 25.88 -16.11 -35.14
CA GLU G 140 25.36 -16.00 -36.53
C GLU G 140 25.88 -14.77 -37.26
N HIS G 141 25.79 -13.61 -36.59
CA HIS G 141 26.29 -12.32 -37.10
C HIS G 141 27.76 -12.39 -37.52
N THR G 142 28.59 -12.94 -36.63
CA THR G 142 30.01 -13.09 -36.89
C THR G 142 30.28 -14.20 -37.96
N GLN G 143 29.56 -15.31 -37.88
CA GLN G 143 29.69 -16.37 -38.88
C GLN G 143 29.31 -15.86 -40.27
N SER G 144 28.28 -15.03 -40.33
CA SER G 144 27.81 -14.45 -41.59
C SER G 144 28.84 -13.52 -42.23
N LEU G 145 29.48 -12.71 -41.40
CA LEU G 145 30.53 -11.81 -41.87
C LEU G 145 31.76 -12.59 -42.36
N PHE G 146 32.10 -13.65 -41.64
CA PHE G 146 33.22 -14.49 -42.00
C PHE G 146 32.95 -15.28 -43.29
N GLU G 147 31.68 -15.67 -43.48
CA GLU G 147 31.22 -16.34 -44.71
C GLU G 147 31.33 -15.39 -45.91
N GLU G 148 30.99 -14.13 -45.68
CA GLU G 148 31.08 -13.09 -46.71
C GLU G 148 32.55 -12.78 -47.04
N ALA G 149 33.42 -12.83 -46.03
CA ALA G 149 34.86 -12.62 -46.21
C ALA G 149 35.48 -13.76 -46.99
N ARG G 150 35.10 -15.00 -46.62
CA ARG G 150 35.56 -16.21 -47.32
C ARG G 150 35.25 -16.15 -48.83
N ALA G 151 34.02 -15.76 -49.17
CA ALA G 151 33.59 -15.60 -50.57
C ALA G 151 34.39 -14.52 -51.32
N LYS G 152 34.85 -13.50 -50.59
CA LYS G 152 35.69 -12.44 -51.17
C LYS G 152 37.21 -12.73 -51.06
N GLY G 153 37.57 -13.99 -50.77
CA GLY G 153 38.97 -14.42 -50.67
C GLY G 153 39.79 -13.85 -49.52
N GLU G 154 39.12 -13.42 -48.45
CA GLU G 154 39.81 -12.77 -47.33
C GLU G 154 40.35 -13.74 -46.30
N ILE G 155 39.98 -15.02 -46.40
CA ILE G 155 40.39 -15.99 -45.37
C ILE G 155 41.14 -17.18 -45.96
N LEU G 156 42.03 -17.75 -45.16
CA LEU G 156 42.81 -18.95 -45.52
C LEU G 156 41.93 -20.13 -45.96
N PRO G 157 42.42 -20.93 -46.95
CA PRO G 157 41.62 -21.96 -47.64
C PRO G 157 40.79 -22.96 -46.80
N HIS G 158 41.31 -23.44 -45.69
CA HIS G 158 40.59 -24.48 -44.92
C HIS G 158 40.14 -24.04 -43.53
N ALA G 159 39.84 -22.75 -43.39
CA ALA G 159 39.38 -22.18 -42.12
C ALA G 159 38.03 -22.76 -41.69
N ASP G 160 37.85 -22.88 -40.38
CA ASP G 160 36.58 -23.27 -39.81
C ASP G 160 35.80 -22.02 -39.36
N VAL G 161 34.92 -21.59 -40.24
CA VAL G 161 34.07 -20.40 -40.08
C VAL G 161 33.11 -20.43 -38.86
N GLU G 162 32.50 -21.58 -38.60
CA GLU G 162 31.67 -21.76 -37.41
C GLU G 162 32.48 -21.70 -36.10
N ALA G 163 33.57 -22.45 -36.05
CA ALA G 163 34.50 -22.45 -34.90
C ALA G 163 35.08 -21.08 -34.61
N LEU G 164 35.51 -20.38 -35.66
CA LEU G 164 36.00 -19.01 -35.56
C LEU G 164 34.97 -18.03 -34.99
N ALA G 165 33.73 -18.12 -35.49
CA ALA G 165 32.63 -17.30 -34.98
C ALA G 165 32.42 -17.49 -33.47
N LYS G 166 32.42 -18.75 -33.01
CA LYS G 166 32.28 -19.10 -31.58
C LYS G 166 33.46 -18.56 -30.77
N LEU G 167 34.66 -18.72 -31.35
CA LEU G 167 35.88 -18.19 -30.73
C LEU G 167 35.83 -16.67 -30.55
N PHE G 168 35.44 -15.95 -31.60
CA PHE G 168 35.39 -14.48 -31.52
C PHE G 168 34.36 -13.96 -30.51
N VAL G 169 33.16 -14.54 -30.55
CA VAL G 169 32.08 -14.19 -29.61
C VAL G 169 32.51 -14.48 -28.16
N GLY G 170 33.02 -15.69 -27.91
CA GLY G 170 33.51 -16.09 -26.59
C GLY G 170 34.68 -15.23 -26.11
N ALA G 171 35.73 -15.08 -26.94
CA ALA G 171 36.88 -14.26 -26.58
C ALA G 171 36.54 -12.77 -26.38
N PHE G 172 35.66 -12.20 -27.22
CA PHE G 172 35.17 -10.81 -26.99
C PHE G 172 34.49 -10.68 -25.62
N THR G 173 33.58 -11.60 -25.32
CA THR G 173 32.88 -11.64 -24.04
C THR G 173 33.87 -11.61 -22.87
N GLY G 174 34.93 -12.42 -22.97
CA GLY G 174 35.92 -12.53 -21.91
C GLY G 174 36.80 -11.32 -21.73
N VAL G 175 37.28 -10.78 -22.84
CA VAL G 175 38.05 -9.55 -22.85
C VAL G 175 37.21 -8.42 -22.20
N GLN G 176 35.92 -8.35 -22.56
CA GLN G 176 34.95 -7.45 -21.93
C GLN G 176 34.87 -7.61 -20.39
N VAL G 177 34.68 -8.84 -19.92
CA VAL G 177 34.55 -9.16 -18.48
C VAL G 177 35.82 -8.79 -17.72
N LEU G 178 36.97 -9.26 -18.21
CA LEU G 178 38.28 -8.87 -17.64
C LEU G 178 38.45 -7.35 -17.59
N SER G 179 38.14 -6.65 -18.69
CA SER G 179 38.27 -5.18 -18.76
C SER G 179 37.36 -4.43 -17.78
N ARG G 180 36.12 -4.89 -17.66
CA ARG G 180 35.15 -4.45 -16.65
C ARG G 180 35.70 -4.56 -15.22
N ILE G 181 36.17 -5.75 -14.85
CA ILE G 181 36.69 -6.02 -13.51
C ILE G 181 37.93 -5.16 -13.21
N MET G 182 38.87 -5.12 -14.16
CA MET G 182 40.19 -4.55 -13.93
C MET G 182 40.29 -3.05 -14.14
N THR G 183 39.50 -2.50 -15.05
CA THR G 183 39.62 -1.06 -15.37
C THR G 183 38.28 -0.34 -15.53
N GLY G 184 37.17 -1.05 -15.35
CA GLY G 184 35.84 -0.51 -15.62
C GLY G 184 35.66 -0.18 -17.09
N ARG G 185 36.26 -1.01 -17.96
CA ARG G 185 36.20 -0.91 -19.43
C ARG G 185 37.04 0.23 -20.07
N ALA G 186 37.85 0.92 -19.25
CA ALA G 186 38.72 2.03 -19.72
C ALA G 186 39.73 1.61 -20.79
N ASP G 187 40.28 0.39 -20.63
CA ASP G 187 41.22 -0.23 -21.57
C ASP G 187 40.59 -1.19 -22.60
N LEU G 188 39.25 -1.23 -22.65
CA LEU G 188 38.52 -2.20 -23.49
C LEU G 188 38.86 -2.14 -24.97
N ALA G 189 38.88 -0.93 -25.56
CA ALA G 189 39.30 -0.76 -26.97
C ALA G 189 40.67 -1.40 -27.29
N GLU G 190 41.65 -1.15 -26.42
CA GLU G 190 43.02 -1.67 -26.54
C GLU G 190 43.06 -3.21 -26.49
N ARG G 191 42.36 -3.77 -25.51
CA ARG G 191 42.23 -5.22 -25.33
C ARG G 191 41.54 -5.91 -26.50
N VAL G 192 40.51 -5.25 -27.05
CA VAL G 192 39.76 -5.73 -28.22
C VAL G 192 40.66 -5.68 -29.49
N ALA G 193 41.37 -4.57 -29.68
CA ALA G 193 42.36 -4.46 -30.76
C ALA G 193 43.43 -5.55 -30.65
N ASP G 194 43.96 -5.77 -29.44
CA ASP G 194 44.90 -6.88 -29.14
C ASP G 194 44.32 -8.24 -29.50
N LEU G 195 43.07 -8.48 -29.12
CA LEU G 195 42.36 -9.70 -29.47
C LEU G 195 42.35 -9.95 -31.00
N TYR G 196 41.97 -8.92 -31.76
CA TYR G 196 41.89 -9.02 -33.21
C TYR G 196 43.26 -9.17 -33.86
N ARG G 197 44.23 -8.37 -33.41
CA ARG G 197 45.63 -8.50 -33.86
C ARG G 197 46.22 -9.91 -33.65
N HIS G 198 45.80 -10.60 -32.59
CA HIS G 198 46.36 -11.91 -32.24
C HIS G 198 45.55 -13.10 -32.76
N LEU G 199 44.28 -12.87 -33.11
CA LEU G 199 43.47 -13.90 -33.75
C LEU G 199 43.55 -13.90 -35.27
N MET G 200 43.58 -12.73 -35.88
CA MET G 200 43.63 -12.70 -37.36
C MET G 200 44.76 -13.45 -38.10
N PRO G 201 46.00 -13.47 -37.55
CA PRO G 201 47.06 -14.29 -38.16
C PRO G 201 46.72 -15.76 -38.43
N SER G 202 45.90 -16.37 -37.57
CA SER G 202 45.50 -17.77 -37.72
C SER G 202 44.57 -18.06 -38.91
N PHE G 203 43.87 -17.06 -39.44
CA PHE G 203 42.88 -17.35 -40.49
C PHE G 203 42.78 -16.35 -41.66
N ALA G 204 43.22 -15.12 -41.44
CA ALA G 204 43.16 -14.09 -42.47
C ALA G 204 44.23 -14.30 -43.53
N MET G 205 43.81 -14.35 -44.78
CA MET G 205 44.72 -14.44 -45.93
C MET G 205 45.79 -13.34 -45.78
N PRO G 206 47.10 -13.71 -45.82
CA PRO G 206 48.12 -12.75 -45.35
C PRO G 206 48.18 -11.43 -46.13
N GLY G 207 47.74 -11.45 -47.39
CA GLY G 207 47.64 -10.24 -48.22
C GLY G 207 46.70 -9.19 -47.63
N ILE G 208 45.68 -9.65 -46.90
CA ILE G 208 44.72 -8.79 -46.19
C ILE G 208 45.30 -8.27 -44.88
N LEU G 209 46.14 -9.10 -44.22
CA LEU G 209 46.71 -8.79 -42.90
C LEU G 209 47.48 -7.47 -42.84
N VAL G 210 48.26 -7.20 -43.89
CA VAL G 210 49.03 -5.95 -44.02
C VAL G 210 48.16 -4.74 -44.31
N ARG G 211 46.87 -4.98 -44.57
CA ARG G 211 45.94 -3.91 -44.91
C ARG G 211 44.99 -3.54 -43.77
N LEU G 212 44.86 -4.43 -42.78
CA LEU G 212 43.98 -4.20 -41.63
C LEU G 212 44.48 -3.06 -40.74
N ASP G 213 43.54 -2.21 -40.34
CA ASP G 213 43.84 -1.05 -39.53
C ASP G 213 43.18 -1.23 -38.15
N PHE G 214 44.04 -1.46 -37.16
CA PHE G 214 43.65 -1.69 -35.75
C PHE G 214 43.66 -0.42 -34.87
N SER G 215 43.98 0.73 -35.47
CA SER G 215 44.29 1.95 -34.70
C SER G 215 43.07 2.61 -34.02
N PRO G 216 43.30 3.23 -32.83
CA PRO G 216 42.25 3.99 -32.14
C PRO G 216 41.73 5.19 -32.93
N GLU G 217 42.58 5.75 -33.80
CA GLU G 217 42.17 6.85 -34.68
C GLU G 217 41.08 6.45 -35.68
N ARG G 218 41.23 5.28 -36.31
CA ARG G 218 40.16 4.74 -37.17
C ARG G 218 38.92 4.38 -36.33
N GLY G 219 39.16 3.71 -35.19
CA GLY G 219 38.10 3.40 -34.21
C GLY G 219 37.26 4.63 -33.85
N SER G 220 37.95 5.73 -33.56
CA SER G 220 37.31 7.02 -33.27
C SER G 220 36.51 7.60 -34.43
N ARG G 221 37.00 7.42 -35.66
CA ARG G 221 36.28 7.84 -36.87
C ARG G 221 35.01 7.02 -37.10
N VAL G 222 35.10 5.71 -36.88
CA VAL G 222 33.96 4.80 -37.02
C VAL G 222 32.87 5.18 -36.00
N TYR G 223 33.28 5.44 -34.75
CA TYR G 223 32.35 5.84 -33.70
C TYR G 223 31.63 7.15 -34.04
N GLU G 224 32.38 8.17 -34.47
CA GLU G 224 31.81 9.47 -34.85
C GLU G 224 30.81 9.37 -36.02
N ALA G 225 31.17 8.58 -37.04
CA ALA G 225 30.31 8.35 -38.22
C ALA G 225 28.99 7.67 -37.86
N ALA G 226 29.05 6.74 -36.91
CA ALA G 226 27.88 5.97 -36.46
C ALA G 226 26.91 6.82 -35.63
N MET G 227 27.45 7.77 -34.87
CA MET G 227 26.65 8.73 -34.11
C MET G 227 25.89 9.70 -35.02
N LYS G 228 26.47 10.00 -36.19
CA LYS G 228 25.83 10.79 -37.24
C LYS G 228 24.81 9.96 -38.02
N ARG H 17 -11.72 12.70 -40.37
CA ARG H 17 -10.48 12.54 -41.19
C ARG H 17 -9.61 13.79 -41.05
N ALA H 18 -10.23 14.96 -41.23
CA ALA H 18 -9.58 16.26 -41.05
C ALA H 18 -8.94 16.44 -39.67
N ILE H 19 -9.70 16.12 -38.62
CA ILE H 19 -9.23 16.19 -37.21
C ILE H 19 -7.98 15.31 -37.01
N ARG H 20 -8.08 14.05 -37.44
CA ARG H 20 -7.03 13.05 -37.27
C ARG H 20 -5.74 13.43 -38.01
N THR H 21 -5.88 13.93 -39.24
CA THR H 21 -4.76 14.36 -40.07
C THR H 21 -4.06 15.59 -39.47
N ARG H 22 -4.84 16.54 -38.94
CA ARG H 22 -4.29 17.70 -38.26
C ARG H 22 -3.43 17.26 -37.07
N GLN H 23 -3.95 16.37 -36.23
CA GLN H 23 -3.21 15.89 -35.05
C GLN H 23 -1.91 15.19 -35.41
N THR H 24 -1.97 14.34 -36.45
CA THR H 24 -0.80 13.65 -37.01
C THR H 24 0.30 14.63 -37.43
N ILE H 25 -0.10 15.71 -38.10
CA ILE H 25 0.82 16.75 -38.52
C ILE H 25 1.42 17.46 -37.30
N LEU H 26 0.57 17.76 -36.33
CA LEU H 26 0.93 18.45 -35.09
C LEU H 26 1.92 17.67 -34.23
N VAL H 27 1.68 16.36 -34.09
CA VAL H 27 2.58 15.45 -33.35
C VAL H 27 3.96 15.43 -34.05
N ALA H 28 3.95 15.27 -35.38
CA ALA H 28 5.19 15.25 -36.17
C ALA H 28 5.96 16.57 -36.10
N ALA H 29 5.27 17.69 -36.33
CA ALA H 29 5.89 19.03 -36.23
C ALA H 29 6.50 19.28 -34.85
N ALA H 30 5.75 18.94 -33.81
CA ALA H 30 6.19 19.08 -32.42
C ALA H 30 7.48 18.32 -32.13
N GLU H 31 7.57 17.09 -32.66
CA GLU H 31 8.75 16.25 -32.51
C GLU H 31 9.95 16.86 -33.24
N VAL H 32 9.74 17.24 -34.51
CA VAL H 32 10.76 17.89 -35.32
C VAL H 32 11.30 19.16 -34.63
N PHE H 33 10.37 20.03 -34.18
CA PHE H 33 10.75 21.28 -33.50
C PHE H 33 11.51 20.99 -32.21
N ASP H 34 11.06 19.99 -31.45
CA ASP H 34 11.73 19.56 -30.23
C ASP H 34 13.17 19.10 -30.47
N GLU H 35 13.36 18.28 -31.50
CA GLU H 35 14.68 17.76 -31.89
C GLU H 35 15.65 18.84 -32.36
N VAL H 36 15.20 19.67 -33.30
CA VAL H 36 16.13 20.48 -34.07
C VAL H 36 15.92 22.01 -33.95
N GLY H 37 14.84 22.41 -33.29
CA GLY H 37 14.48 23.83 -33.14
C GLY H 37 13.69 24.31 -34.35
N TYR H 38 13.15 25.52 -34.26
CA TYR H 38 12.33 26.11 -35.32
C TYR H 38 13.09 26.38 -36.63
N GLU H 39 14.18 27.14 -36.55
CA GLU H 39 14.96 27.56 -37.73
C GLU H 39 15.45 26.39 -38.59
N ALA H 40 16.04 25.38 -37.96
CA ALA H 40 16.60 24.23 -38.67
C ALA H 40 15.55 23.24 -39.20
N ALA H 41 14.35 23.25 -38.60
CA ALA H 41 13.24 22.41 -39.07
C ALA H 41 12.79 22.80 -40.47
N THR H 42 12.39 21.80 -41.26
CA THR H 42 11.83 22.02 -42.61
C THR H 42 10.45 21.36 -42.76
N ILE H 43 9.68 21.80 -43.75
CA ILE H 43 8.41 21.15 -44.10
C ILE H 43 8.66 19.70 -44.54
N SER H 44 9.74 19.50 -45.31
CA SER H 44 10.21 18.16 -45.69
C SER H 44 10.42 17.19 -44.51
N ASP H 45 11.01 17.69 -43.42
CA ASP H 45 11.15 16.93 -42.16
C ASP H 45 9.79 16.50 -41.57
N VAL H 46 8.82 17.42 -41.61
CA VAL H 46 7.47 17.17 -41.06
C VAL H 46 6.71 16.14 -41.89
N LEU H 47 6.81 16.25 -43.22
CA LEU H 47 6.17 15.30 -44.15
C LEU H 47 6.72 13.89 -44.01
N LYS H 48 8.05 13.78 -43.87
CA LYS H 48 8.71 12.51 -43.63
C LYS H 48 8.27 11.90 -42.29
N ARG H 49 8.24 12.70 -41.23
CA ARG H 49 7.84 12.24 -39.90
C ARG H 49 6.35 11.85 -39.83
N SER H 50 5.48 12.68 -40.40
CA SER H 50 4.03 12.47 -40.36
C SER H 50 3.52 11.41 -41.31
N GLY H 51 4.11 11.34 -42.50
CA GLY H 51 3.66 10.45 -43.55
C GLY H 51 2.48 10.95 -44.36
N VAL H 52 2.18 12.24 -44.26
CA VAL H 52 1.12 12.85 -45.08
C VAL H 52 1.72 13.40 -46.38
N THR H 53 0.86 13.55 -47.39
CA THR H 53 1.21 14.24 -48.64
C THR H 53 1.41 15.74 -48.37
N LYS H 54 2.15 16.40 -49.28
CA LYS H 54 2.30 17.86 -49.30
C LYS H 54 0.94 18.57 -49.21
N GLY H 55 -0.01 18.12 -50.05
CA GLY H 55 -1.34 18.68 -50.16
C GLY H 55 -2.10 18.63 -48.86
N ALA H 56 -2.05 17.48 -48.18
CA ALA H 56 -2.68 17.32 -46.87
C ALA H 56 -2.11 18.30 -45.83
N LEU H 57 -0.78 18.49 -45.82
CA LEU H 57 -0.13 19.45 -44.93
C LEU H 57 -0.61 20.88 -45.19
N TYR H 58 -0.56 21.30 -46.45
CA TYR H 58 -0.95 22.65 -46.81
C TYR H 58 -2.46 22.93 -46.77
N PHE H 59 -3.26 21.87 -46.67
CA PHE H 59 -4.69 21.94 -46.39
C PHE H 59 -4.92 22.46 -44.97
N HIS H 60 -4.01 22.08 -44.07
CA HIS H 60 -4.10 22.43 -42.66
C HIS H 60 -3.23 23.61 -42.23
N PHE H 61 -2.06 23.72 -42.84
CA PHE H 61 -1.07 24.73 -42.44
C PHE H 61 -0.49 25.40 -43.67
N THR H 62 -0.46 26.74 -43.66
CA THR H 62 -0.03 27.54 -44.82
C THR H 62 1.50 27.69 -44.96
N SER H 63 2.23 27.53 -43.86
CA SER H 63 3.69 27.74 -43.80
C SER H 63 4.29 27.06 -42.57
N LYS H 64 5.63 26.98 -42.52
CA LYS H 64 6.33 26.50 -41.34
C LYS H 64 6.03 27.39 -40.12
N GLN H 65 6.04 28.71 -40.34
CA GLN H 65 5.69 29.70 -39.33
C GLN H 65 4.31 29.43 -38.73
N GLU H 66 3.33 29.21 -39.60
CA GLU H 66 1.96 28.99 -39.17
C GLU H 66 1.80 27.68 -38.40
N LEU H 67 2.51 26.64 -38.86
CA LEU H 67 2.57 25.35 -38.17
C LEU H 67 3.18 25.49 -36.77
N ALA H 68 4.33 26.18 -36.69
CA ALA H 68 5.00 26.47 -35.42
C ALA H 68 4.07 27.20 -34.46
N GLN H 69 3.43 28.24 -34.99
CA GLN H 69 2.48 29.05 -34.24
C GLN H 69 1.32 28.21 -33.70
N ALA H 70 0.86 27.26 -34.52
CA ALA H 70 -0.21 26.35 -34.12
C ALA H 70 0.23 25.40 -33.00
N VAL H 71 1.47 24.90 -33.09
CA VAL H 71 2.09 24.09 -32.03
C VAL H 71 2.17 24.88 -30.73
N LEU H 72 2.62 26.13 -30.80
CA LEU H 72 2.57 27.08 -29.66
C LEU H 72 1.17 27.25 -29.06
N ALA H 73 0.18 27.42 -29.93
CA ALA H 73 -1.23 27.61 -29.53
C ALA H 73 -1.88 26.39 -28.88
N GLU H 74 -1.33 25.20 -29.13
CA GLU H 74 -1.89 23.93 -28.63
C GLU H 74 -1.41 23.52 -27.24
N GLN H 75 -0.56 24.34 -26.64
CA GLN H 75 0.15 23.98 -25.42
C GLN H 75 -0.79 23.66 -24.25
N VAL H 76 -1.76 24.54 -23.99
CA VAL H 76 -2.65 24.40 -22.82
C VAL H 76 -3.69 23.30 -23.04
N ALA H 77 -4.23 23.20 -24.26
CA ALA H 77 -5.12 22.08 -24.66
C ALA H 77 -4.50 20.68 -24.55
N SER H 78 -3.16 20.62 -24.61
CA SER H 78 -2.44 19.37 -24.53
C SER H 78 -2.45 18.68 -23.16
N LEU H 79 -2.74 19.40 -22.08
CA LEU H 79 -2.91 18.72 -20.79
C LEU H 79 -4.36 18.24 -20.59
N PRO H 80 -4.54 16.93 -20.32
CA PRO H 80 -5.88 16.38 -20.09
C PRO H 80 -6.56 17.05 -18.91
N ARG H 81 -7.90 17.10 -18.96
CA ARG H 81 -8.71 17.65 -17.87
C ARG H 81 -8.67 16.77 -16.62
N VAL H 82 -7.92 17.23 -15.62
CA VAL H 82 -7.87 16.64 -14.28
C VAL H 82 -9.28 16.68 -13.68
N PRO H 83 -9.77 15.56 -13.09
CA PRO H 83 -11.13 15.50 -12.53
C PRO H 83 -11.49 16.61 -11.55
N GLU H 84 -12.71 17.12 -11.69
CA GLU H 84 -13.37 18.00 -10.72
C GLU H 84 -13.23 17.39 -9.31
N GLN H 85 -12.64 18.15 -8.40
CA GLN H 85 -12.33 17.67 -7.05
C GLN H 85 -12.65 18.71 -5.98
N GLU H 86 -12.44 18.33 -4.71
CA GLU H 86 -12.72 19.16 -3.54
C GLU H 86 -12.04 20.52 -3.59
N LEU H 87 -10.71 20.51 -3.69
CA LEU H 87 -9.91 21.72 -3.55
C LEU H 87 -9.30 22.13 -4.87
N LYS H 88 -9.50 23.39 -5.21
CA LYS H 88 -8.98 23.99 -6.43
C LYS H 88 -7.46 24.11 -6.43
N LEU H 89 -6.89 24.33 -5.24
CA LEU H 89 -5.44 24.35 -5.08
C LEU H 89 -4.84 22.95 -5.23
N GLN H 90 -5.59 21.91 -4.83
CA GLN H 90 -5.21 20.52 -5.13
C GLN H 90 -5.24 20.25 -6.63
N GLN H 91 -6.25 20.79 -7.31
CA GLN H 91 -6.36 20.66 -8.76
C GLN H 91 -5.14 21.27 -9.47
N SER H 92 -4.69 22.44 -8.97
CA SER H 92 -3.51 23.09 -9.52
C SER H 92 -2.26 22.26 -9.33
N LEU H 93 -2.11 21.69 -8.13
CA LEU H 93 -0.97 20.83 -7.82
C LEU H 93 -0.98 19.58 -8.72
N ASP H 94 -2.17 18.99 -8.88
CA ASP H 94 -2.39 17.81 -9.72
C ASP H 94 -2.00 18.10 -11.17
N GLU H 95 -2.40 19.28 -11.67
CA GLU H 95 -2.06 19.73 -13.02
C GLU H 95 -0.58 19.93 -13.23
N ALA H 96 0.06 20.65 -12.30
CA ALA H 96 1.50 20.94 -12.39
C ALA H 96 2.33 19.67 -12.40
N LEU H 97 1.98 18.72 -11.54
CA LEU H 97 2.66 17.42 -11.48
C LEU H 97 2.40 16.56 -12.72
N LEU H 98 1.18 16.60 -13.24
CA LEU H 98 0.82 15.94 -14.51
C LEU H 98 1.60 16.52 -15.69
N LEU H 99 1.67 17.84 -15.76
CA LEU H 99 2.45 18.48 -16.82
C LEU H 99 3.93 18.07 -16.76
N ALA H 100 4.47 17.92 -15.55
CA ALA H 100 5.81 17.38 -15.33
C ALA H 100 5.97 15.99 -15.94
N HIS H 101 5.04 15.07 -15.64
CA HIS H 101 5.09 13.71 -16.22
C HIS H 101 4.99 13.71 -17.76
N LEU H 102 4.16 14.62 -18.28
CA LEU H 102 3.94 14.73 -19.74
C LEU H 102 5.10 15.36 -20.51
N LEU H 103 5.99 16.06 -19.81
CA LEU H 103 7.15 16.68 -20.44
C LEU H 103 8.36 15.75 -20.57
N ARG H 104 8.26 14.55 -20.02
CA ARG H 104 9.33 13.55 -20.08
C ARG H 104 9.54 13.03 -21.51
N GLU H 105 10.75 13.26 -22.03
CA GLU H 105 11.18 12.81 -23.37
C GLU H 105 11.06 11.29 -23.53
N GLY H 106 10.56 10.86 -24.68
CA GLY H 106 10.34 9.43 -24.98
C GLY H 106 8.98 8.90 -24.58
N THR H 107 8.23 9.69 -23.82
CA THR H 107 6.90 9.30 -23.32
C THR H 107 6.05 10.58 -23.17
N GLY H 108 5.01 10.54 -22.32
CA GLY H 108 4.18 11.72 -22.06
C GLY H 108 3.43 12.21 -23.27
N ASP H 109 3.50 13.54 -23.50
CA ASP H 109 2.81 14.20 -24.62
C ASP H 109 3.83 14.89 -25.54
N PRO H 110 3.98 14.40 -26.79
CA PRO H 110 4.98 15.00 -27.70
C PRO H 110 4.68 16.44 -28.13
N ILE H 111 3.40 16.81 -28.17
CA ILE H 111 3.02 18.18 -28.54
C ILE H 111 3.46 19.21 -27.50
N VAL H 112 3.16 19.00 -26.21
CA VAL H 112 3.61 19.97 -25.17
C VAL H 112 5.11 20.14 -25.15
N GLN H 113 5.84 19.04 -25.33
CA GLN H 113 7.31 19.05 -25.30
C GLN H 113 7.87 19.94 -26.39
N GLY H 114 7.42 19.71 -27.63
CA GLY H 114 7.78 20.55 -28.77
C GLY H 114 7.38 22.01 -28.59
N SER H 115 6.16 22.23 -28.08
CA SER H 115 5.61 23.58 -27.88
C SER H 115 6.39 24.38 -26.83
N VAL H 116 6.76 23.71 -25.74
CA VAL H 116 7.58 24.28 -24.68
C VAL H 116 8.97 24.67 -25.24
N ARG H 117 9.59 23.77 -26.01
CA ARG H 117 10.85 24.10 -26.70
C ARG H 117 10.74 25.38 -27.54
N LEU H 118 9.72 25.47 -28.40
CA LEU H 118 9.42 26.67 -29.19
C LEU H 118 9.23 27.93 -28.35
N THR H 119 8.59 27.77 -27.18
CA THR H 119 8.25 28.89 -26.30
C THR H 119 9.52 29.43 -25.64
N VAL H 120 10.37 28.50 -25.19
CA VAL H 120 11.51 28.84 -24.35
C VAL H 120 12.73 29.30 -25.15
N ASP H 121 12.95 28.69 -26.32
CA ASP H 121 13.97 29.17 -27.29
C ASP H 121 13.64 30.59 -27.71
N GLN H 122 14.61 31.49 -27.48
CA GLN H 122 14.44 32.93 -27.74
C GLN H 122 14.10 33.20 -29.21
N GLY H 123 14.69 32.40 -30.10
CA GLY H 123 14.54 32.57 -31.53
C GLY H 123 15.04 33.93 -31.98
N SER H 124 14.29 34.54 -32.89
CA SER H 124 14.59 35.88 -33.39
C SER H 124 13.29 36.64 -33.56
N PRO H 125 13.31 37.99 -33.42
CA PRO H 125 12.16 38.76 -33.89
C PRO H 125 11.85 38.56 -35.39
N ARG H 126 12.89 38.26 -36.17
CA ARG H 126 12.77 37.94 -37.59
C ARG H 126 11.90 36.69 -37.89
N ASP H 127 11.72 35.81 -36.90
CA ASP H 127 10.89 34.61 -37.11
C ASP H 127 9.37 34.85 -37.02
N HIS H 128 9.00 36.00 -36.45
CA HIS H 128 7.60 36.45 -36.26
C HIS H 128 6.63 35.51 -35.51
N LEU H 129 7.20 34.56 -34.78
CA LEU H 129 6.47 33.69 -33.86
C LEU H 129 6.00 34.49 -32.65
N ASN H 130 4.76 34.23 -32.21
CA ASN H 130 4.22 34.83 -31.00
C ASN H 130 4.25 33.83 -29.86
N ARG H 131 5.31 33.92 -29.07
CA ARG H 131 5.53 33.06 -27.92
C ARG H 131 4.69 33.46 -26.71
N ARG H 132 4.14 34.69 -26.76
CA ARG H 132 3.23 35.19 -25.73
C ARG H 132 1.92 34.40 -25.65
N VAL H 133 1.50 33.82 -26.78
CA VAL H 133 0.25 33.02 -26.86
C VAL H 133 0.14 31.90 -25.79
N PRO H 134 1.11 30.94 -25.74
CA PRO H 134 1.02 29.90 -24.68
C PRO H 134 1.24 30.45 -23.25
N MET H 135 2.15 31.42 -23.12
CA MET H 135 2.41 32.02 -21.81
C MET H 135 1.20 32.77 -21.24
N GLN H 136 0.55 33.57 -22.07
CA GLN H 136 -0.71 34.23 -21.67
C GLN H 136 -1.79 33.20 -21.31
N ALA H 137 -1.87 32.11 -22.11
CA ALA H 137 -2.88 31.07 -21.90
C ALA H 137 -2.65 30.31 -20.57
N TRP H 138 -1.40 29.98 -20.25
CA TRP H 138 -1.06 29.39 -18.94
C TRP H 138 -1.36 30.34 -17.74
N THR H 139 -1.03 31.60 -17.94
CA THR H 139 -1.28 32.66 -16.92
C THR H 139 -2.76 32.79 -16.60
N GLU H 140 -3.59 32.89 -17.65
CA GLU H 140 -5.05 32.94 -17.51
C GLU H 140 -5.62 31.67 -16.87
N HIS H 141 -5.17 30.50 -17.34
CA HIS H 141 -5.53 29.20 -16.77
C HIS H 141 -5.29 29.15 -15.24
N THR H 142 -4.09 29.54 -14.82
CA THR H 142 -3.67 29.49 -13.42
C THR H 142 -4.41 30.54 -12.59
N GLN H 143 -4.52 31.75 -13.14
CA GLN H 143 -5.28 32.84 -12.49
C GLN H 143 -6.74 32.45 -12.26
N SER H 144 -7.32 31.78 -13.28
CA SER H 144 -8.68 31.25 -13.19
C SER H 144 -8.86 30.23 -12.08
N LEU H 145 -7.93 29.26 -11.99
CA LEU H 145 -7.93 28.30 -10.88
C LEU H 145 -7.83 28.98 -9.51
N PHE H 146 -6.91 29.94 -9.40
CA PHE H 146 -6.74 30.68 -8.13
C PHE H 146 -8.00 31.52 -7.77
N GLU H 147 -8.66 32.09 -8.78
CA GLU H 147 -9.91 32.86 -8.55
C GLU H 147 -11.05 31.97 -8.03
N GLU H 148 -11.14 30.76 -8.58
CA GLU H 148 -12.08 29.74 -8.11
C GLU H 148 -11.74 29.31 -6.68
N ALA H 149 -10.44 29.13 -6.40
CA ALA H 149 -9.95 28.78 -5.06
C ALA H 149 -10.31 29.84 -4.02
N ARG H 150 -10.05 31.10 -4.37
CA ARG H 150 -10.42 32.26 -3.53
C ARG H 150 -11.92 32.26 -3.21
N ALA H 151 -12.76 32.07 -4.23
CA ALA H 151 -14.21 32.01 -4.04
C ALA H 151 -14.64 30.87 -3.10
N LYS H 152 -13.85 29.80 -3.09
CA LYS H 152 -14.12 28.65 -2.22
C LYS H 152 -13.41 28.69 -0.85
N GLY H 153 -12.90 29.87 -0.48
CA GLY H 153 -12.24 30.10 0.81
C GLY H 153 -10.87 29.49 1.02
N GLU H 154 -10.18 29.14 -0.07
CA GLU H 154 -8.91 28.39 -0.01
C GLU H 154 -7.70 29.30 0.13
N ILE H 155 -7.89 30.60 -0.11
CA ILE H 155 -6.79 31.54 -0.24
C ILE H 155 -6.86 32.62 0.84
N LEU H 156 -5.69 33.05 1.32
CA LEU H 156 -5.54 34.09 2.33
C LEU H 156 -6.19 35.42 1.92
N PRO H 157 -6.72 36.18 2.90
CA PRO H 157 -7.17 37.54 2.59
C PRO H 157 -6.04 38.35 1.95
N HIS H 158 -6.40 39.16 0.96
CA HIS H 158 -5.47 40.12 0.29
C HIS H 158 -4.43 39.51 -0.63
N ALA H 159 -4.61 38.24 -1.01
CA ALA H 159 -3.67 37.59 -1.95
C ALA H 159 -3.81 38.19 -3.34
N ASP H 160 -2.68 38.35 -4.01
CA ASP H 160 -2.62 38.88 -5.36
C ASP H 160 -2.64 37.72 -6.36
N VAL H 161 -3.84 37.39 -6.79
CA VAL H 161 -4.15 36.30 -7.70
C VAL H 161 -3.45 36.45 -9.08
N GLU H 162 -3.43 37.67 -9.62
CA GLU H 162 -2.70 37.96 -10.86
C GLU H 162 -1.18 37.75 -10.72
N ALA H 163 -0.58 38.32 -9.68
CA ALA H 163 0.88 38.19 -9.47
C ALA H 163 1.24 36.73 -9.19
N LEU H 164 0.36 36.04 -8.47
CA LEU H 164 0.57 34.64 -8.14
C LEU H 164 0.56 33.76 -9.39
N ALA H 165 -0.40 34.00 -10.29
CA ALA H 165 -0.46 33.29 -11.57
C ALA H 165 0.82 33.47 -12.38
N LYS H 166 1.27 34.72 -12.49
CA LYS H 166 2.52 35.05 -13.19
C LYS H 166 3.73 34.41 -12.51
N LEU H 167 3.70 34.33 -11.18
CA LEU H 167 4.79 33.68 -10.44
C LEU H 167 4.85 32.17 -10.69
N PHE H 168 3.72 31.50 -10.59
CA PHE H 168 3.64 30.05 -10.80
C PHE H 168 4.07 29.63 -12.20
N VAL H 169 3.56 30.35 -13.22
CA VAL H 169 3.91 30.08 -14.64
C VAL H 169 5.40 30.30 -14.85
N GLY H 170 5.91 31.45 -14.38
CA GLY H 170 7.35 31.76 -14.46
C GLY H 170 8.20 30.69 -13.80
N ALA H 171 7.94 30.46 -12.50
CA ALA H 171 8.68 29.46 -11.71
C ALA H 171 8.59 28.03 -12.27
N PHE H 172 7.39 27.61 -12.72
CA PHE H 172 7.27 26.28 -13.36
C PHE H 172 8.21 26.16 -14.57
N THR H 173 8.16 27.14 -15.47
CA THR H 173 8.99 27.19 -16.67
C THR H 173 10.45 27.04 -16.28
N GLY H 174 10.84 27.75 -15.22
CA GLY H 174 12.20 27.72 -14.73
C GLY H 174 12.66 26.40 -14.17
N VAL H 175 11.79 25.79 -13.36
CA VAL H 175 12.09 24.52 -12.74
C VAL H 175 12.20 23.45 -13.85
N GLN H 176 11.36 23.58 -14.88
CA GLN H 176 11.43 22.77 -16.09
C GLN H 176 12.79 22.94 -16.82
N VAL H 177 13.23 24.18 -17.03
CA VAL H 177 14.48 24.46 -17.75
C VAL H 177 15.64 23.83 -16.98
N LEU H 178 15.71 24.06 -15.67
CA LEU H 178 16.79 23.48 -14.85
C LEU H 178 16.78 21.96 -14.83
N SER H 179 15.61 21.38 -14.62
CA SER H 179 15.43 19.92 -14.67
C SER H 179 15.85 19.30 -16.01
N ARG H 180 15.49 19.96 -17.12
CA ARG H 180 15.90 19.57 -18.47
C ARG H 180 17.44 19.49 -18.55
N ILE H 181 18.11 20.59 -18.20
CA ILE H 181 19.57 20.68 -18.21
C ILE H 181 20.23 19.62 -17.30
N MET H 182 19.75 19.51 -16.07
CA MET H 182 20.46 18.74 -15.05
C MET H 182 20.18 17.25 -15.06
N THR H 183 18.95 16.85 -15.41
CA THR H 183 18.56 15.44 -15.28
C THR H 183 17.79 14.87 -16.47
N GLY H 184 17.60 15.66 -17.52
CA GLY H 184 16.70 15.30 -18.61
C GLY H 184 15.23 15.23 -18.20
N ARG H 185 14.86 16.07 -17.22
CA ARG H 185 13.48 16.14 -16.67
C ARG H 185 13.05 14.95 -15.81
N ALA H 186 14.01 14.07 -15.51
CA ALA H 186 13.78 12.91 -14.64
C ALA H 186 13.35 13.32 -13.23
N ASP H 187 13.92 14.41 -12.70
CA ASP H 187 13.59 14.89 -11.36
C ASP H 187 12.47 15.97 -11.34
N LEU H 188 11.81 16.17 -12.50
CA LEU H 188 10.90 17.31 -12.66
C LEU H 188 9.67 17.29 -11.73
N ALA H 189 9.01 16.15 -11.61
CA ALA H 189 7.90 16.00 -10.65
C ALA H 189 8.31 16.38 -9.22
N GLU H 190 9.46 15.89 -8.75
CA GLU H 190 9.99 16.23 -7.42
C GLU H 190 10.27 17.73 -7.25
N ARG H 191 10.86 18.34 -8.28
CA ARG H 191 11.19 19.77 -8.26
C ARG H 191 9.92 20.64 -8.28
N VAL H 192 8.91 20.18 -9.02
CA VAL H 192 7.60 20.86 -9.10
C VAL H 192 6.84 20.72 -7.78
N ALA H 193 6.86 19.52 -7.20
CA ALA H 193 6.35 19.30 -5.83
C ALA H 193 7.01 20.28 -4.83
N ASP H 194 8.35 20.40 -4.88
CA ASP H 194 9.13 21.33 -4.05
C ASP H 194 8.71 22.79 -4.24
N LEU H 195 8.56 23.19 -5.49
CA LEU H 195 8.06 24.50 -5.84
C LEU H 195 6.70 24.80 -5.21
N TYR H 196 5.76 23.87 -5.37
CA TYR H 196 4.42 24.01 -4.80
C TYR H 196 4.44 24.03 -3.27
N ARG H 197 5.18 23.09 -2.67
CA ARG H 197 5.36 23.03 -1.20
C ARG H 197 5.93 24.31 -0.58
N HIS H 198 6.72 25.05 -1.35
CA HIS H 198 7.37 26.28 -0.87
C HIS H 198 6.65 27.58 -1.26
N LEU H 199 5.79 27.53 -2.29
CA LEU H 199 4.96 28.69 -2.69
C LEU H 199 3.63 28.77 -1.99
N MET H 200 3.01 27.61 -1.79
CA MET H 200 1.69 27.51 -1.15
C MET H 200 1.57 28.21 0.21
N PRO H 201 2.60 28.12 1.10
CA PRO H 201 2.47 28.77 2.42
C PRO H 201 2.22 30.28 2.40
N SER H 202 2.64 30.94 1.31
CA SER H 202 2.50 32.37 1.15
C SER H 202 1.08 32.85 0.79
N PHE H 203 0.18 31.95 0.39
CA PHE H 203 -1.16 32.37 -0.03
C PHE H 203 -2.34 31.43 0.27
N ALA H 204 -2.08 30.14 0.45
CA ALA H 204 -3.12 29.19 0.80
C ALA H 204 -3.55 29.39 2.26
N MET H 205 -4.86 29.40 2.50
CA MET H 205 -5.39 29.37 3.87
C MET H 205 -4.79 28.15 4.58
N PRO H 206 -4.25 28.35 5.80
CA PRO H 206 -3.48 27.31 6.51
C PRO H 206 -4.23 25.98 6.68
N GLY H 207 -5.55 26.04 6.83
CA GLY H 207 -6.40 24.85 6.87
C GLY H 207 -6.33 23.99 5.61
N ILE H 208 -6.00 24.62 4.48
CA ILE H 208 -5.85 23.92 3.20
C ILE H 208 -4.47 23.26 3.10
N LEU H 209 -3.45 23.94 3.61
CA LEU H 209 -2.06 23.43 3.63
C LEU H 209 -1.85 22.02 4.22
N VAL H 210 -2.59 21.68 5.27
CA VAL H 210 -2.46 20.35 5.90
C VAL H 210 -3.16 19.28 5.09
N ARG H 211 -4.05 19.69 4.18
CA ARG H 211 -4.85 18.77 3.38
C ARG H 211 -4.25 18.47 2.00
N LEU H 212 -3.31 19.31 1.55
CA LEU H 212 -2.69 19.12 0.24
C LEU H 212 -1.82 17.87 0.19
N ASP H 213 -1.95 17.14 -0.91
CA ASP H 213 -1.22 15.91 -1.14
C ASP H 213 -0.19 16.15 -2.24
N PHE H 214 1.06 16.26 -1.81
CA PHE H 214 2.22 16.50 -2.68
C PHE H 214 2.91 15.19 -3.09
N SER H 215 2.32 14.05 -2.73
CA SER H 215 2.99 12.75 -2.83
C SER H 215 3.25 12.27 -4.28
N PRO H 216 4.39 11.57 -4.49
CA PRO H 216 4.63 10.86 -5.76
C PRO H 216 3.52 9.87 -6.14
N GLU H 217 2.96 9.16 -5.16
CA GLU H 217 1.91 8.15 -5.42
C GLU H 217 0.61 8.72 -5.96
N ARG H 218 0.17 9.87 -5.44
CA ARG H 218 -0.97 10.57 -6.02
C ARG H 218 -0.63 11.05 -7.44
N GLY H 219 0.52 11.71 -7.59
CA GLY H 219 1.09 12.08 -8.88
C GLY H 219 0.98 10.98 -9.93
N SER H 220 1.38 9.77 -9.55
CA SER H 220 1.24 8.58 -10.40
C SER H 220 -0.19 8.23 -10.80
N ARG H 221 -1.12 8.23 -9.84
CA ARG H 221 -2.53 7.89 -10.07
C ARG H 221 -3.19 8.85 -11.05
N VAL H 222 -2.90 10.15 -10.88
CA VAL H 222 -3.44 11.21 -11.75
C VAL H 222 -2.94 10.99 -13.19
N TYR H 223 -1.64 10.71 -13.31
CA TYR H 223 -0.98 10.42 -14.58
C TYR H 223 -1.58 9.18 -15.27
N GLU H 224 -1.72 8.06 -14.52
CA GLU H 224 -2.44 6.85 -14.98
C GLU H 224 -3.83 7.19 -15.52
N ALA H 225 -4.61 7.92 -14.71
CA ALA H 225 -6.00 8.23 -15.03
C ALA H 225 -6.14 9.13 -16.26
N ALA H 226 -5.23 10.10 -16.39
CA ALA H 226 -5.30 11.07 -17.49
C ALA H 226 -5.01 10.44 -18.84
N MET H 227 -4.05 9.50 -18.87
CA MET H 227 -3.75 8.73 -20.08
C MET H 227 -4.83 7.69 -20.40
N LYS H 228 -5.64 7.36 -19.39
CA LYS H 228 -6.79 6.46 -19.54
C LYS H 228 -8.10 7.27 -19.61
#